data_2DAE
#
_entry.id   2DAE
#
_entity_poly.entity_id   1
_entity_poly.type   'polypeptide(L)'
_entity_poly.pdbx_seq_one_letter_code
;GSSGSSGQIDFQVLHDLRQKFPEVPEVVVSRCMLQNNNNLDACCAVLSQESTRYLYGEGDLNFSDDSGISGPSSG
;
_entity_poly.pdbx_strand_id   A
#
# COMPACT_ATOMS: atom_id res chain seq x y z
N GLY A 1 2.39 18.04 -10.19
CA GLY A 1 3.43 19.01 -9.91
C GLY A 1 4.23 18.62 -8.66
N SER A 2 5.06 17.60 -8.83
CA SER A 2 5.89 17.13 -7.72
C SER A 2 6.85 18.22 -7.28
N SER A 3 6.88 18.43 -5.96
CA SER A 3 7.75 19.45 -5.39
C SER A 3 8.96 18.78 -4.75
N GLY A 4 8.68 17.91 -3.79
CA GLY A 4 9.74 17.21 -3.07
C GLY A 4 10.49 16.26 -4.02
N SER A 5 11.57 15.69 -3.50
CA SER A 5 12.37 14.77 -4.28
C SER A 5 12.15 13.34 -3.80
N SER A 6 12.15 12.42 -4.76
CA SER A 6 11.94 11.02 -4.44
C SER A 6 13.09 10.50 -3.57
N GLY A 7 12.71 9.84 -2.48
CA GLY A 7 13.68 9.30 -1.56
C GLY A 7 13.82 7.78 -1.72
N GLN A 8 14.10 7.12 -0.61
CA GLN A 8 14.26 5.67 -0.63
C GLN A 8 13.14 5.02 0.19
N ILE A 9 12.71 3.85 -0.27
CA ILE A 9 11.67 3.12 0.41
C ILE A 9 11.91 3.17 1.92
N ASP A 10 10.80 3.24 2.66
CA ASP A 10 10.89 3.30 4.11
C ASP A 10 10.33 2.00 4.70
N PHE A 11 11.24 1.11 5.06
CA PHE A 11 10.85 -0.16 5.64
C PHE A 11 9.97 0.03 6.88
N GLN A 12 10.50 0.80 7.82
CA GLN A 12 9.78 1.08 9.05
C GLN A 12 8.32 1.42 8.74
N VAL A 13 8.13 2.15 7.65
CA VAL A 13 6.79 2.54 7.24
C VAL A 13 6.09 1.35 6.59
N LEU A 14 6.88 0.56 5.87
CA LEU A 14 6.34 -0.61 5.19
C LEU A 14 5.88 -1.63 6.23
N HIS A 15 6.79 -1.99 7.11
CA HIS A 15 6.49 -2.95 8.16
C HIS A 15 5.11 -2.64 8.74
N ASP A 16 4.95 -1.42 9.21
CA ASP A 16 3.69 -0.99 9.80
C ASP A 16 2.54 -1.43 8.88
N LEU A 17 2.78 -1.31 7.59
CA LEU A 17 1.78 -1.68 6.60
C LEU A 17 1.71 -3.21 6.50
N ARG A 18 2.88 -3.81 6.30
CA ARG A 18 2.97 -5.25 6.18
C ARG A 18 2.01 -5.92 7.17
N GLN A 19 1.92 -5.33 8.35
CA GLN A 19 1.06 -5.86 9.39
C GLN A 19 -0.41 -5.72 8.98
N LYS A 20 -0.76 -4.51 8.55
CA LYS A 20 -2.12 -4.23 8.13
C LYS A 20 -2.41 -5.00 6.85
N PHE A 21 -1.42 -5.06 5.97
CA PHE A 21 -1.57 -5.75 4.71
C PHE A 21 -0.44 -6.77 4.51
N PRO A 22 -0.49 -7.85 5.32
CA PRO A 22 0.51 -8.90 5.24
C PRO A 22 0.31 -9.77 3.99
N GLU A 23 -0.95 -10.00 3.68
CA GLU A 23 -1.29 -10.81 2.52
C GLU A 23 -0.82 -10.12 1.24
N VAL A 24 -1.01 -8.81 1.20
CA VAL A 24 -0.61 -8.04 0.04
C VAL A 24 0.89 -8.24 -0.21
N PRO A 25 1.25 -8.28 -1.52
CA PRO A 25 2.64 -8.47 -1.91
C PRO A 25 3.45 -7.18 -1.69
N GLU A 26 4.45 -7.28 -0.84
CA GLU A 26 5.30 -6.14 -0.55
C GLU A 26 5.73 -5.45 -1.84
N VAL A 27 6.31 -6.25 -2.74
CA VAL A 27 6.77 -5.72 -4.01
C VAL A 27 5.76 -4.70 -4.54
N VAL A 28 4.49 -5.07 -4.42
CA VAL A 28 3.42 -4.20 -4.88
C VAL A 28 3.32 -2.98 -3.95
N VAL A 29 3.31 -3.27 -2.65
CA VAL A 29 3.22 -2.22 -1.66
C VAL A 29 4.26 -1.13 -1.96
N SER A 30 5.50 -1.58 -2.09
CA SER A 30 6.60 -0.67 -2.38
C SER A 30 6.18 0.30 -3.48
N ARG A 31 5.89 -0.26 -4.65
CA ARG A 31 5.48 0.54 -5.78
C ARG A 31 4.50 1.63 -5.35
N CYS A 32 3.78 1.33 -4.28
CA CYS A 32 2.81 2.27 -3.74
C CYS A 32 3.56 3.35 -2.96
N MET A 33 4.37 2.89 -2.01
CA MET A 33 5.14 3.80 -1.19
C MET A 33 6.01 4.72 -2.05
N LEU A 34 6.75 4.11 -2.96
CA LEU A 34 7.62 4.86 -3.85
C LEU A 34 6.79 5.91 -4.59
N GLN A 35 5.48 5.70 -4.61
CA GLN A 35 4.59 6.62 -5.27
C GLN A 35 4.07 7.67 -4.28
N ASN A 36 3.97 7.25 -3.03
CA ASN A 36 3.50 8.14 -1.97
C ASN A 36 4.69 8.66 -1.18
N ASN A 37 5.84 8.67 -1.83
CA ASN A 37 7.07 9.14 -1.20
C ASN A 37 7.25 8.42 0.14
N ASN A 38 6.66 7.25 0.23
CA ASN A 38 6.75 6.46 1.44
C ASN A 38 5.86 7.08 2.52
N ASN A 39 4.63 6.57 2.60
CA ASN A 39 3.68 7.08 3.57
C ASN A 39 3.03 5.90 4.31
N LEU A 40 2.43 6.19 5.44
CA LEU A 40 1.77 5.17 6.23
C LEU A 40 0.29 5.10 5.84
N ASP A 41 -0.46 6.09 6.28
CA ASP A 41 -1.88 6.14 5.98
C ASP A 41 -2.07 6.29 4.47
N ALA A 42 -1.50 7.37 3.94
CA ALA A 42 -1.61 7.65 2.52
C ALA A 42 -1.45 6.33 1.74
N CYS A 43 -0.69 5.42 2.33
CA CYS A 43 -0.45 4.13 1.70
C CYS A 43 -1.57 3.18 2.13
N CYS A 44 -1.74 3.07 3.43
CA CYS A 44 -2.78 2.20 3.98
C CYS A 44 -4.05 2.38 3.15
N ALA A 45 -4.43 3.64 2.96
CA ALA A 45 -5.61 3.95 2.19
C ALA A 45 -5.51 3.30 0.80
N VAL A 46 -4.55 3.79 0.04
CA VAL A 46 -4.32 3.27 -1.31
C VAL A 46 -4.31 1.74 -1.26
N LEU A 47 -3.76 1.22 -0.17
CA LEU A 47 -3.67 -0.22 0.02
C LEU A 47 -5.07 -0.78 0.27
N SER A 48 -5.84 -0.03 1.04
CA SER A 48 -7.20 -0.45 1.36
C SER A 48 -8.03 -0.56 0.09
N GLN A 49 -7.89 0.45 -0.76
CA GLN A 49 -8.63 0.47 -2.03
C GLN A 49 -7.95 -0.46 -3.04
N GLU A 50 -6.63 -0.50 -2.98
CA GLU A 50 -5.87 -1.33 -3.89
C GLU A 50 -6.15 -2.81 -3.63
N SER A 51 -5.97 -3.19 -2.37
CA SER A 51 -6.22 -4.57 -1.97
C SER A 51 -7.46 -5.12 -2.69
N THR A 52 -8.58 -4.46 -2.43
CA THR A 52 -9.84 -4.87 -3.03
C THR A 52 -9.67 -5.07 -4.53
N ARG A 53 -8.87 -4.19 -5.13
CA ARG A 53 -8.61 -4.27 -6.55
C ARG A 53 -7.89 -5.57 -6.90
N TYR A 54 -7.05 -6.01 -5.98
CA TYR A 54 -6.30 -7.24 -6.17
C TYR A 54 -7.06 -8.44 -5.60
N LEU A 55 -8.04 -8.14 -4.76
CA LEU A 55 -8.84 -9.17 -4.14
C LEU A 55 -10.16 -9.32 -4.90
N TYR A 56 -11.24 -8.91 -4.25
CA TYR A 56 -12.55 -8.98 -4.85
C TYR A 56 -12.52 -8.54 -6.31
N GLY A 57 -11.54 -7.70 -6.62
CA GLY A 57 -11.38 -7.19 -7.97
C GLY A 57 -12.17 -5.89 -8.17
N GLU A 58 -11.60 -5.03 -9.01
CA GLU A 58 -12.23 -3.75 -9.29
C GLU A 58 -12.18 -2.84 -8.06
N GLY A 59 -12.32 -1.55 -8.30
CA GLY A 59 -12.29 -0.58 -7.22
C GLY A 59 -11.67 0.74 -7.69
N ASP A 60 -12.36 1.83 -7.39
CA ASP A 60 -11.89 3.15 -7.76
C ASP A 60 -11.71 3.20 -9.29
N LEU A 61 -11.28 4.35 -9.76
CA LEU A 61 -11.06 4.55 -11.18
C LEU A 61 -9.58 4.85 -11.43
N ASN A 62 -8.77 4.58 -10.41
CA ASN A 62 -7.35 4.82 -10.52
C ASN A 62 -6.71 3.72 -11.37
N PHE A 63 -5.77 4.15 -12.20
CA PHE A 63 -5.08 3.21 -13.09
C PHE A 63 -3.82 2.65 -12.40
N SER A 64 -3.66 1.34 -12.51
CA SER A 64 -2.51 0.68 -11.92
C SER A 64 -2.26 -0.65 -12.63
N ASP A 65 -1.18 -0.67 -13.39
CA ASP A 65 -0.80 -1.88 -14.13
C ASP A 65 0.50 -2.44 -13.56
N ASP A 66 0.42 -3.69 -13.12
CA ASP A 66 1.58 -4.35 -12.55
C ASP A 66 1.26 -5.82 -12.31
N SER A 67 2.23 -6.67 -12.64
CA SER A 67 2.05 -8.11 -12.47
C SER A 67 2.58 -8.53 -11.09
N GLY A 68 1.87 -9.48 -10.49
CA GLY A 68 2.27 -9.98 -9.19
C GLY A 68 1.13 -10.79 -8.54
N ILE A 69 1.40 -12.07 -8.34
CA ILE A 69 0.42 -12.95 -7.74
C ILE A 69 1.06 -13.71 -6.58
N SER A 70 0.36 -13.72 -5.46
CA SER A 70 0.84 -14.41 -4.28
C SER A 70 -0.32 -15.08 -3.54
N GLY A 71 -0.26 -16.40 -3.47
CA GLY A 71 -1.29 -17.17 -2.81
C GLY A 71 -0.71 -18.01 -1.67
N PRO A 72 -0.43 -17.33 -0.53
CA PRO A 72 0.13 -18.00 0.62
C PRO A 72 -0.93 -18.83 1.35
N SER A 73 -2.05 -18.19 1.62
CA SER A 73 -3.15 -18.85 2.30
C SER A 73 -2.66 -19.43 3.63
N SER A 74 -3.03 -18.74 4.71
CA SER A 74 -2.64 -19.17 6.04
C SER A 74 -3.10 -20.61 6.28
N GLY A 75 -2.45 -21.24 7.24
CA GLY A 75 -2.78 -22.62 7.57
C GLY A 75 -1.51 -23.42 7.92
N GLY A 1 19.28 9.84 14.25
CA GLY A 1 18.59 9.53 13.01
C GLY A 1 17.30 10.34 12.87
N SER A 2 16.42 9.86 12.01
CA SER A 2 15.15 10.54 11.78
C SER A 2 15.41 11.92 11.16
N SER A 3 15.36 11.96 9.84
CA SER A 3 15.58 13.21 9.12
C SER A 3 15.01 13.11 7.71
N GLY A 4 14.69 14.26 7.15
CA GLY A 4 14.13 14.31 5.81
C GLY A 4 15.24 14.49 4.76
N SER A 5 15.74 13.36 4.28
CA SER A 5 16.80 13.37 3.29
C SER A 5 16.81 12.05 2.51
N SER A 6 16.77 12.17 1.19
CA SER A 6 16.77 11.00 0.33
C SER A 6 15.57 10.11 0.66
N GLY A 7 14.50 10.30 -0.11
CA GLY A 7 13.30 9.52 0.09
C GLY A 7 13.62 8.05 0.32
N GLN A 8 13.64 7.30 -0.78
CA GLN A 8 13.93 5.88 -0.71
C GLN A 8 12.86 5.15 0.10
N ILE A 9 12.59 3.92 -0.32
CA ILE A 9 11.59 3.11 0.36
C ILE A 9 11.80 3.19 1.87
N ASP A 10 10.69 3.21 2.59
CA ASP A 10 10.74 3.29 4.05
C ASP A 10 10.28 1.97 4.65
N PHE A 11 11.26 1.17 5.05
CA PHE A 11 10.96 -0.13 5.64
C PHE A 11 10.14 0.02 6.92
N GLN A 12 10.56 0.98 7.74
CA GLN A 12 9.87 1.24 9.00
C GLN A 12 8.39 1.49 8.75
N VAL A 13 8.11 2.20 7.66
CA VAL A 13 6.74 2.51 7.30
C VAL A 13 6.08 1.29 6.66
N LEU A 14 6.91 0.52 5.96
CA LEU A 14 6.43 -0.68 5.30
C LEU A 14 6.09 -1.74 6.36
N HIS A 15 7.07 -2.05 7.18
CA HIS A 15 6.88 -3.04 8.22
C HIS A 15 5.51 -2.86 8.86
N ASP A 16 5.23 -1.62 9.24
CA ASP A 16 3.95 -1.31 9.86
C ASP A 16 2.82 -1.72 8.93
N LEU A 17 2.97 -1.36 7.66
CA LEU A 17 1.98 -1.69 6.66
C LEU A 17 1.85 -3.21 6.55
N ARG A 18 3.00 -3.84 6.34
CA ARG A 18 3.04 -5.29 6.21
C ARG A 18 2.06 -5.94 7.19
N GLN A 19 1.95 -5.31 8.35
CA GLN A 19 1.06 -5.81 9.39
C GLN A 19 -0.41 -5.58 9.00
N LYS A 20 -0.69 -4.35 8.61
CA LYS A 20 -2.04 -3.99 8.20
C LYS A 20 -2.40 -4.73 6.91
N PHE A 21 -1.38 -4.93 6.09
CA PHE A 21 -1.57 -5.61 4.82
C PHE A 21 -0.62 -6.80 4.69
N PRO A 22 -0.93 -7.87 5.47
CA PRO A 22 -0.12 -9.09 5.46
C PRO A 22 -0.37 -9.90 4.19
N GLU A 23 -1.63 -9.91 3.77
CA GLU A 23 -2.01 -10.65 2.58
C GLU A 23 -1.87 -9.76 1.34
N VAL A 24 -0.75 -9.06 1.28
CA VAL A 24 -0.48 -8.17 0.16
C VAL A 24 0.96 -8.39 -0.32
N PRO A 25 1.12 -8.31 -1.67
CA PRO A 25 2.43 -8.51 -2.28
C PRO A 25 3.32 -7.28 -2.06
N GLU A 26 4.32 -7.46 -1.21
CA GLU A 26 5.25 -6.38 -0.90
C GLU A 26 5.57 -5.59 -2.17
N VAL A 27 6.02 -6.31 -3.18
CA VAL A 27 6.37 -5.68 -4.44
C VAL A 27 5.35 -4.59 -4.78
N VAL A 28 4.08 -4.93 -4.57
CA VAL A 28 3.00 -4.00 -4.83
C VAL A 28 3.03 -2.89 -3.78
N VAL A 29 3.18 -3.30 -2.54
CA VAL A 29 3.22 -2.36 -1.43
C VAL A 29 4.27 -1.29 -1.73
N SER A 30 5.50 -1.74 -1.90
CA SER A 30 6.60 -0.84 -2.19
C SER A 30 6.21 0.14 -3.29
N ARG A 31 5.74 -0.42 -4.40
CA ARG A 31 5.32 0.39 -5.53
C ARG A 31 4.27 1.42 -5.09
N CYS A 32 3.44 1.01 -4.14
CA CYS A 32 2.40 1.88 -3.63
C CYS A 32 3.07 2.98 -2.79
N MET A 33 4.08 2.57 -2.03
CA MET A 33 4.81 3.51 -1.19
C MET A 33 5.62 4.49 -2.03
N LEU A 34 6.43 3.94 -2.92
CA LEU A 34 7.27 4.75 -3.78
C LEU A 34 6.40 5.80 -4.47
N GLN A 35 5.12 5.50 -4.56
CA GLN A 35 4.17 6.41 -5.20
C GLN A 35 3.67 7.44 -4.18
N ASN A 36 3.49 6.98 -2.96
CA ASN A 36 3.02 7.86 -1.89
C ASN A 36 4.21 8.35 -1.08
N ASN A 37 5.34 8.51 -1.76
CA ASN A 37 6.55 8.98 -1.11
C ASN A 37 6.74 8.21 0.20
N ASN A 38 6.28 6.97 0.20
CA ASN A 38 6.39 6.13 1.38
C ASN A 38 5.65 6.80 2.55
N ASN A 39 4.36 6.53 2.61
CA ASN A 39 3.53 7.10 3.67
C ASN A 39 2.94 5.96 4.51
N LEU A 40 2.36 6.35 5.63
CA LEU A 40 1.75 5.38 6.53
C LEU A 40 0.27 5.22 6.19
N ASP A 41 -0.50 6.22 6.57
CA ASP A 41 -1.94 6.20 6.30
C ASP A 41 -2.18 6.47 4.82
N ALA A 42 -1.65 7.59 4.36
CA ALA A 42 -1.80 7.97 2.96
C ALA A 42 -1.64 6.73 2.08
N CYS A 43 -0.84 5.80 2.57
CA CYS A 43 -0.58 4.56 1.84
C CYS A 43 -1.78 3.62 2.07
N CYS A 44 -2.06 3.37 3.34
CA CYS A 44 -3.15 2.49 3.70
C CYS A 44 -4.35 2.83 2.81
N ALA A 45 -4.65 4.12 2.73
CA ALA A 45 -5.76 4.59 1.93
C ALA A 45 -5.73 3.88 0.57
N VAL A 46 -4.55 3.87 -0.03
CA VAL A 46 -4.37 3.24 -1.33
C VAL A 46 -4.27 1.72 -1.14
N LEU A 47 -3.31 1.32 -0.31
CA LEU A 47 -3.10 -0.09 -0.03
C LEU A 47 -4.46 -0.77 0.16
N SER A 48 -5.42 0.02 0.62
CA SER A 48 -6.76 -0.50 0.86
C SER A 48 -7.49 -0.69 -0.47
N GLN A 49 -7.42 0.34 -1.30
CA GLN A 49 -8.06 0.30 -2.60
C GLN A 49 -7.23 -0.52 -3.59
N GLU A 50 -6.01 -0.83 -3.16
CA GLU A 50 -5.10 -1.61 -4.00
C GLU A 50 -5.37 -3.10 -3.82
N SER A 51 -5.25 -3.55 -2.57
CA SER A 51 -5.47 -4.95 -2.26
C SER A 51 -6.65 -5.49 -3.08
N THR A 52 -7.77 -4.77 -3.00
CA THR A 52 -8.95 -5.18 -3.73
C THR A 52 -8.63 -5.43 -5.20
N ARG A 53 -7.89 -4.48 -5.77
CA ARG A 53 -7.51 -4.59 -7.16
C ARG A 53 -7.05 -6.01 -7.49
N TYR A 54 -6.33 -6.59 -6.54
CA TYR A 54 -5.83 -7.95 -6.71
C TYR A 54 -6.75 -8.96 -6.03
N LEU A 55 -7.42 -8.49 -4.99
CA LEU A 55 -8.32 -9.34 -4.24
C LEU A 55 -9.58 -9.59 -5.06
N TYR A 56 -9.70 -8.83 -6.14
CA TYR A 56 -10.85 -8.95 -7.03
C TYR A 56 -10.48 -8.57 -8.46
N GLY A 57 -10.01 -9.58 -9.19
CA GLY A 57 -9.62 -9.37 -10.57
C GLY A 57 -8.96 -10.63 -11.15
N GLU A 58 -7.87 -11.04 -10.50
CA GLU A 58 -7.14 -12.21 -10.93
C GLU A 58 -6.42 -12.86 -9.75
N GLY A 59 -7.21 -13.52 -8.92
CA GLY A 59 -6.67 -14.19 -7.74
C GLY A 59 -7.60 -15.30 -7.27
N ASP A 60 -7.53 -15.57 -5.97
CA ASP A 60 -8.36 -16.59 -5.37
C ASP A 60 -8.50 -16.34 -3.87
N LEU A 61 -9.42 -17.07 -3.25
CA LEU A 61 -9.66 -16.92 -1.83
C LEU A 61 -10.20 -15.52 -1.54
N ASN A 62 -11.52 -15.45 -1.41
CA ASN A 62 -12.18 -14.18 -1.13
C ASN A 62 -12.03 -13.84 0.36
N PHE A 63 -12.12 -12.56 0.64
CA PHE A 63 -12.00 -12.09 2.02
C PHE A 63 -12.25 -10.58 2.11
N SER A 64 -13.28 -10.23 2.86
CA SER A 64 -13.62 -8.83 3.05
C SER A 64 -14.48 -8.66 4.30
N ASP A 65 -14.70 -7.40 4.66
CA ASP A 65 -15.49 -7.08 5.84
C ASP A 65 -14.80 -7.64 7.08
N ASP A 66 -14.27 -6.74 7.88
CA ASP A 66 -13.57 -7.12 9.10
C ASP A 66 -13.08 -5.86 9.82
N SER A 67 -13.91 -5.37 10.72
CA SER A 67 -13.57 -4.18 11.48
C SER A 67 -13.30 -3.01 10.53
N GLY A 68 -13.33 -1.81 11.09
CA GLY A 68 -13.09 -0.61 10.31
C GLY A 68 -14.19 0.42 10.53
N ILE A 69 -13.77 1.63 10.89
CA ILE A 69 -14.70 2.71 11.14
C ILE A 69 -14.14 4.01 10.56
N SER A 70 -15.03 4.77 9.93
CA SER A 70 -14.64 6.03 9.32
C SER A 70 -15.85 6.69 8.65
N GLY A 71 -15.72 7.97 8.41
CA GLY A 71 -16.80 8.73 7.78
C GLY A 71 -16.27 10.02 7.16
N PRO A 72 -17.06 10.56 6.18
CA PRO A 72 -16.68 11.79 5.51
C PRO A 72 -16.91 13.00 6.41
N SER A 73 -16.65 14.18 5.85
CA SER A 73 -16.81 15.41 6.58
C SER A 73 -17.09 16.57 5.61
N SER A 74 -17.64 17.64 6.17
CA SER A 74 -17.95 18.81 5.37
C SER A 74 -19.06 18.49 4.38
N GLY A 75 -19.74 19.53 3.93
CA GLY A 75 -20.83 19.37 2.98
C GLY A 75 -22.06 18.77 3.66
N GLY A 1 9.98 15.51 14.68
CA GLY A 1 11.42 15.65 14.85
C GLY A 1 12.15 15.36 13.54
N SER A 2 13.47 15.19 13.67
CA SER A 2 14.29 14.90 12.51
C SER A 2 15.51 14.08 12.94
N SER A 3 16.21 13.55 11.94
CA SER A 3 17.39 12.74 12.19
C SER A 3 18.34 12.83 11.00
N GLY A 4 17.82 12.43 9.84
CA GLY A 4 18.62 12.44 8.62
C GLY A 4 18.23 11.28 7.70
N SER A 5 18.89 11.25 6.55
CA SER A 5 18.64 10.19 5.58
C SER A 5 17.20 10.31 5.06
N SER A 6 17.08 10.82 3.85
CA SER A 6 15.77 10.98 3.23
C SER A 6 15.75 10.29 1.86
N GLY A 7 14.58 9.74 1.53
CA GLY A 7 14.41 9.05 0.26
C GLY A 7 14.58 7.54 0.45
N GLN A 8 14.42 6.82 -0.65
CA GLN A 8 14.54 5.38 -0.64
C GLN A 8 13.38 4.76 0.16
N ILE A 9 12.95 3.59 -0.30
CA ILE A 9 11.86 2.88 0.35
C ILE A 9 12.04 2.97 1.87
N ASP A 10 10.91 3.07 2.56
CA ASP A 10 10.93 3.16 4.01
C ASP A 10 10.36 1.86 4.60
N PHE A 11 11.27 1.01 5.04
CA PHE A 11 10.87 -0.26 5.63
C PHE A 11 10.00 -0.04 6.88
N GLN A 12 10.54 0.73 7.80
CA GLN A 12 9.83 1.02 9.03
C GLN A 12 8.38 1.40 8.73
N VAL A 13 8.21 2.14 7.66
CA VAL A 13 6.88 2.58 7.25
C VAL A 13 6.15 1.41 6.59
N LEU A 14 6.92 0.58 5.90
CA LEU A 14 6.36 -0.57 5.22
C LEU A 14 5.89 -1.59 6.26
N HIS A 15 6.83 -2.00 7.11
CA HIS A 15 6.53 -2.96 8.15
C HIS A 15 5.16 -2.65 8.76
N ASP A 16 5.02 -1.41 9.21
CA ASP A 16 3.78 -0.97 9.82
C ASP A 16 2.61 -1.40 8.94
N LEU A 17 2.78 -1.22 7.65
CA LEU A 17 1.75 -1.58 6.69
C LEU A 17 1.66 -3.09 6.59
N ARG A 18 2.81 -3.72 6.38
CA ARG A 18 2.88 -5.16 6.26
C ARG A 18 1.94 -5.82 7.29
N GLN A 19 1.76 -5.12 8.40
CA GLN A 19 0.90 -5.62 9.47
C GLN A 19 -0.57 -5.45 9.08
N LYS A 20 -0.89 -4.23 8.66
CA LYS A 20 -2.26 -3.92 8.26
C LYS A 20 -2.59 -4.65 6.97
N PHE A 21 -1.56 -4.81 6.14
CA PHE A 21 -1.73 -5.50 4.87
C PHE A 21 -0.73 -6.64 4.72
N PRO A 22 -0.98 -7.73 5.50
CA PRO A 22 -0.10 -8.89 5.46
C PRO A 22 -0.32 -9.70 4.19
N GLU A 23 -1.59 -9.77 3.78
CA GLU A 23 -1.94 -10.51 2.58
C GLU A 23 -1.79 -9.64 1.35
N VAL A 24 -0.65 -8.95 1.28
CA VAL A 24 -0.36 -8.07 0.16
C VAL A 24 1.07 -8.32 -0.32
N PRO A 25 1.25 -8.25 -1.66
CA PRO A 25 2.55 -8.46 -2.27
C PRO A 25 3.46 -7.24 -2.04
N GLU A 26 4.46 -7.44 -1.19
CA GLU A 26 5.39 -6.37 -0.88
C GLU A 26 5.75 -5.60 -2.16
N VAL A 27 6.20 -6.34 -3.15
CA VAL A 27 6.58 -5.74 -4.42
C VAL A 27 5.58 -4.63 -4.77
N VAL A 28 4.31 -4.95 -4.58
CA VAL A 28 3.25 -4.00 -4.86
C VAL A 28 3.28 -2.87 -3.83
N VAL A 29 3.41 -3.26 -2.57
CA VAL A 29 3.46 -2.30 -1.49
C VAL A 29 4.48 -1.21 -1.83
N SER A 30 5.71 -1.63 -2.05
CA SER A 30 6.77 -0.71 -2.39
C SER A 30 6.29 0.30 -3.42
N ARG A 31 5.96 -0.22 -4.60
CA ARG A 31 5.48 0.62 -5.68
C ARG A 31 4.44 1.61 -5.17
N CYS A 32 3.59 1.13 -4.27
CA CYS A 32 2.55 1.95 -3.69
C CYS A 32 3.22 3.06 -2.86
N MET A 33 4.22 2.65 -2.09
CA MET A 33 4.94 3.60 -1.25
C MET A 33 5.72 4.60 -2.11
N LEU A 34 6.56 4.06 -2.99
CA LEU A 34 7.36 4.89 -3.86
C LEU A 34 6.45 5.90 -4.57
N GLN A 35 5.17 5.55 -4.64
CA GLN A 35 4.20 6.41 -5.30
C GLN A 35 3.67 7.44 -4.31
N ASN A 36 3.67 7.07 -3.04
CA ASN A 36 3.19 7.95 -1.99
C ASN A 36 4.38 8.47 -1.19
N ASN A 37 5.54 8.48 -1.83
CA ASN A 37 6.75 8.95 -1.19
C ASN A 37 6.90 8.28 0.17
N ASN A 38 6.63 6.98 0.19
CA ASN A 38 6.74 6.21 1.41
C ASN A 38 5.88 6.87 2.50
N ASN A 39 4.64 6.43 2.58
CA ASN A 39 3.72 6.97 3.55
C ASN A 39 3.09 5.82 4.35
N LEU A 40 2.54 6.17 5.50
CA LEU A 40 1.91 5.19 6.37
C LEU A 40 0.42 5.11 6.04
N ASP A 41 -0.30 6.13 6.49
CA ASP A 41 -1.74 6.18 6.25
C ASP A 41 -2.00 6.31 4.75
N ALA A 42 -1.37 7.31 4.16
CA ALA A 42 -1.52 7.56 2.73
C ALA A 42 -1.52 6.22 1.98
N CYS A 43 -0.58 5.37 2.36
CA CYS A 43 -0.46 4.07 1.73
C CYS A 43 -1.63 3.20 2.21
N CYS A 44 -1.87 3.26 3.51
CA CYS A 44 -2.94 2.49 4.11
C CYS A 44 -4.17 2.61 3.20
N ALA A 45 -4.70 3.83 3.14
CA ALA A 45 -5.87 4.08 2.32
C ALA A 45 -5.70 3.41 0.96
N VAL A 46 -4.77 3.94 0.18
CA VAL A 46 -4.50 3.41 -1.15
C VAL A 46 -4.55 1.88 -1.08
N LEU A 47 -3.62 1.32 -0.31
CA LEU A 47 -3.54 -0.12 -0.16
C LEU A 47 -4.96 -0.70 -0.07
N SER A 48 -5.66 -0.28 0.99
CA SER A 48 -7.02 -0.75 1.21
C SER A 48 -7.76 -0.83 -0.12
N GLN A 49 -7.50 0.14 -0.98
CA GLN A 49 -8.14 0.20 -2.28
C GLN A 49 -7.40 -0.70 -3.27
N GLU A 50 -6.11 -0.43 -3.43
CA GLU A 50 -5.28 -1.21 -4.33
C GLU A 50 -5.48 -2.70 -4.09
N SER A 51 -5.39 -3.09 -2.83
CA SER A 51 -5.56 -4.48 -2.46
C SER A 51 -6.77 -5.08 -3.18
N THR A 52 -7.94 -4.56 -2.82
CA THR A 52 -9.18 -5.03 -3.44
C THR A 52 -8.96 -5.29 -4.93
N ARG A 53 -8.30 -4.35 -5.57
CA ARG A 53 -8.03 -4.46 -6.99
C ARG A 53 -7.46 -5.85 -7.32
N TYR A 54 -6.51 -6.26 -6.51
CA TYR A 54 -5.87 -7.56 -6.70
C TYR A 54 -6.60 -8.64 -5.90
N LEU A 55 -7.29 -8.19 -4.86
CA LEU A 55 -8.03 -9.12 -4.00
C LEU A 55 -9.30 -9.57 -4.74
N TYR A 56 -9.60 -8.87 -5.82
CA TYR A 56 -10.78 -9.19 -6.61
C TYR A 56 -10.62 -8.71 -8.05
N GLY A 57 -10.08 -9.59 -8.88
CA GLY A 57 -9.87 -9.26 -10.28
C GLY A 57 -9.26 -10.45 -11.04
N GLU A 58 -7.94 -10.54 -10.94
CA GLU A 58 -7.22 -11.62 -11.60
C GLU A 58 -6.32 -12.34 -10.59
N GLY A 59 -6.94 -13.21 -9.81
CA GLY A 59 -6.21 -13.97 -8.81
C GLY A 59 -6.47 -15.47 -8.97
N ASP A 60 -6.88 -16.09 -7.87
CA ASP A 60 -7.15 -17.51 -7.89
C ASP A 60 -8.55 -17.76 -7.28
N LEU A 61 -9.11 -18.91 -7.62
CA LEU A 61 -10.42 -19.27 -7.13
C LEU A 61 -11.36 -18.08 -7.29
N ASN A 62 -11.67 -17.76 -8.53
CA ASN A 62 -12.56 -16.65 -8.83
C ASN A 62 -13.64 -17.12 -9.81
N PHE A 63 -14.77 -16.43 -9.78
CA PHE A 63 -15.88 -16.75 -10.64
C PHE A 63 -15.46 -16.68 -12.12
N SER A 64 -15.15 -17.85 -12.66
CA SER A 64 -14.73 -17.94 -14.05
C SER A 64 -15.68 -17.13 -14.93
N ASP A 65 -15.19 -15.99 -15.38
CA ASP A 65 -15.98 -15.11 -16.23
C ASP A 65 -15.05 -14.24 -17.07
N ASP A 66 -15.04 -14.51 -18.36
CA ASP A 66 -14.19 -13.76 -19.28
C ASP A 66 -14.72 -12.32 -19.39
N SER A 67 -13.93 -11.40 -18.86
CA SER A 67 -14.30 -9.99 -18.89
C SER A 67 -13.55 -9.28 -20.02
N GLY A 68 -14.03 -8.09 -20.34
CA GLY A 68 -13.42 -7.29 -21.39
C GLY A 68 -13.17 -5.86 -20.92
N ILE A 69 -13.15 -4.95 -21.89
CA ILE A 69 -12.91 -3.54 -21.58
C ILE A 69 -11.60 -3.41 -20.80
N SER A 70 -10.51 -3.31 -21.56
CA SER A 70 -9.20 -3.17 -20.96
C SER A 70 -8.43 -2.04 -21.63
N GLY A 71 -7.99 -1.10 -20.81
CA GLY A 71 -7.24 0.05 -21.31
C GLY A 71 -5.76 -0.08 -20.99
N PRO A 72 -5.11 1.09 -20.76
CA PRO A 72 -3.70 1.13 -20.42
C PRO A 72 -3.47 0.67 -18.99
N SER A 73 -2.48 -0.21 -18.82
CA SER A 73 -2.14 -0.72 -17.51
C SER A 73 -0.74 -0.26 -17.11
N SER A 74 -0.62 0.11 -15.85
CA SER A 74 0.66 0.58 -15.33
C SER A 74 1.59 -0.61 -15.08
N GLY A 75 1.12 -1.52 -14.24
CA GLY A 75 1.91 -2.70 -13.92
C GLY A 75 2.57 -2.57 -12.55
N GLY A 1 7.12 11.68 9.03
CA GLY A 1 7.83 11.96 10.27
C GLY A 1 9.31 11.62 10.15
N SER A 2 9.68 10.51 10.78
CA SER A 2 11.07 10.07 10.76
C SER A 2 11.62 10.16 9.33
N SER A 3 12.80 10.77 9.21
CA SER A 3 13.43 10.92 7.92
C SER A 3 14.78 10.19 7.91
N GLY A 4 14.96 9.38 6.88
CA GLY A 4 16.19 8.61 6.74
C GLY A 4 17.22 9.40 5.93
N SER A 5 18.21 8.66 5.42
CA SER A 5 19.26 9.27 4.63
C SER A 5 18.67 10.30 3.67
N SER A 6 17.81 9.79 2.78
CA SER A 6 17.18 10.65 1.80
C SER A 6 16.19 9.84 0.96
N GLY A 7 14.91 10.07 1.22
CA GLY A 7 13.86 9.37 0.49
C GLY A 7 14.07 7.85 0.57
N GLN A 8 13.96 7.21 -0.58
CA GLN A 8 14.12 5.77 -0.66
C GLN A 8 13.04 5.07 0.15
N ILE A 9 12.69 3.88 -0.29
CA ILE A 9 11.66 3.09 0.38
C ILE A 9 11.88 3.18 1.90
N ASP A 10 10.78 3.22 2.61
CA ASP A 10 10.83 3.30 4.07
C ASP A 10 10.30 1.99 4.67
N PHE A 11 11.23 1.14 5.06
CA PHE A 11 10.88 -0.14 5.65
C PHE A 11 9.99 0.05 6.88
N GLN A 12 10.51 0.81 7.82
CA GLN A 12 9.77 1.09 9.06
C GLN A 12 8.31 1.40 8.73
N VAL A 13 8.12 2.16 7.67
CA VAL A 13 6.78 2.55 7.26
C VAL A 13 6.10 1.34 6.59
N LEU A 14 6.90 0.58 5.86
CA LEU A 14 6.39 -0.60 5.17
C LEU A 14 5.92 -1.63 6.20
N HIS A 15 6.85 -1.99 7.07
CA HIS A 15 6.55 -2.97 8.12
C HIS A 15 5.15 -2.70 8.67
N ASP A 16 4.97 -1.50 9.19
CA ASP A 16 3.68 -1.12 9.76
C ASP A 16 2.57 -1.51 8.80
N LEU A 17 2.82 -1.27 7.51
CA LEU A 17 1.85 -1.59 6.49
C LEU A 17 1.76 -3.12 6.33
N ARG A 18 2.91 -3.73 6.17
CA ARG A 18 2.99 -5.18 6.01
C ARG A 18 1.98 -5.86 6.94
N GLN A 19 1.95 -5.38 8.17
CA GLN A 19 1.03 -5.93 9.16
C GLN A 19 -0.42 -5.72 8.73
N LYS A 20 -0.71 -4.50 8.30
CA LYS A 20 -2.05 -4.16 7.86
C LYS A 20 -2.36 -4.91 6.56
N PHE A 21 -1.35 -5.01 5.71
CA PHE A 21 -1.50 -5.69 4.45
C PHE A 21 -0.42 -6.76 4.27
N PRO A 22 -0.56 -7.86 5.07
CA PRO A 22 0.39 -8.95 5.01
C PRO A 22 0.17 -9.80 3.76
N GLU A 23 -1.09 -10.10 3.49
CA GLU A 23 -1.44 -10.90 2.33
C GLU A 23 -0.97 -10.21 1.05
N VAL A 24 -1.04 -8.89 1.07
CA VAL A 24 -0.62 -8.10 -0.09
C VAL A 24 0.88 -8.33 -0.34
N PRO A 25 1.23 -8.36 -1.65
CA PRO A 25 2.61 -8.57 -2.04
C PRO A 25 3.45 -7.31 -1.81
N GLU A 26 4.31 -7.37 -0.81
CA GLU A 26 5.16 -6.25 -0.48
C GLU A 26 5.66 -5.56 -1.76
N VAL A 27 6.26 -6.36 -2.61
CA VAL A 27 6.78 -5.85 -3.88
C VAL A 27 5.80 -4.83 -4.45
N VAL A 28 4.53 -5.18 -4.38
CA VAL A 28 3.47 -4.31 -4.88
C VAL A 28 3.31 -3.11 -3.95
N VAL A 29 3.28 -3.41 -2.66
CA VAL A 29 3.13 -2.37 -1.65
C VAL A 29 4.18 -1.28 -1.89
N SER A 30 5.43 -1.70 -1.92
CA SER A 30 6.53 -0.78 -2.13
C SER A 30 6.17 0.23 -3.24
N ARG A 31 5.88 -0.32 -4.41
CA ARG A 31 5.51 0.51 -5.55
C ARG A 31 4.49 1.57 -5.12
N CYS A 32 3.66 1.20 -4.18
CA CYS A 32 2.64 2.10 -3.67
C CYS A 32 3.34 3.23 -2.90
N MET A 33 4.22 2.82 -1.99
CA MET A 33 4.96 3.78 -1.19
C MET A 33 5.74 4.75 -2.06
N LEU A 34 6.54 4.19 -2.94
CA LEU A 34 7.36 4.99 -3.85
C LEU A 34 6.44 5.98 -4.60
N GLN A 35 5.16 5.63 -4.63
CA GLN A 35 4.19 6.47 -5.31
C GLN A 35 3.64 7.52 -4.35
N ASN A 36 3.58 7.15 -3.07
CA ASN A 36 3.08 8.04 -2.05
C ASN A 36 4.25 8.60 -1.25
N ASN A 37 5.37 8.75 -1.92
CA ASN A 37 6.57 9.27 -1.29
C ASN A 37 6.74 8.62 0.08
N ASN A 38 6.63 7.30 0.10
CA ASN A 38 6.76 6.54 1.33
C ASN A 38 5.88 7.18 2.40
N ASN A 39 4.66 6.66 2.49
CA ASN A 39 3.71 7.17 3.48
C ASN A 39 3.11 5.99 4.24
N LEU A 40 2.53 6.32 5.39
CA LEU A 40 1.91 5.30 6.22
C LEU A 40 0.42 5.20 5.88
N ASP A 41 -0.33 6.20 6.34
CA ASP A 41 -1.76 6.23 6.08
C ASP A 41 -2.00 6.41 4.59
N ALA A 42 -1.45 7.48 4.05
CA ALA A 42 -1.59 7.78 2.63
C ALA A 42 -1.48 6.48 1.84
N CYS A 43 -0.66 5.58 2.35
CA CYS A 43 -0.45 4.30 1.69
C CYS A 43 -1.61 3.37 2.07
N CYS A 44 -1.78 3.19 3.38
CA CYS A 44 -2.83 2.32 3.88
C CYS A 44 -4.10 2.60 3.06
N ALA A 45 -4.55 3.84 3.13
CA ALA A 45 -5.74 4.25 2.40
C ALA A 45 -5.71 3.65 1.00
N VAL A 46 -4.53 3.73 0.40
CA VAL A 46 -4.35 3.20 -0.95
C VAL A 46 -4.40 1.67 -0.92
N LEU A 47 -3.57 1.11 -0.06
CA LEU A 47 -3.52 -0.34 0.08
C LEU A 47 -4.90 -0.86 0.44
N SER A 48 -5.75 0.04 0.91
CA SER A 48 -7.10 -0.31 1.29
C SER A 48 -7.99 -0.41 0.05
N GLN A 49 -7.55 0.29 -1.01
CA GLN A 49 -8.29 0.29 -2.25
C GLN A 49 -7.56 -0.56 -3.30
N GLU A 50 -6.24 -0.55 -3.21
CA GLU A 50 -5.42 -1.30 -4.14
C GLU A 50 -5.70 -2.80 -4.00
N SER A 51 -5.70 -3.26 -2.75
CA SER A 51 -5.96 -4.66 -2.48
C SER A 51 -7.22 -5.12 -3.21
N THR A 52 -8.32 -4.45 -2.90
CA THR A 52 -9.59 -4.78 -3.52
C THR A 52 -9.47 -4.75 -5.04
N ARG A 53 -8.44 -4.08 -5.51
CA ARG A 53 -8.19 -3.96 -6.93
C ARG A 53 -7.59 -5.27 -7.48
N TYR A 54 -6.71 -5.85 -6.68
CA TYR A 54 -6.05 -7.08 -7.06
C TYR A 54 -6.87 -8.30 -6.61
N LEU A 55 -7.70 -8.07 -5.60
CA LEU A 55 -8.54 -9.13 -5.08
C LEU A 55 -9.58 -9.52 -6.14
N TYR A 56 -10.82 -9.09 -5.90
CA TYR A 56 -11.91 -9.38 -6.81
C TYR A 56 -11.72 -8.64 -8.13
N GLY A 57 -10.62 -8.95 -8.80
CA GLY A 57 -10.31 -8.33 -10.08
C GLY A 57 -9.47 -9.26 -10.96
N GLU A 58 -8.21 -9.37 -10.58
CA GLU A 58 -7.29 -10.23 -11.32
C GLU A 58 -6.35 -10.96 -10.36
N GLY A 59 -5.67 -11.96 -10.90
CA GLY A 59 -4.74 -12.74 -10.10
C GLY A 59 -5.48 -13.61 -9.08
N ASP A 60 -4.86 -13.78 -7.93
CA ASP A 60 -5.44 -14.58 -6.87
C ASP A 60 -6.85 -14.09 -6.58
N LEU A 61 -7.72 -15.03 -6.26
CA LEU A 61 -9.12 -14.71 -5.97
C LEU A 61 -9.22 -14.20 -4.53
N ASN A 62 -9.76 -15.06 -3.67
CA ASN A 62 -9.92 -14.71 -2.27
C ASN A 62 -9.34 -15.83 -1.41
N PHE A 63 -8.12 -15.61 -0.94
CA PHE A 63 -7.44 -16.59 -0.11
C PHE A 63 -7.75 -16.34 1.37
N SER A 64 -7.92 -15.08 1.71
CA SER A 64 -8.23 -14.71 3.09
C SER A 64 -9.15 -13.49 3.11
N ASP A 65 -10.41 -13.75 3.37
CA ASP A 65 -11.40 -12.68 3.43
C ASP A 65 -11.36 -12.01 4.80
N ASP A 66 -11.00 -10.73 4.79
CA ASP A 66 -10.92 -9.97 6.01
C ASP A 66 -11.06 -8.48 5.70
N SER A 67 -12.30 -8.00 5.78
CA SER A 67 -12.58 -6.61 5.50
C SER A 67 -13.69 -6.10 6.43
N GLY A 68 -13.75 -4.79 6.58
CA GLY A 68 -14.75 -4.18 7.42
C GLY A 68 -15.14 -2.79 6.90
N ILE A 69 -15.98 -2.12 7.66
CA ILE A 69 -16.44 -0.79 7.29
C ILE A 69 -15.88 0.23 8.30
N SER A 70 -15.65 1.43 7.80
CA SER A 70 -15.13 2.51 8.64
C SER A 70 -16.17 3.62 8.77
N GLY A 71 -16.42 4.00 10.02
CA GLY A 71 -17.38 5.05 10.30
C GLY A 71 -16.68 6.29 10.88
N PRO A 72 -16.39 7.25 9.97
CA PRO A 72 -15.74 8.48 10.39
C PRO A 72 -16.72 9.41 11.12
N SER A 73 -17.88 9.58 10.52
CA SER A 73 -18.90 10.44 11.10
C SER A 73 -18.36 11.85 11.29
N SER A 74 -19.24 12.74 11.73
CA SER A 74 -18.86 14.12 11.95
C SER A 74 -19.73 14.73 13.06
N GLY A 75 -19.10 15.59 13.85
CA GLY A 75 -19.80 16.24 14.94
C GLY A 75 -19.75 17.77 14.80
N GLY A 1 12.16 24.87 -7.62
CA GLY A 1 11.48 23.89 -8.47
C GLY A 1 10.60 22.95 -7.64
N SER A 2 11.18 21.81 -7.30
CA SER A 2 10.46 20.82 -6.51
C SER A 2 11.43 19.77 -5.96
N SER A 3 10.96 19.05 -4.95
CA SER A 3 11.78 18.03 -4.33
C SER A 3 10.94 17.20 -3.36
N GLY A 4 11.47 16.05 -3.00
CA GLY A 4 10.78 15.16 -2.07
C GLY A 4 11.44 15.19 -0.69
N SER A 5 11.88 14.01 -0.26
CA SER A 5 12.53 13.88 1.03
C SER A 5 13.06 12.46 1.21
N SER A 6 14.33 12.28 0.85
CA SER A 6 14.96 10.98 0.96
C SER A 6 14.28 9.98 0.03
N GLY A 7 15.05 9.50 -0.93
CA GLY A 7 14.55 8.53 -1.89
C GLY A 7 15.04 7.12 -1.59
N GLN A 8 14.31 6.44 -0.72
CA GLN A 8 14.67 5.09 -0.34
C GLN A 8 13.53 4.44 0.46
N ILE A 9 13.25 3.20 0.12
CA ILE A 9 12.19 2.46 0.78
C ILE A 9 12.32 2.64 2.30
N ASP A 10 11.18 2.69 2.95
CA ASP A 10 11.16 2.86 4.40
C ASP A 10 10.55 1.62 5.05
N PHE A 11 11.43 0.76 5.55
CA PHE A 11 10.99 -0.47 6.19
C PHE A 11 10.08 -0.17 7.39
N GLN A 12 10.46 0.86 8.13
CA GLN A 12 9.69 1.25 9.30
C GLN A 12 8.24 1.58 8.90
N VAL A 13 8.11 2.21 7.74
CA VAL A 13 6.80 2.58 7.24
C VAL A 13 6.14 1.35 6.61
N LEU A 14 6.97 0.51 6.03
CA LEU A 14 6.49 -0.70 5.38
C LEU A 14 5.99 -1.68 6.47
N HIS A 15 6.89 -2.02 7.37
CA HIS A 15 6.56 -2.94 8.44
C HIS A 15 5.15 -2.63 8.97
N ASP A 16 4.96 -1.37 9.32
CA ASP A 16 3.67 -0.93 9.83
C ASP A 16 2.56 -1.45 8.93
N LEU A 17 2.75 -1.27 7.63
CA LEU A 17 1.78 -1.72 6.66
C LEU A 17 1.79 -3.25 6.58
N ARG A 18 3.00 -3.79 6.46
CA ARG A 18 3.17 -5.23 6.39
C ARG A 18 2.21 -5.93 7.37
N GLN A 19 1.91 -5.23 8.45
CA GLN A 19 1.02 -5.76 9.46
C GLN A 19 -0.44 -5.65 9.00
N LYS A 20 -0.79 -4.46 8.54
CA LYS A 20 -2.14 -4.22 8.06
C LYS A 20 -2.38 -5.00 6.77
N PHE A 21 -1.36 -5.02 5.93
CA PHE A 21 -1.45 -5.72 4.67
C PHE A 21 -0.27 -6.69 4.50
N PRO A 22 -0.29 -7.78 5.32
CA PRO A 22 0.77 -8.77 5.26
C PRO A 22 0.63 -9.66 4.03
N GLU A 23 -0.63 -9.95 3.69
CA GLU A 23 -0.91 -10.78 2.54
C GLU A 23 -0.49 -10.08 1.25
N VAL A 24 -0.88 -8.81 1.16
CA VAL A 24 -0.56 -8.01 -0.01
C VAL A 24 0.90 -8.21 -0.37
N PRO A 25 1.18 -8.23 -1.71
CA PRO A 25 2.53 -8.43 -2.20
C PRO A 25 3.35 -7.15 -2.02
N GLU A 26 4.27 -7.20 -1.07
CA GLU A 26 5.13 -6.06 -0.78
C GLU A 26 5.53 -5.37 -2.09
N VAL A 27 6.09 -6.16 -3.00
CA VAL A 27 6.52 -5.64 -4.28
C VAL A 27 5.50 -4.62 -4.78
N VAL A 28 4.23 -4.99 -4.67
CA VAL A 28 3.15 -4.13 -5.10
C VAL A 28 3.07 -2.91 -4.18
N VAL A 29 3.05 -3.20 -2.88
CA VAL A 29 2.98 -2.15 -1.88
C VAL A 29 4.08 -1.13 -2.14
N SER A 30 5.30 -1.64 -2.30
CA SER A 30 6.44 -0.79 -2.54
C SER A 30 6.09 0.29 -3.57
N ARG A 31 5.82 -0.16 -4.79
CA ARG A 31 5.46 0.75 -5.86
C ARG A 31 4.54 1.85 -5.34
N CYS A 32 3.67 1.46 -4.43
CA CYS A 32 2.73 2.40 -3.84
C CYS A 32 3.52 3.42 -3.01
N MET A 33 4.32 2.89 -2.10
CA MET A 33 5.14 3.74 -1.24
C MET A 33 5.99 4.70 -2.07
N LEU A 34 6.79 4.12 -2.94
CA LEU A 34 7.66 4.91 -3.79
C LEU A 34 6.83 5.97 -4.52
N GLN A 35 5.54 5.68 -4.64
CA GLN A 35 4.64 6.60 -5.30
C GLN A 35 4.19 7.71 -4.34
N ASN A 36 3.91 7.30 -3.12
CA ASN A 36 3.48 8.24 -2.10
C ASN A 36 4.67 8.62 -1.21
N ASN A 37 5.84 8.62 -1.83
CA ASN A 37 7.06 8.97 -1.12
C ASN A 37 7.05 8.27 0.25
N ASN A 38 6.96 6.95 0.20
CA ASN A 38 6.94 6.16 1.42
C ASN A 38 6.02 6.82 2.45
N ASN A 39 4.74 6.48 2.34
CA ASN A 39 3.75 7.04 3.25
C ASN A 39 3.15 5.91 4.10
N LEU A 40 2.60 6.31 5.24
CA LEU A 40 1.98 5.35 6.14
C LEU A 40 0.50 5.23 5.82
N ASP A 41 -0.25 6.24 6.21
CA ASP A 41 -1.68 6.26 5.97
C ASP A 41 -1.94 6.36 4.47
N ALA A 42 -1.39 7.40 3.87
CA ALA A 42 -1.55 7.62 2.45
C ALA A 42 -1.43 6.29 1.71
N CYS A 43 -0.65 5.39 2.29
CA CYS A 43 -0.45 4.08 1.71
C CYS A 43 -1.66 3.21 2.05
N CYS A 44 -1.86 3.00 3.34
CA CYS A 44 -2.98 2.19 3.81
C CYS A 44 -4.22 2.58 3.00
N ALA A 45 -4.51 3.87 2.99
CA ALA A 45 -5.66 4.39 2.26
C ALA A 45 -5.73 3.70 0.90
N VAL A 46 -4.58 3.60 0.25
CA VAL A 46 -4.51 2.97 -1.05
C VAL A 46 -4.52 1.45 -0.89
N LEU A 47 -3.55 0.96 -0.13
CA LEU A 47 -3.44 -0.46 0.11
C LEU A 47 -4.83 -1.04 0.38
N SER A 48 -5.69 -0.18 0.91
CA SER A 48 -7.05 -0.60 1.24
C SER A 48 -7.86 -0.74 -0.06
N GLN A 49 -7.77 0.27 -0.89
CA GLN A 49 -8.49 0.27 -2.16
C GLN A 49 -7.83 -0.69 -3.15
N GLU A 50 -6.50 -0.70 -3.12
CA GLU A 50 -5.74 -1.56 -4.00
C GLU A 50 -6.02 -3.03 -3.68
N SER A 51 -5.88 -3.37 -2.41
CA SER A 51 -6.11 -4.73 -1.96
C SER A 51 -7.33 -5.30 -2.68
N THR A 52 -8.46 -4.63 -2.51
CA THR A 52 -9.70 -5.05 -3.13
C THR A 52 -9.50 -5.28 -4.62
N ARG A 53 -8.77 -4.36 -5.24
CA ARG A 53 -8.50 -4.44 -6.66
C ARG A 53 -7.81 -5.77 -6.99
N TYR A 54 -7.05 -6.27 -6.03
CA TYR A 54 -6.34 -7.52 -6.20
C TYR A 54 -7.13 -8.69 -5.60
N LEU A 55 -7.98 -8.36 -4.64
CA LEU A 55 -8.79 -9.36 -3.98
C LEU A 55 -9.95 -9.76 -4.89
N TYR A 56 -10.10 -8.99 -5.96
CA TYR A 56 -11.15 -9.25 -6.92
C TYR A 56 -10.76 -8.77 -8.32
N GLY A 57 -10.09 -9.65 -9.05
CA GLY A 57 -9.65 -9.32 -10.40
C GLY A 57 -8.99 -10.54 -11.06
N GLU A 58 -9.82 -11.33 -11.73
CA GLU A 58 -9.33 -12.52 -12.40
C GLU A 58 -8.51 -13.39 -11.44
N GLY A 59 -9.22 -14.20 -10.68
CA GLY A 59 -8.58 -15.08 -9.72
C GLY A 59 -9.30 -15.05 -8.37
N ASP A 60 -8.72 -15.75 -7.41
CA ASP A 60 -9.30 -15.81 -6.08
C ASP A 60 -10.69 -16.43 -6.16
N LEU A 61 -11.17 -16.88 -5.01
CA LEU A 61 -12.49 -17.51 -4.95
C LEU A 61 -13.30 -16.85 -3.82
N ASN A 62 -13.58 -15.57 -4.02
CA ASN A 62 -14.35 -14.82 -3.04
C ASN A 62 -15.42 -14.00 -3.76
N PHE A 63 -16.44 -13.61 -2.99
CA PHE A 63 -17.54 -12.83 -3.54
C PHE A 63 -18.43 -12.29 -2.43
N SER A 64 -18.24 -11.02 -2.13
CA SER A 64 -19.03 -10.38 -1.09
C SER A 64 -18.70 -10.98 0.28
N ASP A 65 -18.98 -10.21 1.32
CA ASP A 65 -18.71 -10.66 2.68
C ASP A 65 -19.94 -10.39 3.55
N ASP A 66 -20.27 -11.36 4.38
CA ASP A 66 -21.41 -11.23 5.28
C ASP A 66 -20.94 -10.65 6.61
N SER A 67 -21.86 -9.94 7.26
CA SER A 67 -21.55 -9.32 8.54
C SER A 67 -22.78 -9.43 9.46
N GLY A 68 -22.53 -9.16 10.74
CA GLY A 68 -23.59 -9.20 11.73
C GLY A 68 -24.04 -7.80 12.13
N ILE A 69 -23.20 -7.13 12.89
CA ILE A 69 -23.51 -5.79 13.35
C ILE A 69 -24.81 -5.80 14.14
N SER A 70 -24.73 -6.35 15.35
CA SER A 70 -25.89 -6.43 16.22
C SER A 70 -25.45 -6.69 17.66
N GLY A 71 -26.35 -6.39 18.58
CA GLY A 71 -26.07 -6.59 19.99
C GLY A 71 -27.24 -6.11 20.86
N PRO A 72 -28.11 -7.08 21.24
CA PRO A 72 -29.27 -6.77 22.06
C PRO A 72 -28.85 -6.53 23.51
N SER A 73 -29.85 -6.16 24.32
CA SER A 73 -29.60 -5.89 25.72
C SER A 73 -28.36 -5.00 25.88
N SER A 74 -28.59 -3.70 25.80
CA SER A 74 -27.51 -2.74 25.93
C SER A 74 -28.07 -1.33 26.12
N GLY A 75 -27.99 -0.85 27.34
CA GLY A 75 -28.49 0.48 27.66
C GLY A 75 -27.44 1.54 27.38
N GLY A 1 26.29 13.87 0.94
CA GLY A 1 25.87 13.01 -0.15
C GLY A 1 24.54 13.47 -0.73
N SER A 2 23.46 12.97 -0.14
CA SER A 2 22.13 13.32 -0.59
C SER A 2 21.79 14.75 -0.19
N SER A 3 21.86 15.00 1.12
CA SER A 3 21.57 16.32 1.66
C SER A 3 20.37 16.92 0.92
N GLY A 4 19.18 16.48 1.31
CA GLY A 4 17.96 16.98 0.69
C GLY A 4 16.83 15.97 0.83
N SER A 5 16.30 15.89 2.05
CA SER A 5 15.21 14.97 2.34
C SER A 5 15.52 13.59 1.74
N SER A 6 16.12 12.74 2.57
CA SER A 6 16.47 11.40 2.14
C SER A 6 15.22 10.66 1.67
N GLY A 7 15.44 9.68 0.80
CA GLY A 7 14.34 8.89 0.28
C GLY A 7 14.55 7.40 0.58
N GLN A 8 14.56 6.61 -0.49
CA GLN A 8 14.74 5.17 -0.35
C GLN A 8 13.56 4.56 0.41
N ILE A 9 13.19 3.36 -0.02
CA ILE A 9 12.08 2.66 0.61
C ILE A 9 12.19 2.80 2.13
N ASP A 10 11.05 2.92 2.78
CA ASP A 10 11.00 3.06 4.22
C ASP A 10 10.41 1.78 4.83
N PHE A 11 11.30 0.92 5.29
CA PHE A 11 10.89 -0.34 5.90
C PHE A 11 9.98 -0.08 7.10
N GLN A 12 10.46 0.76 8.01
CA GLN A 12 9.70 1.09 9.20
C GLN A 12 8.25 1.43 8.83
N VAL A 13 8.11 2.19 7.75
CA VAL A 13 6.80 2.59 7.28
C VAL A 13 6.10 1.39 6.64
N LEU A 14 6.90 0.58 5.98
CA LEU A 14 6.37 -0.61 5.31
C LEU A 14 5.88 -1.60 6.37
N HIS A 15 6.79 -1.98 7.25
CA HIS A 15 6.46 -2.93 8.30
C HIS A 15 5.08 -2.60 8.86
N ASP A 16 4.96 -1.40 9.39
CA ASP A 16 3.70 -0.94 9.97
C ASP A 16 2.55 -1.42 9.08
N LEU A 17 2.76 -1.31 7.78
CA LEU A 17 1.74 -1.72 6.82
C LEU A 17 1.76 -3.25 6.70
N ARG A 18 2.96 -3.79 6.57
CA ARG A 18 3.13 -5.23 6.43
C ARG A 18 2.17 -5.96 7.38
N GLN A 19 1.85 -5.30 8.47
CA GLN A 19 0.96 -5.87 9.47
C GLN A 19 -0.50 -5.68 9.03
N LYS A 20 -0.80 -4.45 8.63
CA LYS A 20 -2.15 -4.12 8.18
C LYS A 20 -2.44 -4.87 6.88
N PHE A 21 -1.44 -4.92 6.02
CA PHE A 21 -1.58 -5.58 4.73
C PHE A 21 -0.47 -6.61 4.53
N PRO A 22 -0.55 -7.72 5.32
CA PRO A 22 0.44 -8.78 5.23
C PRO A 22 0.23 -9.61 3.96
N GLU A 23 -1.03 -9.83 3.63
CA GLU A 23 -1.37 -10.61 2.46
C GLU A 23 -0.90 -9.90 1.19
N VAL A 24 -1.25 -8.63 1.09
CA VAL A 24 -0.87 -7.82 -0.05
C VAL A 24 0.60 -8.07 -0.38
N PRO A 25 0.91 -8.08 -1.69
CA PRO A 25 2.26 -8.31 -2.15
C PRO A 25 3.13 -7.06 -1.93
N GLU A 26 4.12 -7.21 -1.07
CA GLU A 26 5.02 -6.11 -0.76
C GLU A 26 5.44 -5.39 -2.05
N VAL A 27 5.95 -6.16 -2.98
CA VAL A 27 6.39 -5.61 -4.25
C VAL A 27 5.39 -4.54 -4.70
N VAL A 28 4.12 -4.89 -4.63
CA VAL A 28 3.07 -3.97 -5.03
C VAL A 28 3.05 -2.79 -4.07
N VAL A 29 3.10 -3.09 -2.78
CA VAL A 29 3.10 -2.06 -1.77
C VAL A 29 4.20 -1.05 -2.05
N SER A 30 5.42 -1.56 -2.12
CA SER A 30 6.58 -0.71 -2.38
C SER A 30 6.22 0.33 -3.44
N ARG A 31 5.96 -0.16 -4.65
CA ARG A 31 5.62 0.72 -5.76
C ARG A 31 4.69 1.83 -5.28
N CYS A 32 3.81 1.47 -4.36
CA CYS A 32 2.86 2.42 -3.81
C CYS A 32 3.63 3.46 -3.00
N MET A 33 4.43 2.95 -2.07
CA MET A 33 5.23 3.82 -1.21
C MET A 33 6.06 4.80 -2.06
N LEU A 34 6.84 4.23 -2.97
CA LEU A 34 7.69 5.02 -3.84
C LEU A 34 6.83 6.06 -4.56
N GLN A 35 5.53 5.79 -4.61
CA GLN A 35 4.60 6.68 -5.27
C GLN A 35 4.09 7.73 -4.29
N ASN A 36 3.77 7.28 -3.08
CA ASN A 36 3.28 8.17 -2.05
C ASN A 36 4.46 8.66 -1.20
N ASN A 37 5.62 8.77 -1.84
CA ASN A 37 6.82 9.21 -1.15
C ASN A 37 6.89 8.54 0.22
N ASN A 38 6.86 7.22 0.19
CA ASN A 38 6.93 6.44 1.43
C ASN A 38 5.99 7.06 2.46
N ASN A 39 4.74 6.62 2.41
CA ASN A 39 3.73 7.11 3.33
C ASN A 39 3.13 5.93 4.10
N LEU A 40 2.54 6.27 5.25
CA LEU A 40 1.92 5.24 6.08
C LEU A 40 0.44 5.12 5.73
N ASP A 41 -0.33 6.11 6.17
CA ASP A 41 -1.76 6.14 5.91
C ASP A 41 -1.99 6.20 4.40
N ALA A 42 -1.39 7.20 3.77
CA ALA A 42 -1.52 7.38 2.34
C ALA A 42 -1.45 6.01 1.64
N CYS A 43 -0.46 5.23 2.06
CA CYS A 43 -0.27 3.91 1.49
C CYS A 43 -1.40 3.01 1.99
N CYS A 44 -1.68 3.13 3.28
CA CYS A 44 -2.73 2.34 3.90
C CYS A 44 -3.98 2.43 3.03
N ALA A 45 -4.48 3.65 2.89
CA ALA A 45 -5.66 3.88 2.09
C ALA A 45 -5.51 3.20 0.73
N VAL A 46 -4.60 3.75 -0.06
CA VAL A 46 -4.34 3.21 -1.39
C VAL A 46 -4.32 1.68 -1.32
N LEU A 47 -3.65 1.18 -0.27
CA LEU A 47 -3.56 -0.26 -0.08
C LEU A 47 -4.95 -0.84 0.14
N SER A 48 -5.65 -0.27 1.10
CA SER A 48 -7.00 -0.72 1.42
C SER A 48 -7.82 -0.84 0.14
N GLN A 49 -7.85 0.25 -0.61
CA GLN A 49 -8.60 0.28 -1.86
C GLN A 49 -7.95 -0.67 -2.89
N GLU A 50 -6.63 -0.63 -2.93
CA GLU A 50 -5.88 -1.47 -3.85
C GLU A 50 -6.21 -2.94 -3.61
N SER A 51 -6.05 -3.36 -2.36
CA SER A 51 -6.32 -4.74 -1.99
C SER A 51 -7.58 -5.24 -2.71
N THR A 52 -8.70 -4.61 -2.38
CA THR A 52 -9.97 -4.99 -2.99
C THR A 52 -9.79 -5.20 -4.49
N ARG A 53 -9.03 -4.30 -5.10
CA ARG A 53 -8.78 -4.39 -6.53
C ARG A 53 -8.14 -5.73 -6.88
N TYR A 54 -7.24 -6.16 -6.02
CA TYR A 54 -6.54 -7.42 -6.22
C TYR A 54 -7.34 -8.59 -5.64
N LEU A 55 -8.19 -8.26 -4.68
CA LEU A 55 -9.02 -9.26 -4.03
C LEU A 55 -10.14 -9.68 -4.99
N TYR A 56 -10.28 -8.92 -6.06
CA TYR A 56 -11.30 -9.20 -7.05
C TYR A 56 -10.86 -8.73 -8.44
N GLY A 57 -10.23 -9.63 -9.16
CA GLY A 57 -9.75 -9.33 -10.49
C GLY A 57 -8.64 -10.29 -10.93
N GLU A 58 -7.54 -9.70 -11.38
CA GLU A 58 -6.40 -10.51 -11.81
C GLU A 58 -6.82 -11.47 -12.92
N GLY A 59 -6.43 -11.13 -14.14
CA GLY A 59 -6.76 -11.97 -15.29
C GLY A 59 -5.96 -13.27 -15.27
N ASP A 60 -6.27 -14.10 -14.28
CA ASP A 60 -5.59 -15.38 -14.14
C ASP A 60 -6.15 -16.12 -12.93
N LEU A 61 -5.81 -17.40 -12.84
CA LEU A 61 -6.27 -18.22 -11.73
C LEU A 61 -5.50 -17.84 -10.46
N ASN A 62 -4.57 -18.73 -10.08
CA ASN A 62 -3.77 -18.50 -8.91
C ASN A 62 -4.61 -18.76 -7.65
N PHE A 63 -3.99 -19.40 -6.68
CA PHE A 63 -4.67 -19.72 -5.44
C PHE A 63 -5.97 -20.48 -5.70
N SER A 64 -6.56 -20.97 -4.62
CA SER A 64 -7.81 -21.71 -4.73
C SER A 64 -8.94 -20.94 -4.05
N ASP A 65 -10.15 -21.25 -4.46
CA ASP A 65 -11.33 -20.59 -3.90
C ASP A 65 -11.56 -21.10 -2.48
N ASP A 66 -12.43 -20.40 -1.76
CA ASP A 66 -12.74 -20.76 -0.39
C ASP A 66 -13.97 -19.97 0.07
N SER A 67 -14.63 -20.50 1.09
CA SER A 67 -15.80 -19.85 1.63
C SER A 67 -16.10 -20.38 3.04
N GLY A 68 -16.97 -19.68 3.73
CA GLY A 68 -17.34 -20.07 5.09
C GLY A 68 -18.37 -19.10 5.68
N ILE A 69 -19.51 -19.66 6.05
CA ILE A 69 -20.58 -18.87 6.62
C ILE A 69 -20.30 -18.63 8.11
N SER A 70 -20.15 -17.37 8.46
CA SER A 70 -19.87 -16.99 9.83
C SER A 70 -21.18 -16.65 10.55
N GLY A 71 -21.16 -16.85 11.87
CA GLY A 71 -22.33 -16.58 12.68
C GLY A 71 -21.96 -15.76 13.92
N PRO A 72 -22.98 -15.08 14.50
CA PRO A 72 -22.78 -14.27 15.69
C PRO A 72 -22.62 -15.15 16.93
N SER A 73 -22.09 -14.55 17.98
CA SER A 73 -21.89 -15.26 19.23
C SER A 73 -22.33 -14.39 20.41
N SER A 74 -22.88 -15.05 21.42
CA SER A 74 -23.35 -14.34 22.60
C SER A 74 -22.16 -14.05 23.53
N GLY A 75 -22.37 -13.07 24.40
CA GLY A 75 -21.33 -12.68 25.34
C GLY A 75 -21.70 -11.38 26.06
N GLY A 1 8.15 16.30 16.42
CA GLY A 1 8.13 16.03 14.98
C GLY A 1 7.21 14.86 14.66
N SER A 2 7.66 14.04 13.72
CA SER A 2 6.89 12.88 13.31
C SER A 2 7.80 11.85 12.64
N SER A 3 8.46 12.29 11.59
CA SER A 3 9.37 11.41 10.86
C SER A 3 10.26 12.25 9.93
N GLY A 4 11.43 11.69 9.63
CA GLY A 4 12.37 12.38 8.76
C GLY A 4 12.87 11.43 7.66
N SER A 5 13.81 11.94 6.87
CA SER A 5 14.36 11.16 5.78
C SER A 5 13.27 10.80 4.77
N SER A 6 13.57 11.07 3.50
CA SER A 6 12.63 10.78 2.44
C SER A 6 13.37 10.56 1.12
N GLY A 7 12.89 9.60 0.36
CA GLY A 7 13.50 9.28 -0.93
C GLY A 7 13.49 7.78 -1.18
N GLN A 8 14.27 7.07 -0.39
CA GLN A 8 14.36 5.62 -0.52
C GLN A 8 13.25 4.95 0.28
N ILE A 9 12.83 3.80 -0.21
CA ILE A 9 11.77 3.04 0.45
C ILE A 9 11.99 3.09 1.97
N ASP A 10 10.88 3.15 2.70
CA ASP A 10 10.94 3.20 4.15
C ASP A 10 10.36 1.91 4.72
N PHE A 11 11.26 1.02 5.10
CA PHE A 11 10.85 -0.26 5.66
C PHE A 11 10.00 -0.06 6.92
N GLN A 12 10.55 0.68 7.87
CA GLN A 12 9.86 0.95 9.11
C GLN A 12 8.41 1.35 8.84
N VAL A 13 8.23 2.11 7.77
CA VAL A 13 6.90 2.55 7.38
C VAL A 13 6.16 1.41 6.69
N LEU A 14 6.92 0.63 5.93
CA LEU A 14 6.34 -0.50 5.22
C LEU A 14 5.86 -1.55 6.24
N HIS A 15 6.79 -1.99 7.07
CA HIS A 15 6.48 -2.98 8.09
C HIS A 15 5.12 -2.66 8.71
N ASP A 16 5.03 -1.48 9.30
CA ASP A 16 3.80 -1.05 9.93
C ASP A 16 2.61 -1.41 9.03
N LEU A 17 2.82 -1.19 7.73
CA LEU A 17 1.78 -1.49 6.76
C LEU A 17 1.64 -3.00 6.60
N ARG A 18 2.78 -3.64 6.37
CA ARG A 18 2.79 -5.09 6.20
C ARG A 18 1.82 -5.75 7.17
N GLN A 19 2.05 -5.49 8.45
CA GLN A 19 1.21 -6.05 9.49
C GLN A 19 -0.27 -5.84 9.15
N LYS A 20 -0.57 -4.64 8.68
CA LYS A 20 -1.94 -4.30 8.31
C LYS A 20 -2.30 -5.01 7.00
N PHE A 21 -1.33 -5.08 6.11
CA PHE A 21 -1.53 -5.74 4.83
C PHE A 21 -0.47 -6.80 4.58
N PRO A 22 -0.56 -7.92 5.35
CA PRO A 22 0.39 -9.00 5.22
C PRO A 22 0.11 -9.82 3.95
N GLU A 23 -1.17 -9.97 3.65
CA GLU A 23 -1.56 -10.72 2.47
C GLU A 23 -1.13 -9.99 1.19
N VAL A 24 -1.32 -8.68 1.20
CA VAL A 24 -0.95 -7.86 0.07
C VAL A 24 0.52 -8.10 -0.28
N PRO A 25 0.81 -8.10 -1.61
CA PRO A 25 2.17 -8.31 -2.07
C PRO A 25 3.03 -7.07 -1.84
N GLU A 26 3.97 -7.20 -0.91
CA GLU A 26 4.86 -6.11 -0.59
C GLU A 26 5.31 -5.39 -1.87
N VAL A 27 5.84 -6.17 -2.80
CA VAL A 27 6.30 -5.63 -4.06
C VAL A 27 5.32 -4.55 -4.53
N VAL A 28 4.04 -4.88 -4.43
CA VAL A 28 3.00 -3.95 -4.85
C VAL A 28 2.96 -2.77 -3.88
N VAL A 29 2.99 -3.10 -2.60
CA VAL A 29 2.95 -2.07 -1.55
C VAL A 29 4.04 -1.03 -1.84
N SER A 30 5.27 -1.52 -1.98
CA SER A 30 6.39 -0.64 -2.24
C SER A 30 6.02 0.38 -3.30
N ARG A 31 5.65 -0.12 -4.47
CA ARG A 31 5.27 0.75 -5.57
C ARG A 31 4.37 1.89 -5.07
N CYS A 32 3.45 1.52 -4.19
CA CYS A 32 2.54 2.50 -3.62
C CYS A 32 3.35 3.51 -2.81
N MET A 33 4.18 2.99 -1.93
CA MET A 33 5.01 3.83 -1.09
C MET A 33 5.88 4.76 -1.94
N LEU A 34 6.66 4.16 -2.82
CA LEU A 34 7.54 4.91 -3.70
C LEU A 34 6.72 6.00 -4.41
N GLN A 35 5.43 5.72 -4.56
CA GLN A 35 4.54 6.66 -5.21
C GLN A 35 4.14 7.77 -4.26
N ASN A 36 3.82 7.36 -3.03
CA ASN A 36 3.42 8.32 -2.00
C ASN A 36 4.65 8.75 -1.20
N ASN A 37 5.81 8.51 -1.79
CA ASN A 37 7.07 8.86 -1.14
C ASN A 37 7.09 8.25 0.26
N ASN A 38 7.11 6.93 0.30
CA ASN A 38 7.14 6.21 1.56
C ASN A 38 6.15 6.87 2.53
N ASN A 39 4.91 6.40 2.48
CA ASN A 39 3.87 6.93 3.35
C ASN A 39 3.20 5.78 4.09
N LEU A 40 2.68 6.09 5.27
CA LEU A 40 2.01 5.10 6.10
C LEU A 40 0.53 5.08 5.76
N ASP A 41 -0.16 6.12 6.22
CA ASP A 41 -1.59 6.24 5.97
C ASP A 41 -1.84 6.31 4.46
N ALA A 42 -1.19 7.27 3.83
CA ALA A 42 -1.33 7.46 2.39
C ALA A 42 -1.34 6.09 1.71
N CYS A 43 -0.35 5.27 2.07
CA CYS A 43 -0.24 3.95 1.50
C CYS A 43 -1.47 3.13 1.91
N CYS A 44 -1.69 3.06 3.21
CA CYS A 44 -2.83 2.33 3.73
C CYS A 44 -4.05 2.65 2.86
N ALA A 45 -4.36 3.93 2.79
CA ALA A 45 -5.49 4.39 1.99
C ALA A 45 -5.54 3.60 0.69
N VAL A 46 -4.52 3.80 -0.13
CA VAL A 46 -4.43 3.12 -1.41
C VAL A 46 -4.52 1.61 -1.19
N LEU A 47 -3.62 1.11 -0.35
CA LEU A 47 -3.58 -0.30 -0.05
C LEU A 47 -5.01 -0.82 0.11
N SER A 48 -5.72 -0.24 1.06
CA SER A 48 -7.09 -0.62 1.32
C SER A 48 -7.82 -0.90 0.00
N GLN A 49 -7.60 -0.01 -0.95
CA GLN A 49 -8.21 -0.14 -2.25
C GLN A 49 -7.43 -1.12 -3.13
N GLU A 50 -6.19 -0.75 -3.40
CA GLU A 50 -5.33 -1.59 -4.21
C GLU A 50 -5.54 -3.06 -3.89
N SER A 51 -5.54 -3.35 -2.59
CA SER A 51 -5.74 -4.71 -2.13
C SER A 51 -6.93 -5.34 -2.85
N THR A 52 -8.09 -4.76 -2.64
CA THR A 52 -9.31 -5.26 -3.26
C THR A 52 -9.04 -5.64 -4.72
N ARG A 53 -8.53 -4.67 -5.47
CA ARG A 53 -8.22 -4.89 -6.87
C ARG A 53 -7.64 -6.29 -7.07
N TYR A 54 -6.75 -6.67 -6.17
CA TYR A 54 -6.12 -7.97 -6.23
C TYR A 54 -6.93 -9.02 -5.49
N LEU A 55 -7.43 -8.62 -4.32
CA LEU A 55 -8.23 -9.51 -3.50
C LEU A 55 -9.31 -8.70 -2.78
N TYR A 56 -9.18 -8.64 -1.47
CA TYR A 56 -10.14 -7.91 -0.66
C TYR A 56 -9.45 -7.27 0.56
N GLY A 57 -9.04 -6.02 0.38
CA GLY A 57 -8.38 -5.30 1.44
C GLY A 57 -9.26 -5.23 2.69
N GLU A 58 -9.84 -4.06 2.91
CA GLU A 58 -10.70 -3.86 4.06
C GLU A 58 -11.71 -2.73 3.78
N GLY A 59 -12.98 -3.08 3.88
CA GLY A 59 -14.04 -2.13 3.63
C GLY A 59 -14.81 -1.82 4.92
N ASP A 60 -14.14 -1.11 5.81
CA ASP A 60 -14.74 -0.75 7.09
C ASP A 60 -13.71 -0.02 7.95
N LEU A 61 -14.18 1.07 8.56
CA LEU A 61 -13.31 1.87 9.40
C LEU A 61 -12.05 2.25 8.63
N ASN A 62 -12.18 3.29 7.83
CA ASN A 62 -11.06 3.76 7.03
C ASN A 62 -11.42 5.12 6.40
N PHE A 63 -11.03 6.17 7.10
CA PHE A 63 -11.30 7.52 6.63
C PHE A 63 -10.34 8.53 7.25
N SER A 64 -9.51 9.11 6.41
CA SER A 64 -8.54 10.10 6.87
C SER A 64 -8.01 10.91 5.69
N ASP A 65 -8.22 12.21 5.77
CA ASP A 65 -7.77 13.11 4.72
C ASP A 65 -7.29 14.42 5.33
N ASP A 66 -6.03 14.74 5.07
CA ASP A 66 -5.43 15.95 5.59
C ASP A 66 -4.72 16.70 4.45
N SER A 67 -4.61 18.01 4.63
CA SER A 67 -3.97 18.85 3.63
C SER A 67 -3.53 20.17 4.27
N GLY A 68 -2.66 20.87 3.56
CA GLY A 68 -2.16 22.14 4.03
C GLY A 68 -0.88 21.97 4.85
N ILE A 69 0.17 21.55 4.15
CA ILE A 69 1.45 21.33 4.81
C ILE A 69 2.55 22.02 3.99
N SER A 70 3.58 22.48 4.71
CA SER A 70 4.69 23.16 4.07
C SER A 70 5.95 23.00 4.92
N GLY A 71 7.06 23.43 4.35
CA GLY A 71 8.34 23.34 5.03
C GLY A 71 9.50 23.71 4.10
N PRO A 72 9.93 24.99 4.20
CA PRO A 72 11.02 25.48 3.38
C PRO A 72 12.37 24.95 3.87
N SER A 73 13.39 25.15 3.05
CA SER A 73 14.72 24.70 3.38
C SER A 73 15.75 25.77 3.00
N SER A 74 16.91 25.68 3.64
CA SER A 74 17.98 26.62 3.38
C SER A 74 19.30 25.89 3.18
N GLY A 75 19.79 25.94 1.95
CA GLY A 75 21.04 25.27 1.61
C GLY A 75 22.14 26.30 1.34
N GLY A 1 14.57 5.66 14.48
CA GLY A 1 14.68 6.76 13.54
C GLY A 1 15.65 6.40 12.41
N SER A 2 15.13 5.73 11.39
CA SER A 2 15.94 5.33 10.26
C SER A 2 15.53 6.13 9.02
N SER A 3 16.37 6.06 8.00
CA SER A 3 16.11 6.77 6.76
C SER A 3 15.53 8.15 7.06
N GLY A 4 16.42 9.11 7.22
CA GLY A 4 16.02 10.47 7.51
C GLY A 4 15.69 11.23 6.22
N SER A 5 16.71 11.82 5.63
CA SER A 5 16.55 12.57 4.39
C SER A 5 17.16 11.81 3.23
N SER A 6 16.32 11.01 2.58
CA SER A 6 16.75 10.21 1.45
C SER A 6 15.55 9.51 0.81
N GLY A 7 15.53 9.54 -0.51
CA GLY A 7 14.45 8.92 -1.26
C GLY A 7 14.69 7.42 -1.42
N GLN A 8 14.34 6.68 -0.37
CA GLN A 8 14.50 5.24 -0.39
C GLN A 8 13.37 4.57 0.39
N ILE A 9 13.08 3.33 0.00
CA ILE A 9 12.03 2.57 0.64
C ILE A 9 12.15 2.70 2.16
N ASP A 10 11.01 2.80 2.81
CA ASP A 10 10.97 2.93 4.25
C ASP A 10 10.38 1.66 4.87
N PHE A 11 11.26 0.83 5.40
CA PHE A 11 10.84 -0.41 6.02
C PHE A 11 9.96 -0.15 7.24
N GLN A 12 10.40 0.79 8.06
CA GLN A 12 9.66 1.15 9.26
C GLN A 12 8.21 1.50 8.90
N VAL A 13 8.07 2.21 7.79
CA VAL A 13 6.76 2.61 7.33
C VAL A 13 6.05 1.41 6.68
N LEU A 14 6.85 0.61 6.00
CA LEU A 14 6.32 -0.57 5.32
C LEU A 14 5.81 -1.56 6.37
N HIS A 15 6.69 -1.92 7.29
CA HIS A 15 6.35 -2.85 8.34
C HIS A 15 4.97 -2.51 8.91
N ASP A 16 4.84 -1.26 9.36
CA ASP A 16 3.59 -0.79 9.92
C ASP A 16 2.43 -1.20 9.00
N LEU A 17 2.71 -1.21 7.71
CA LEU A 17 1.72 -1.58 6.72
C LEU A 17 1.69 -3.10 6.59
N ARG A 18 2.88 -3.70 6.63
CA ARG A 18 2.99 -5.14 6.53
C ARG A 18 2.03 -5.83 7.50
N GLN A 19 1.80 -5.16 8.62
CA GLN A 19 0.91 -5.70 9.64
C GLN A 19 -0.54 -5.61 9.18
N LYS A 20 -0.84 -4.54 8.44
CA LYS A 20 -2.18 -4.32 7.94
C LYS A 20 -2.37 -5.14 6.65
N PHE A 21 -1.33 -5.14 5.83
CA PHE A 21 -1.36 -5.87 4.58
C PHE A 21 -0.16 -6.81 4.45
N PRO A 22 -0.19 -7.89 5.28
CA PRO A 22 0.88 -8.86 5.27
C PRO A 22 0.78 -9.77 4.04
N GLU A 23 -0.45 -10.09 3.67
CA GLU A 23 -0.69 -10.94 2.52
C GLU A 23 -0.33 -10.20 1.22
N VAL A 24 -0.72 -8.93 1.18
CA VAL A 24 -0.45 -8.11 0.01
C VAL A 24 1.02 -8.27 -0.38
N PRO A 25 1.26 -8.26 -1.72
CA PRO A 25 2.60 -8.40 -2.24
C PRO A 25 3.40 -7.11 -2.07
N GLU A 26 4.44 -7.20 -1.25
CA GLU A 26 5.29 -6.05 -0.99
C GLU A 26 5.61 -5.32 -2.29
N VAL A 27 6.13 -6.08 -3.25
CA VAL A 27 6.49 -5.51 -4.54
C VAL A 27 5.42 -4.50 -4.96
N VAL A 28 4.17 -4.88 -4.77
CA VAL A 28 3.05 -4.03 -5.12
C VAL A 28 3.01 -2.83 -4.15
N VAL A 29 3.10 -3.16 -2.88
CA VAL A 29 3.06 -2.13 -1.85
C VAL A 29 4.18 -1.11 -2.11
N SER A 30 5.40 -1.62 -2.20
CA SER A 30 6.55 -0.77 -2.45
C SER A 30 6.21 0.28 -3.52
N ARG A 31 5.94 -0.22 -4.72
CA ARG A 31 5.60 0.65 -5.82
C ARG A 31 4.66 1.76 -5.36
N CYS A 32 3.77 1.39 -4.44
CA CYS A 32 2.81 2.35 -3.90
C CYS A 32 3.57 3.39 -3.09
N MET A 33 4.42 2.90 -2.19
CA MET A 33 5.21 3.79 -1.36
C MET A 33 6.07 4.74 -2.21
N LEU A 34 6.89 4.13 -3.05
CA LEU A 34 7.77 4.90 -3.92
C LEU A 34 6.95 5.98 -4.62
N GLN A 35 5.68 5.70 -4.79
CA GLN A 35 4.77 6.64 -5.44
C GLN A 35 4.27 7.68 -4.44
N ASN A 36 4.09 7.22 -3.21
CA ASN A 36 3.61 8.10 -2.15
C ASN A 36 4.79 8.52 -1.27
N ASN A 37 5.94 8.65 -1.91
CA ASN A 37 7.16 9.05 -1.19
C ASN A 37 7.19 8.33 0.15
N ASN A 38 6.88 7.04 0.12
CA ASN A 38 6.89 6.24 1.33
C ASN A 38 5.99 6.90 2.39
N ASN A 39 4.75 6.44 2.44
CA ASN A 39 3.79 6.97 3.39
C ASN A 39 3.18 5.83 4.19
N LEU A 40 2.60 6.19 5.33
CA LEU A 40 1.98 5.21 6.19
C LEU A 40 0.49 5.09 5.84
N ASP A 41 -0.26 6.11 6.24
CA ASP A 41 -1.69 6.14 5.97
C ASP A 41 -1.92 6.27 4.47
N ALA A 42 -1.34 7.31 3.90
CA ALA A 42 -1.46 7.58 2.48
C ALA A 42 -1.37 6.26 1.72
N CYS A 43 -0.55 5.36 2.25
CA CYS A 43 -0.36 4.06 1.63
C CYS A 43 -1.53 3.16 2.02
N CYS A 44 -1.67 2.96 3.33
CA CYS A 44 -2.74 2.13 3.84
C CYS A 44 -4.03 2.47 3.09
N ALA A 45 -4.39 3.74 3.17
CA ALA A 45 -5.59 4.21 2.49
C ALA A 45 -5.70 3.55 1.11
N VAL A 46 -4.58 3.55 0.40
CA VAL A 46 -4.53 2.95 -0.92
C VAL A 46 -4.55 1.43 -0.79
N LEU A 47 -3.58 0.92 -0.04
CA LEU A 47 -3.46 -0.51 0.17
C LEU A 47 -4.86 -1.10 0.43
N SER A 48 -5.72 -0.25 0.98
CA SER A 48 -7.08 -0.67 1.28
C SER A 48 -7.89 -0.78 0.00
N GLN A 49 -7.80 0.25 -0.82
CA GLN A 49 -8.52 0.28 -2.09
C GLN A 49 -7.85 -0.65 -3.09
N GLU A 50 -6.53 -0.70 -3.03
CA GLU A 50 -5.77 -1.55 -3.92
C GLU A 50 -6.08 -3.02 -3.66
N SER A 51 -6.00 -3.39 -2.39
CA SER A 51 -6.27 -4.76 -2.00
C SER A 51 -7.51 -5.29 -2.73
N THR A 52 -8.65 -4.71 -2.38
CA THR A 52 -9.90 -5.11 -3.00
C THR A 52 -9.77 -5.12 -4.53
N ARG A 53 -8.82 -4.34 -5.01
CA ARG A 53 -8.57 -4.26 -6.44
C ARG A 53 -7.96 -5.56 -6.95
N TYR A 54 -7.12 -6.16 -6.12
CA TYR A 54 -6.47 -7.40 -6.47
C TYR A 54 -7.31 -8.60 -6.03
N LEU A 55 -8.24 -8.34 -5.13
CA LEU A 55 -9.11 -9.38 -4.61
C LEU A 55 -10.34 -9.50 -5.51
N TYR A 56 -11.48 -9.09 -4.96
CA TYR A 56 -12.72 -9.14 -5.69
C TYR A 56 -12.68 -8.23 -6.92
N GLY A 57 -11.72 -7.32 -6.91
CA GLY A 57 -11.56 -6.39 -8.01
C GLY A 57 -12.77 -5.47 -8.13
N GLU A 58 -12.50 -4.17 -8.17
CA GLU A 58 -13.56 -3.19 -8.29
C GLU A 58 -14.35 -3.42 -9.58
N GLY A 59 -15.62 -3.76 -9.40
CA GLY A 59 -16.49 -4.01 -10.54
C GLY A 59 -17.28 -5.30 -10.35
N ASP A 60 -16.56 -6.39 -10.20
CA ASP A 60 -17.17 -7.69 -10.02
C ASP A 60 -18.03 -7.66 -8.75
N LEU A 61 -19.03 -8.53 -8.74
CA LEU A 61 -19.94 -8.60 -7.60
C LEU A 61 -19.18 -9.19 -6.40
N ASN A 62 -19.49 -10.45 -6.10
CA ASN A 62 -18.86 -11.13 -4.99
C ASN A 62 -18.27 -12.46 -5.48
N PHE A 63 -17.29 -12.94 -4.73
CA PHE A 63 -16.64 -14.20 -5.07
C PHE A 63 -17.34 -15.37 -4.39
N SER A 64 -17.76 -16.33 -5.20
CA SER A 64 -18.44 -17.50 -4.67
C SER A 64 -17.56 -18.19 -3.62
N ASP A 65 -17.86 -17.90 -2.36
CA ASP A 65 -17.11 -18.49 -1.27
C ASP A 65 -17.68 -17.96 0.06
N ASP A 66 -17.50 -18.76 1.10
CA ASP A 66 -17.98 -18.39 2.42
C ASP A 66 -17.06 -19.02 3.48
N SER A 67 -16.82 -18.24 4.53
CA SER A 67 -15.97 -18.70 5.61
C SER A 67 -16.05 -17.72 6.78
N GLY A 68 -17.11 -17.87 7.57
CA GLY A 68 -17.31 -17.02 8.72
C GLY A 68 -18.76 -17.09 9.21
N ILE A 69 -18.92 -17.62 10.41
CA ILE A 69 -20.24 -17.75 11.01
C ILE A 69 -20.15 -17.45 12.51
N SER A 70 -21.08 -16.63 12.97
CA SER A 70 -21.12 -16.25 14.38
C SER A 70 -22.44 -15.56 14.69
N GLY A 71 -22.76 -15.50 15.98
CA GLY A 71 -23.98 -14.88 16.43
C GLY A 71 -23.95 -14.63 17.94
N PRO A 72 -24.81 -13.66 18.38
CA PRO A 72 -24.88 -13.32 19.79
C PRO A 72 -25.63 -14.39 20.58
N SER A 73 -25.83 -14.11 21.86
CA SER A 73 -26.52 -15.04 22.73
C SER A 73 -27.39 -14.27 23.72
N SER A 74 -26.76 -13.37 24.44
CA SER A 74 -27.45 -12.56 25.43
C SER A 74 -28.04 -13.46 26.53
N GLY A 75 -28.53 -12.83 27.57
CA GLY A 75 -29.11 -13.55 28.69
C GLY A 75 -30.48 -14.13 28.32
N GLY A 1 10.12 18.13 7.05
CA GLY A 1 11.17 17.13 7.25
C GLY A 1 12.37 17.41 6.34
N SER A 2 13.51 16.88 6.75
CA SER A 2 14.73 17.07 5.99
C SER A 2 14.55 16.57 4.56
N SER A 3 15.14 17.29 3.62
CA SER A 3 15.05 16.92 2.22
C SER A 3 16.38 16.34 1.74
N GLY A 4 16.31 15.10 1.25
CA GLY A 4 17.50 14.43 0.77
C GLY A 4 17.61 14.55 -0.75
N SER A 5 18.01 13.46 -1.38
CA SER A 5 18.16 13.43 -2.82
C SER A 5 17.13 12.48 -3.45
N SER A 6 17.20 11.23 -3.01
CA SER A 6 16.28 10.21 -3.51
C SER A 6 15.67 9.45 -2.34
N GLY A 7 14.41 9.78 -2.06
CA GLY A 7 13.69 9.13 -0.98
C GLY A 7 13.66 7.61 -1.16
N GLN A 8 14.54 6.95 -0.41
CA GLN A 8 14.63 5.50 -0.49
C GLN A 8 13.47 4.86 0.28
N ILE A 9 13.08 3.68 -0.19
CA ILE A 9 11.98 2.95 0.44
C ILE A 9 12.14 3.03 1.96
N ASP A 10 11.01 3.11 2.64
CA ASP A 10 11.00 3.19 4.09
C ASP A 10 10.40 1.90 4.66
N PHE A 11 11.29 1.02 5.10
CA PHE A 11 10.87 -0.24 5.67
C PHE A 11 9.97 -0.02 6.89
N GLN A 12 10.49 0.76 7.83
CA GLN A 12 9.75 1.06 9.04
C GLN A 12 8.31 1.44 8.72
N VAL A 13 8.17 2.17 7.62
CA VAL A 13 6.84 2.61 7.18
C VAL A 13 6.13 1.45 6.49
N LEU A 14 6.92 0.64 5.79
CA LEU A 14 6.37 -0.50 5.08
C LEU A 14 5.86 -1.53 6.09
N HIS A 15 6.76 -1.95 6.97
CA HIS A 15 6.42 -2.93 7.99
C HIS A 15 5.06 -2.57 8.60
N ASP A 16 4.95 -1.34 9.05
CA ASP A 16 3.72 -0.87 9.65
C ASP A 16 2.54 -1.26 8.75
N LEU A 17 2.76 -1.13 7.45
CA LEU A 17 1.72 -1.46 6.49
C LEU A 17 1.63 -2.99 6.37
N ARG A 18 2.77 -3.62 6.18
CA ARG A 18 2.83 -5.06 6.05
C ARG A 18 1.84 -5.72 7.01
N GLN A 19 1.97 -5.35 8.28
CA GLN A 19 1.09 -5.90 9.31
C GLN A 19 -0.37 -5.74 8.90
N LYS A 20 -0.70 -4.55 8.43
CA LYS A 20 -2.06 -4.26 8.00
C LYS A 20 -2.35 -5.02 6.71
N PHE A 21 -1.34 -5.10 5.86
CA PHE A 21 -1.47 -5.80 4.59
C PHE A 21 -0.38 -6.86 4.43
N PRO A 22 -0.51 -7.95 5.23
CA PRO A 22 0.44 -9.04 5.17
C PRO A 22 0.25 -9.89 3.92
N GLU A 23 -1.02 -10.06 3.55
CA GLU A 23 -1.35 -10.85 2.37
C GLU A 23 -0.84 -10.15 1.11
N VAL A 24 -1.05 -8.85 1.07
CA VAL A 24 -0.62 -8.05 -0.07
C VAL A 24 0.87 -8.30 -0.32
N PRO A 25 1.23 -8.32 -1.63
CA PRO A 25 2.60 -8.54 -2.02
C PRO A 25 3.46 -7.29 -1.78
N GLU A 26 4.39 -7.42 -0.86
CA GLU A 26 5.28 -6.31 -0.53
C GLU A 26 5.73 -5.59 -1.81
N VAL A 27 6.31 -6.37 -2.71
CA VAL A 27 6.79 -5.82 -3.97
C VAL A 27 5.80 -4.77 -4.47
N VAL A 28 4.52 -5.15 -4.45
CA VAL A 28 3.47 -4.25 -4.90
C VAL A 28 3.39 -3.05 -3.96
N VAL A 29 3.40 -3.37 -2.67
CA VAL A 29 3.32 -2.32 -1.66
C VAL A 29 4.38 -1.25 -1.94
N SER A 30 5.62 -1.70 -2.00
CA SER A 30 6.73 -0.81 -2.26
C SER A 30 6.34 0.21 -3.33
N ARG A 31 6.07 -0.30 -4.52
CA ARG A 31 5.68 0.55 -5.63
C ARG A 31 4.70 1.63 -5.16
N CYS A 32 3.67 1.18 -4.45
CA CYS A 32 2.67 2.09 -3.94
C CYS A 32 3.36 3.16 -3.10
N MET A 33 4.16 2.69 -2.15
CA MET A 33 4.89 3.59 -1.27
C MET A 33 5.73 4.59 -2.08
N LEU A 34 6.66 4.04 -2.86
CA LEU A 34 7.52 4.86 -3.69
C LEU A 34 6.69 5.95 -4.37
N GLN A 35 5.43 5.62 -4.62
CA GLN A 35 4.52 6.55 -5.26
C GLN A 35 4.04 7.60 -4.26
N ASN A 36 3.69 7.13 -3.07
CA ASN A 36 3.22 8.02 -2.02
C ASN A 36 4.41 8.47 -1.17
N ASN A 37 5.52 8.72 -1.85
CA ASN A 37 6.73 9.17 -1.16
C ASN A 37 6.90 8.37 0.12
N ASN A 38 6.50 7.11 0.06
CA ASN A 38 6.61 6.23 1.21
C ASN A 38 5.82 6.82 2.38
N ASN A 39 4.53 6.52 2.40
CA ASN A 39 3.66 7.02 3.45
C ASN A 39 3.08 5.84 4.24
N LEU A 40 2.55 6.16 5.41
CA LEU A 40 1.97 5.13 6.26
C LEU A 40 0.47 5.03 5.97
N ASP A 41 -0.26 6.02 6.46
CA ASP A 41 -1.70 6.06 6.27
C ASP A 41 -2.00 6.31 4.79
N ALA A 42 -1.48 7.42 4.29
CA ALA A 42 -1.68 7.80 2.91
C ALA A 42 -1.59 6.56 2.03
N CYS A 43 -0.79 5.60 2.49
CA CYS A 43 -0.60 4.36 1.75
C CYS A 43 -1.78 3.43 2.09
N CYS A 44 -1.93 3.17 3.38
CA CYS A 44 -3.00 2.29 3.83
C CYS A 44 -4.27 2.65 3.06
N ALA A 45 -4.60 3.93 3.07
CA ALA A 45 -5.79 4.42 2.38
C ALA A 45 -5.86 3.77 1.00
N VAL A 46 -4.71 3.76 0.33
CA VAL A 46 -4.62 3.18 -1.00
C VAL A 46 -4.57 1.66 -0.89
N LEU A 47 -3.58 1.18 -0.16
CA LEU A 47 -3.40 -0.25 0.04
C LEU A 47 -4.76 -0.89 0.30
N SER A 48 -5.66 -0.10 0.87
CA SER A 48 -7.00 -0.57 1.18
C SER A 48 -7.81 -0.70 -0.11
N GLN A 49 -7.77 0.35 -0.91
CA GLN A 49 -8.50 0.36 -2.17
C GLN A 49 -7.80 -0.53 -3.19
N GLU A 50 -6.49 -0.61 -3.06
CA GLU A 50 -5.69 -1.42 -3.97
C GLU A 50 -5.99 -2.90 -3.76
N SER A 51 -5.91 -3.32 -2.50
CA SER A 51 -6.17 -4.70 -2.14
C SER A 51 -7.34 -5.24 -2.96
N THR A 52 -8.40 -4.45 -3.00
CA THR A 52 -9.59 -4.83 -3.73
C THR A 52 -9.27 -5.04 -5.22
N ARG A 53 -8.59 -4.06 -5.78
CA ARG A 53 -8.21 -4.12 -7.18
C ARG A 53 -7.56 -5.46 -7.50
N TYR A 54 -6.84 -5.98 -6.51
CA TYR A 54 -6.17 -7.25 -6.66
C TYR A 54 -7.06 -8.41 -6.19
N LEU A 55 -7.83 -8.14 -5.16
CA LEU A 55 -8.73 -9.14 -4.61
C LEU A 55 -10.01 -8.46 -4.14
N TYR A 56 -10.20 -8.44 -2.83
CA TYR A 56 -11.38 -7.84 -2.24
C TYR A 56 -11.08 -7.30 -0.84
N GLY A 57 -10.77 -6.01 -0.78
CA GLY A 57 -10.46 -5.37 0.48
C GLY A 57 -11.73 -4.89 1.18
N GLU A 58 -11.72 -3.62 1.56
CA GLU A 58 -12.87 -3.05 2.24
C GLU A 58 -13.95 -2.66 1.22
N GLY A 59 -15.16 -2.50 1.73
CA GLY A 59 -16.29 -2.14 0.88
C GLY A 59 -15.96 -0.90 0.04
N ASP A 60 -16.92 -0.52 -0.79
CA ASP A 60 -16.75 0.64 -1.65
C ASP A 60 -16.82 1.91 -0.79
N LEU A 61 -16.41 3.02 -1.39
CA LEU A 61 -16.42 4.30 -0.71
C LEU A 61 -17.16 5.33 -1.56
N ASN A 62 -18.45 5.08 -1.75
CA ASN A 62 -19.27 5.97 -2.55
C ASN A 62 -19.26 7.37 -1.92
N PHE A 63 -19.51 8.36 -2.76
CA PHE A 63 -19.52 9.74 -2.31
C PHE A 63 -18.23 10.09 -1.58
N SER A 64 -18.10 11.36 -1.23
CA SER A 64 -16.93 11.84 -0.52
C SER A 64 -15.72 11.86 -1.47
N ASP A 65 -15.40 10.69 -2.00
CA ASP A 65 -14.28 10.55 -2.91
C ASP A 65 -13.00 10.99 -2.20
N ASP A 66 -11.89 10.45 -2.67
CA ASP A 66 -10.58 10.77 -2.09
C ASP A 66 -9.97 11.95 -2.86
N SER A 67 -9.09 12.66 -2.18
CA SER A 67 -8.43 13.81 -2.78
C SER A 67 -6.92 13.70 -2.58
N GLY A 68 -6.21 13.63 -3.69
CA GLY A 68 -4.76 13.52 -3.66
C GLY A 68 -4.13 14.08 -4.93
N ILE A 69 -4.00 15.39 -4.97
CA ILE A 69 -3.42 16.06 -6.13
C ILE A 69 -1.96 16.37 -5.85
N SER A 70 -1.18 15.31 -5.66
CA SER A 70 0.24 15.45 -5.39
C SER A 70 1.06 14.88 -6.54
N GLY A 71 1.88 15.73 -7.13
CA GLY A 71 2.72 15.31 -8.24
C GLY A 71 4.00 14.63 -7.73
N PRO A 72 4.11 13.31 -8.05
CA PRO A 72 5.26 12.53 -7.64
C PRO A 72 6.48 12.87 -8.50
N SER A 73 7.12 13.97 -8.16
CA SER A 73 8.29 14.42 -8.89
C SER A 73 9.56 13.97 -8.16
N SER A 74 9.67 14.40 -6.91
CA SER A 74 10.83 14.05 -6.09
C SER A 74 11.13 12.56 -6.23
N GLY A 75 10.14 11.75 -5.88
CA GLY A 75 10.29 10.30 -5.97
C GLY A 75 8.94 9.60 -5.78
N GLY A 1 10.32 6.58 18.08
CA GLY A 1 10.64 6.22 16.71
C GLY A 1 11.89 6.95 16.23
N SER A 2 12.93 6.16 15.98
CA SER A 2 14.19 6.72 15.52
C SER A 2 14.42 6.37 14.05
N SER A 3 13.84 7.18 13.18
CA SER A 3 13.96 6.97 11.75
C SER A 3 14.94 7.98 11.15
N GLY A 4 16.09 7.46 10.72
CA GLY A 4 17.11 8.30 10.12
C GLY A 4 17.50 7.80 8.73
N SER A 5 16.74 8.26 7.74
CA SER A 5 16.98 7.87 6.36
C SER A 5 16.09 8.68 5.42
N SER A 6 16.72 9.52 4.62
CA SER A 6 16.00 10.35 3.68
C SER A 6 15.78 9.58 2.37
N GLY A 7 14.62 9.82 1.77
CA GLY A 7 14.27 9.17 0.53
C GLY A 7 14.42 7.64 0.64
N GLN A 8 14.26 6.97 -0.48
CA GLN A 8 14.38 5.52 -0.53
C GLN A 8 13.26 4.88 0.28
N ILE A 9 12.83 3.71 -0.19
CA ILE A 9 11.76 2.99 0.47
C ILE A 9 11.95 3.08 1.99
N ASP A 10 10.83 3.15 2.69
CA ASP A 10 10.87 3.25 4.15
C ASP A 10 10.32 1.95 4.74
N PHE A 11 11.24 1.09 5.17
CA PHE A 11 10.87 -0.17 5.76
C PHE A 11 10.01 0.02 7.00
N GLN A 12 10.53 0.81 7.92
CA GLN A 12 9.83 1.09 9.17
C GLN A 12 8.37 1.45 8.87
N VAL A 13 8.17 2.15 7.76
CA VAL A 13 6.84 2.55 7.36
C VAL A 13 6.13 1.37 6.69
N LEU A 14 6.92 0.58 5.97
CA LEU A 14 6.38 -0.58 5.28
C LEU A 14 5.91 -1.61 6.32
N HIS A 15 6.82 -1.97 7.21
CA HIS A 15 6.50 -2.93 8.25
C HIS A 15 5.11 -2.65 8.81
N ASP A 16 4.95 -1.43 9.32
CA ASP A 16 3.68 -1.03 9.89
C ASP A 16 2.55 -1.41 8.94
N LEU A 17 2.82 -1.26 7.65
CA LEU A 17 1.84 -1.59 6.63
C LEU A 17 1.74 -3.11 6.50
N ARG A 18 2.89 -3.75 6.33
CA ARG A 18 2.94 -5.19 6.20
C ARG A 18 1.94 -5.85 7.15
N GLN A 19 1.92 -5.34 8.38
CA GLN A 19 1.02 -5.87 9.39
C GLN A 19 -0.43 -5.70 8.94
N LYS A 20 -0.75 -4.49 8.50
CA LYS A 20 -2.09 -4.19 8.05
C LYS A 20 -2.37 -4.95 6.75
N PHE A 21 -1.36 -5.02 5.91
CA PHE A 21 -1.48 -5.71 4.64
C PHE A 21 -0.37 -6.75 4.47
N PRO A 22 -0.46 -7.85 5.27
CA PRO A 22 0.53 -8.91 5.22
C PRO A 22 0.33 -9.76 3.97
N GLU A 23 -0.92 -9.98 3.62
CA GLU A 23 -1.26 -10.78 2.46
C GLU A 23 -0.79 -10.07 1.19
N VAL A 24 -1.09 -8.78 1.12
CA VAL A 24 -0.72 -7.99 -0.03
C VAL A 24 0.76 -8.21 -0.35
N PRO A 25 1.07 -8.24 -1.67
CA PRO A 25 2.44 -8.44 -2.12
C PRO A 25 3.27 -7.17 -1.91
N GLU A 26 4.22 -7.27 -0.99
CA GLU A 26 5.09 -6.15 -0.68
C GLU A 26 5.52 -5.45 -1.97
N VAL A 27 6.09 -6.23 -2.87
CA VAL A 27 6.54 -5.69 -4.15
C VAL A 27 5.52 -4.67 -4.66
N VAL A 28 4.26 -5.00 -4.50
CA VAL A 28 3.18 -4.12 -4.93
C VAL A 28 3.05 -2.96 -3.94
N VAL A 29 3.09 -3.30 -2.66
CA VAL A 29 2.97 -2.30 -1.62
C VAL A 29 4.05 -1.24 -1.82
N SER A 30 5.27 -1.70 -2.00
CA SER A 30 6.40 -0.81 -2.21
C SER A 30 6.05 0.23 -3.27
N ARG A 31 5.77 -0.26 -4.46
CA ARG A 31 5.41 0.61 -5.58
C ARG A 31 4.47 1.72 -5.10
N CYS A 32 3.54 1.34 -4.23
CA CYS A 32 2.58 2.28 -3.70
C CYS A 32 3.35 3.36 -2.94
N MET A 33 4.25 2.91 -2.08
CA MET A 33 5.05 3.83 -1.28
C MET A 33 5.85 4.78 -2.17
N LEU A 34 6.66 4.18 -3.03
CA LEU A 34 7.48 4.96 -3.95
C LEU A 34 6.60 5.99 -4.66
N GLN A 35 5.31 5.68 -4.72
CA GLN A 35 4.37 6.56 -5.38
C GLN A 35 3.85 7.62 -4.38
N ASN A 36 3.77 7.21 -3.12
CA ASN A 36 3.31 8.10 -2.07
C ASN A 36 4.50 8.59 -1.26
N ASN A 37 5.62 8.75 -1.95
CA ASN A 37 6.84 9.22 -1.29
C ASN A 37 6.97 8.54 0.08
N ASN A 38 6.76 7.23 0.07
CA ASN A 38 6.85 6.45 1.30
C ASN A 38 5.95 7.09 2.36
N ASN A 39 4.73 6.60 2.43
CA ASN A 39 3.76 7.10 3.40
C ASN A 39 3.17 5.93 4.18
N LEU A 40 2.62 6.26 5.34
CA LEU A 40 2.01 5.24 6.19
C LEU A 40 0.51 5.13 5.87
N ASP A 41 -0.23 6.14 6.33
CA ASP A 41 -1.66 6.17 6.09
C ASP A 41 -1.93 6.29 4.59
N ALA A 42 -1.34 7.32 4.00
CA ALA A 42 -1.51 7.57 2.58
C ALA A 42 -1.45 6.23 1.83
N CYS A 43 -0.51 5.39 2.23
CA CYS A 43 -0.35 4.10 1.61
C CYS A 43 -1.55 3.22 2.00
N CYS A 44 -1.72 3.06 3.30
CA CYS A 44 -2.82 2.26 3.81
C CYS A 44 -4.07 2.60 3.00
N ALA A 45 -4.45 3.87 3.07
CA ALA A 45 -5.63 4.33 2.35
C ALA A 45 -5.65 3.71 0.95
N VAL A 46 -4.52 3.80 0.28
CA VAL A 46 -4.40 3.26 -1.06
C VAL A 46 -4.51 1.72 -0.99
N LEU A 47 -3.59 1.13 -0.24
CA LEU A 47 -3.58 -0.32 -0.09
C LEU A 47 -5.02 -0.82 0.05
N SER A 48 -5.72 -0.26 1.03
CA SER A 48 -7.09 -0.63 1.30
C SER A 48 -7.84 -0.82 -0.03
N GLN A 49 -7.58 0.09 -0.95
CA GLN A 49 -8.23 0.03 -2.25
C GLN A 49 -7.41 -0.84 -3.20
N GLU A 50 -6.14 -0.51 -3.33
CA GLU A 50 -5.25 -1.25 -4.20
C GLU A 50 -5.48 -2.76 -4.04
N SER A 51 -5.26 -3.24 -2.83
CA SER A 51 -5.44 -4.65 -2.52
C SER A 51 -6.75 -5.15 -3.14
N THR A 52 -7.83 -4.52 -2.74
CA THR A 52 -9.15 -4.88 -3.25
C THR A 52 -9.08 -5.18 -4.75
N ARG A 53 -8.37 -4.31 -5.46
CA ARG A 53 -8.22 -4.47 -6.89
C ARG A 53 -7.70 -5.87 -7.22
N TYR A 54 -6.73 -6.30 -6.44
CA TYR A 54 -6.14 -7.61 -6.64
C TYR A 54 -7.02 -8.71 -6.04
N LEU A 55 -7.82 -8.31 -5.07
CA LEU A 55 -8.73 -9.24 -4.42
C LEU A 55 -10.01 -9.36 -5.24
N TYR A 56 -11.09 -8.81 -4.69
CA TYR A 56 -12.37 -8.84 -5.36
C TYR A 56 -12.23 -8.50 -6.84
N GLY A 57 -11.17 -7.76 -7.15
CA GLY A 57 -10.92 -7.36 -8.52
C GLY A 57 -11.01 -5.84 -8.68
N GLU A 58 -12.17 -5.31 -8.30
CA GLU A 58 -12.41 -3.88 -8.39
C GLU A 58 -12.39 -3.43 -9.86
N GLY A 59 -12.58 -2.13 -10.05
CA GLY A 59 -12.58 -1.57 -11.39
C GLY A 59 -11.46 -2.17 -12.24
N ASP A 60 -11.86 -2.93 -13.24
CA ASP A 60 -10.90 -3.56 -14.12
C ASP A 60 -9.99 -4.48 -13.31
N LEU A 61 -9.30 -5.36 -14.03
CA LEU A 61 -8.39 -6.30 -13.40
C LEU A 61 -9.19 -7.24 -12.49
N ASN A 62 -9.08 -8.53 -12.79
CA ASN A 62 -9.78 -9.54 -12.02
C ASN A 62 -9.05 -10.88 -12.14
N PHE A 63 -8.63 -11.40 -11.00
CA PHE A 63 -7.92 -12.66 -10.96
C PHE A 63 -8.43 -13.55 -9.84
N SER A 64 -8.21 -14.84 -10.00
CA SER A 64 -8.65 -15.81 -9.01
C SER A 64 -7.61 -15.92 -7.89
N ASP A 65 -8.09 -15.71 -6.66
CA ASP A 65 -7.22 -15.77 -5.50
C ASP A 65 -8.04 -16.14 -4.27
N ASP A 66 -7.35 -16.65 -3.26
CA ASP A 66 -8.01 -17.05 -2.03
C ASP A 66 -7.37 -16.30 -0.85
N SER A 67 -8.05 -16.34 0.28
CA SER A 67 -7.56 -15.68 1.47
C SER A 67 -8.48 -15.99 2.65
N GLY A 68 -7.98 -15.71 3.85
CA GLY A 68 -8.73 -15.96 5.07
C GLY A 68 -7.84 -16.54 6.16
N ILE A 69 -7.46 -15.67 7.10
CA ILE A 69 -6.61 -16.09 8.19
C ILE A 69 -7.09 -15.42 9.49
N SER A 70 -7.98 -16.12 10.19
CA SER A 70 -8.52 -15.59 11.43
C SER A 70 -8.94 -16.75 12.34
N GLY A 71 -8.68 -16.59 13.63
CA GLY A 71 -9.03 -17.61 14.61
C GLY A 71 -9.74 -16.99 15.81
N PRO A 72 -9.49 -17.60 17.00
CA PRO A 72 -10.09 -17.13 18.23
C PRO A 72 -9.42 -15.84 18.72
N SER A 73 -8.10 -15.90 18.80
CA SER A 73 -7.32 -14.75 19.23
C SER A 73 -7.69 -14.40 20.68
N SER A 74 -6.65 -14.28 21.50
CA SER A 74 -6.85 -13.95 22.90
C SER A 74 -6.12 -12.66 23.24
N GLY A 75 -4.81 -12.66 23.01
CA GLY A 75 -4.00 -11.49 23.28
C GLY A 75 -4.32 -10.92 24.66
N GLY A 1 2.87 24.74 1.30
CA GLY A 1 3.78 24.33 2.36
C GLY A 1 3.96 22.81 2.36
N SER A 2 4.78 22.34 1.42
CA SER A 2 5.04 20.91 1.31
C SER A 2 6.53 20.69 1.03
N SER A 3 6.96 19.46 1.28
CA SER A 3 8.34 19.09 1.06
C SER A 3 8.54 17.60 1.33
N GLY A 4 9.66 17.08 0.84
CA GLY A 4 9.98 15.68 1.03
C GLY A 4 11.28 15.51 1.81
N SER A 5 11.20 14.71 2.86
CA SER A 5 12.36 14.46 3.71
C SER A 5 13.01 13.13 3.31
N SER A 6 14.08 13.23 2.55
CA SER A 6 14.80 12.05 2.10
C SER A 6 13.88 11.18 1.23
N GLY A 7 14.49 10.19 0.59
CA GLY A 7 13.75 9.29 -0.27
C GLY A 7 14.03 7.83 0.08
N GLN A 8 14.06 6.99 -0.95
CA GLN A 8 14.32 5.58 -0.76
C GLN A 8 13.19 4.94 0.06
N ILE A 9 12.77 3.77 -0.39
CA ILE A 9 11.70 3.05 0.29
C ILE A 9 11.93 3.11 1.81
N ASP A 10 10.83 3.18 2.54
CA ASP A 10 10.89 3.25 3.98
C ASP A 10 10.34 1.96 4.58
N PHE A 11 11.25 1.07 4.94
CA PHE A 11 10.88 -0.20 5.53
C PHE A 11 10.03 0.00 6.79
N GLN A 12 10.59 0.74 7.72
CA GLN A 12 9.91 1.01 8.98
C GLN A 12 8.45 1.38 8.71
N VAL A 13 8.25 2.14 7.65
CA VAL A 13 6.92 2.58 7.27
C VAL A 13 6.17 1.41 6.60
N LEU A 14 6.93 0.61 5.85
CA LEU A 14 6.37 -0.53 5.16
C LEU A 14 5.90 -1.56 6.19
N HIS A 15 6.83 -1.96 7.05
CA HIS A 15 6.53 -2.94 8.08
C HIS A 15 5.14 -2.66 8.66
N ASP A 16 4.98 -1.44 9.16
CA ASP A 16 3.72 -1.03 9.76
C ASP A 16 2.58 -1.42 8.82
N LEU A 17 2.79 -1.15 7.53
CA LEU A 17 1.79 -1.46 6.53
C LEU A 17 1.68 -2.98 6.38
N ARG A 18 2.83 -3.62 6.20
CA ARG A 18 2.88 -5.05 6.04
C ARG A 18 1.88 -5.72 6.98
N GLN A 19 1.88 -5.26 8.22
CA GLN A 19 0.98 -5.80 9.23
C GLN A 19 -0.47 -5.60 8.82
N LYS A 20 -0.77 -4.36 8.42
CA LYS A 20 -2.12 -4.02 7.99
C LYS A 20 -2.44 -4.74 6.69
N PHE A 21 -1.39 -4.97 5.90
CA PHE A 21 -1.55 -5.65 4.62
C PHE A 21 -0.59 -6.84 4.52
N PRO A 22 -0.91 -7.90 5.30
CA PRO A 22 -0.09 -9.09 5.31
C PRO A 22 -0.32 -9.92 4.04
N GLU A 23 -1.58 -9.95 3.61
CA GLU A 23 -1.94 -10.70 2.41
C GLU A 23 -1.73 -9.84 1.17
N VAL A 24 -0.56 -9.22 1.10
CA VAL A 24 -0.23 -8.37 -0.02
C VAL A 24 1.25 -8.56 -0.39
N PRO A 25 1.53 -8.52 -1.71
CA PRO A 25 2.89 -8.69 -2.20
C PRO A 25 3.72 -7.42 -1.96
N GLU A 26 4.67 -7.55 -1.05
CA GLU A 26 5.53 -6.43 -0.71
C GLU A 26 5.92 -5.66 -1.97
N VAL A 27 6.48 -6.40 -2.92
CA VAL A 27 6.90 -5.80 -4.18
C VAL A 27 5.85 -4.78 -4.63
N VAL A 28 4.59 -5.16 -4.47
CA VAL A 28 3.49 -4.29 -4.86
C VAL A 28 3.35 -3.18 -3.82
N VAL A 29 3.40 -3.57 -2.56
CA VAL A 29 3.28 -2.62 -1.47
C VAL A 29 4.27 -1.48 -1.67
N SER A 30 5.50 -1.87 -1.99
CA SER A 30 6.56 -0.89 -2.22
C SER A 30 6.10 0.15 -3.24
N ARG A 31 5.87 -0.32 -4.46
CA ARG A 31 5.43 0.56 -5.53
C ARG A 31 4.39 1.54 -5.01
N CYS A 32 3.47 1.03 -4.21
CA CYS A 32 2.42 1.85 -3.63
C CYS A 32 3.07 2.96 -2.81
N MET A 33 4.01 2.55 -1.97
CA MET A 33 4.72 3.50 -1.12
C MET A 33 5.46 4.54 -1.97
N LEU A 34 6.34 4.04 -2.82
CA LEU A 34 7.12 4.91 -3.68
C LEU A 34 6.21 5.97 -4.31
N GLN A 35 4.93 5.59 -4.43
CA GLN A 35 3.95 6.50 -5.01
C GLN A 35 3.53 7.54 -3.98
N ASN A 36 3.33 7.08 -2.76
CA ASN A 36 2.93 7.96 -1.68
C ASN A 36 4.17 8.48 -0.94
N ASN A 37 5.28 8.48 -1.66
CA ASN A 37 6.54 8.94 -1.10
C ASN A 37 6.73 8.31 0.28
N ASN A 38 6.58 7.00 0.33
CA ASN A 38 6.73 6.27 1.57
C ASN A 38 5.86 6.92 2.65
N ASN A 39 4.64 6.40 2.76
CA ASN A 39 3.70 6.92 3.75
C ASN A 39 3.05 5.75 4.49
N LEU A 40 2.48 6.08 5.64
CA LEU A 40 1.83 5.07 6.46
C LEU A 40 0.35 5.01 6.11
N ASP A 41 -0.34 6.11 6.40
CA ASP A 41 -1.76 6.20 6.11
C ASP A 41 -1.96 6.46 4.62
N ALA A 42 -1.33 7.51 4.14
CA ALA A 42 -1.43 7.87 2.73
C ALA A 42 -1.36 6.60 1.88
N CYS A 43 -0.66 5.61 2.41
CA CYS A 43 -0.51 4.35 1.71
C CYS A 43 -1.68 3.44 2.10
N CYS A 44 -1.87 3.31 3.40
CA CYS A 44 -2.94 2.48 3.91
C CYS A 44 -4.20 2.73 3.08
N ALA A 45 -4.57 4.00 3.00
CA ALA A 45 -5.74 4.40 2.23
C ALA A 45 -5.70 3.73 0.86
N VAL A 46 -4.61 4.00 0.14
CA VAL A 46 -4.42 3.44 -1.19
C VAL A 46 -4.48 1.91 -1.10
N LEU A 47 -3.53 1.36 -0.36
CA LEU A 47 -3.45 -0.08 -0.19
C LEU A 47 -4.86 -0.64 -0.01
N SER A 48 -5.55 -0.12 0.99
CA SER A 48 -6.90 -0.55 1.29
C SER A 48 -7.67 -0.78 -0.02
N GLN A 49 -7.57 0.19 -0.90
CA GLN A 49 -8.24 0.11 -2.19
C GLN A 49 -7.44 -0.76 -3.16
N GLU A 50 -6.18 -0.39 -3.35
CA GLU A 50 -5.31 -1.13 -4.24
C GLU A 50 -5.51 -2.63 -4.05
N SER A 51 -5.58 -3.03 -2.79
CA SER A 51 -5.76 -4.44 -2.45
C SER A 51 -7.14 -4.90 -2.93
N THR A 52 -8.17 -4.23 -2.42
CA THR A 52 -9.54 -4.57 -2.79
C THR A 52 -9.65 -4.78 -4.30
N ARG A 53 -8.74 -4.13 -5.03
CA ARG A 53 -8.73 -4.24 -6.48
C ARG A 53 -8.07 -5.54 -6.91
N TYR A 54 -6.97 -5.86 -6.24
CA TYR A 54 -6.24 -7.07 -6.55
C TYR A 54 -6.85 -8.28 -5.85
N LEU A 55 -7.72 -7.99 -4.89
CA LEU A 55 -8.38 -9.04 -4.15
C LEU A 55 -9.52 -9.63 -4.98
N TYR A 56 -10.74 -9.30 -4.60
CA TYR A 56 -11.91 -9.78 -5.31
C TYR A 56 -12.01 -9.14 -6.70
N GLY A 57 -10.96 -9.36 -7.49
CA GLY A 57 -10.93 -8.82 -8.84
C GLY A 57 -10.59 -9.91 -9.86
N GLU A 58 -9.45 -10.55 -9.63
CA GLU A 58 -9.01 -11.61 -10.52
C GLU A 58 -8.70 -11.05 -11.91
N GLY A 59 -7.61 -11.53 -12.48
CA GLY A 59 -7.19 -11.08 -13.80
C GLY A 59 -5.92 -11.80 -14.25
N ASP A 60 -4.86 -11.59 -13.48
CA ASP A 60 -3.58 -12.22 -13.78
C ASP A 60 -2.75 -12.32 -12.49
N LEU A 61 -2.61 -13.55 -12.02
CA LEU A 61 -1.85 -13.80 -10.80
C LEU A 61 -1.08 -15.11 -10.95
N ASN A 62 -0.15 -15.11 -11.89
CA ASN A 62 0.66 -16.29 -12.14
C ASN A 62 2.11 -15.88 -12.36
N PHE A 63 2.95 -16.19 -11.37
CA PHE A 63 4.35 -15.86 -11.45
C PHE A 63 5.23 -17.10 -11.23
N SER A 64 4.81 -17.92 -10.27
CA SER A 64 5.53 -19.13 -9.96
C SER A 64 4.88 -19.83 -8.75
N ASP A 65 4.80 -21.15 -8.86
CA ASP A 65 4.21 -21.95 -7.80
C ASP A 65 5.30 -22.37 -6.82
N ASP A 66 5.15 -21.93 -5.58
CA ASP A 66 6.11 -22.26 -4.54
C ASP A 66 5.74 -21.51 -3.25
N SER A 67 5.72 -22.26 -2.16
CA SER A 67 5.38 -21.69 -0.87
C SER A 67 6.54 -21.90 0.12
N GLY A 68 6.61 -21.01 1.10
CA GLY A 68 7.66 -21.08 2.10
C GLY A 68 8.97 -20.49 1.57
N ILE A 69 9.74 -21.34 0.91
CA ILE A 69 11.02 -20.91 0.36
C ILE A 69 11.76 -20.06 1.39
N SER A 70 12.81 -19.39 0.91
CA SER A 70 13.61 -18.54 1.78
C SER A 70 14.20 -19.37 2.91
N GLY A 71 15.37 -18.93 3.38
CA GLY A 71 16.06 -19.62 4.46
C GLY A 71 17.34 -18.89 4.84
N PRO A 72 18.34 -19.69 5.31
CA PRO A 72 19.62 -19.13 5.71
C PRO A 72 20.45 -18.74 4.49
N SER A 73 21.62 -18.18 4.77
CA SER A 73 22.52 -17.75 3.70
C SER A 73 23.97 -18.06 4.09
N SER A 74 24.35 -17.56 5.26
CA SER A 74 25.70 -17.78 5.76
C SER A 74 25.70 -17.78 7.28
N GLY A 75 26.21 -18.87 7.85
CA GLY A 75 26.28 -19.00 9.29
C GLY A 75 25.00 -19.66 9.84
N GLY A 1 11.04 18.13 11.18
CA GLY A 1 10.30 17.51 10.09
C GLY A 1 10.94 16.18 9.69
N SER A 2 11.69 16.24 8.59
CA SER A 2 12.37 15.05 8.09
C SER A 2 13.40 15.45 7.03
N SER A 3 12.90 16.10 5.99
CA SER A 3 13.76 16.53 4.90
C SER A 3 14.40 15.33 4.22
N GLY A 4 13.65 14.74 3.30
CA GLY A 4 14.14 13.58 2.57
C GLY A 4 15.48 13.88 1.89
N SER A 5 16.41 12.95 2.06
CA SER A 5 17.73 13.10 1.48
C SER A 5 17.91 12.10 0.34
N SER A 6 17.77 10.83 0.68
CA SER A 6 17.91 9.76 -0.30
C SER A 6 16.59 9.01 -0.46
N GLY A 7 16.11 8.96 -1.69
CA GLY A 7 14.86 8.29 -1.99
C GLY A 7 15.05 6.76 -1.97
N GLN A 8 14.79 6.17 -0.81
CA GLN A 8 14.92 4.74 -0.65
C GLN A 8 13.68 4.17 0.05
N ILE A 9 13.42 2.89 -0.22
CA ILE A 9 12.28 2.23 0.37
C ILE A 9 12.29 2.45 1.89
N ASP A 10 11.11 2.63 2.44
CA ASP A 10 10.97 2.86 3.87
C ASP A 10 10.40 1.59 4.52
N PHE A 11 11.29 0.87 5.19
CA PHE A 11 10.90 -0.36 5.85
C PHE A 11 9.99 -0.06 7.05
N GLN A 12 10.53 0.68 8.01
CA GLN A 12 9.79 1.03 9.20
C GLN A 12 8.33 1.33 8.84
N VAL A 13 8.17 2.10 7.77
CA VAL A 13 6.84 2.46 7.31
C VAL A 13 6.16 1.23 6.68
N LEU A 14 6.93 0.53 5.86
CA LEU A 14 6.42 -0.65 5.20
C LEU A 14 5.93 -1.65 6.25
N HIS A 15 6.84 -2.01 7.15
CA HIS A 15 6.52 -2.95 8.20
C HIS A 15 5.13 -2.65 8.75
N ASP A 16 5.01 -1.47 9.36
CA ASP A 16 3.74 -1.05 9.94
C ASP A 16 2.61 -1.45 8.99
N LEU A 17 2.81 -1.19 7.72
CA LEU A 17 1.82 -1.52 6.71
C LEU A 17 1.70 -3.04 6.59
N ARG A 18 2.85 -3.67 6.39
CA ARG A 18 2.88 -5.12 6.25
C ARG A 18 1.91 -5.77 7.23
N GLN A 19 1.97 -5.30 8.48
CA GLN A 19 1.10 -5.83 9.52
C GLN A 19 -0.36 -5.68 9.11
N LYS A 20 -0.70 -4.50 8.62
CA LYS A 20 -2.06 -4.21 8.19
C LYS A 20 -2.34 -4.97 6.90
N PHE A 21 -1.34 -5.03 6.05
CA PHE A 21 -1.47 -5.72 4.78
C PHE A 21 -0.36 -6.76 4.60
N PRO A 22 -0.47 -7.86 5.39
CA PRO A 22 0.51 -8.93 5.33
C PRO A 22 0.32 -9.78 4.07
N GLU A 23 -0.94 -9.97 3.71
CA GLU A 23 -1.27 -10.76 2.53
C GLU A 23 -0.83 -10.02 1.27
N VAL A 24 -1.22 -8.76 1.18
CA VAL A 24 -0.87 -7.94 0.04
C VAL A 24 0.60 -8.16 -0.33
N PRO A 25 0.87 -8.17 -1.65
CA PRO A 25 2.23 -8.37 -2.14
C PRO A 25 3.08 -7.11 -1.92
N GLU A 26 3.99 -7.22 -0.97
CA GLU A 26 4.87 -6.10 -0.66
C GLU A 26 5.31 -5.39 -1.94
N VAL A 27 5.85 -6.18 -2.86
CA VAL A 27 6.30 -5.64 -4.13
C VAL A 27 5.31 -4.58 -4.61
N VAL A 28 4.03 -4.92 -4.52
CA VAL A 28 2.98 -4.03 -4.94
C VAL A 28 2.93 -2.82 -3.99
N VAL A 29 2.97 -3.13 -2.71
CA VAL A 29 2.94 -2.09 -1.70
C VAL A 29 4.03 -1.05 -1.98
N SER A 30 5.25 -1.54 -2.06
CA SER A 30 6.39 -0.68 -2.34
C SER A 30 6.00 0.38 -3.37
N ARG A 31 5.63 -0.09 -4.55
CA ARG A 31 5.23 0.79 -5.63
C ARG A 31 4.40 1.95 -5.08
N CYS A 32 3.47 1.60 -4.20
CA CYS A 32 2.59 2.60 -3.59
C CYS A 32 3.46 3.58 -2.81
N MET A 33 4.27 3.02 -1.92
CA MET A 33 5.15 3.83 -1.09
C MET A 33 5.99 4.78 -1.95
N LEU A 34 6.71 4.19 -2.88
CA LEU A 34 7.56 4.97 -3.78
C LEU A 34 6.71 6.06 -4.45
N GLN A 35 5.43 5.77 -4.56
CA GLN A 35 4.50 6.71 -5.17
C GLN A 35 4.01 7.74 -4.16
N ASN A 36 3.83 7.26 -2.93
CA ASN A 36 3.37 8.12 -1.85
C ASN A 36 4.57 8.61 -1.04
N ASN A 37 5.71 8.67 -1.72
CA ASN A 37 6.94 9.12 -1.07
C ASN A 37 7.07 8.44 0.28
N ASN A 38 6.89 7.12 0.29
CA ASN A 38 6.99 6.36 1.51
C ASN A 38 6.10 7.00 2.58
N ASN A 39 4.85 6.55 2.60
CA ASN A 39 3.89 7.06 3.57
C ASN A 39 3.16 5.89 4.24
N LEU A 40 2.59 6.17 5.40
CA LEU A 40 1.87 5.16 6.15
C LEU A 40 0.39 5.21 5.77
N ASP A 41 -0.29 6.23 6.28
CA ASP A 41 -1.70 6.40 6.00
C ASP A 41 -1.93 6.35 4.48
N ALA A 42 -1.29 7.27 3.80
CA ALA A 42 -1.41 7.35 2.35
C ALA A 42 -1.41 5.93 1.77
N CYS A 43 -0.30 5.24 1.99
CA CYS A 43 -0.16 3.88 1.50
C CYS A 43 -1.42 3.09 1.89
N CYS A 44 -1.64 3.01 3.19
CA CYS A 44 -2.80 2.29 3.71
C CYS A 44 -4.00 2.65 2.85
N ALA A 45 -4.26 3.95 2.76
CA ALA A 45 -5.40 4.43 1.98
C ALA A 45 -5.48 3.63 0.68
N VAL A 46 -4.48 3.83 -0.16
CA VAL A 46 -4.43 3.12 -1.45
C VAL A 46 -4.51 1.62 -1.19
N LEU A 47 -3.58 1.14 -0.40
CA LEU A 47 -3.53 -0.28 -0.08
C LEU A 47 -4.95 -0.81 0.14
N SER A 48 -5.63 -0.21 1.10
CA SER A 48 -7.00 -0.58 1.41
C SER A 48 -7.76 -0.89 0.12
N GLN A 49 -7.56 -0.02 -0.87
CA GLN A 49 -8.23 -0.18 -2.15
C GLN A 49 -7.45 -1.19 -3.02
N GLU A 50 -6.19 -0.88 -3.24
CA GLU A 50 -5.34 -1.74 -4.05
C GLU A 50 -5.62 -3.21 -3.73
N SER A 51 -5.55 -3.53 -2.45
CA SER A 51 -5.79 -4.89 -1.99
C SER A 51 -6.94 -5.51 -2.79
N THR A 52 -8.13 -4.96 -2.58
CA THR A 52 -9.31 -5.44 -3.26
C THR A 52 -8.99 -5.79 -4.71
N ARG A 53 -8.28 -4.87 -5.36
CA ARG A 53 -7.89 -5.06 -6.74
C ARG A 53 -7.34 -6.47 -6.95
N TYR A 54 -6.51 -6.90 -6.01
CA TYR A 54 -5.92 -8.22 -6.08
C TYR A 54 -6.73 -9.23 -5.27
N LEU A 55 -7.48 -8.71 -4.30
CA LEU A 55 -8.30 -9.56 -3.46
C LEU A 55 -9.55 -9.99 -4.24
N TYR A 56 -9.74 -9.35 -5.37
CA TYR A 56 -10.89 -9.65 -6.22
C TYR A 56 -10.57 -9.39 -7.69
N GLY A 57 -10.05 -10.40 -8.35
CA GLY A 57 -9.70 -10.29 -9.76
C GLY A 57 -10.70 -11.04 -10.64
N GLU A 58 -10.72 -12.36 -10.45
CA GLU A 58 -11.62 -13.20 -11.21
C GLU A 58 -13.07 -12.78 -10.99
N GLY A 59 -13.66 -12.25 -12.05
CA GLY A 59 -15.04 -11.79 -11.99
C GLY A 59 -15.18 -10.38 -12.56
N ASP A 60 -16.00 -10.27 -13.60
CA ASP A 60 -16.22 -8.98 -14.24
C ASP A 60 -14.89 -8.44 -14.77
N LEU A 61 -15.00 -7.45 -15.64
CA LEU A 61 -13.82 -6.84 -16.23
C LEU A 61 -13.21 -5.86 -15.23
N ASN A 62 -13.41 -4.57 -15.52
CA ASN A 62 -12.90 -3.53 -14.65
C ASN A 62 -13.95 -2.42 -14.51
N PHE A 63 -14.75 -2.54 -13.47
CA PHE A 63 -15.80 -1.57 -13.20
C PHE A 63 -15.52 -0.80 -11.91
N SER A 64 -15.07 0.42 -12.08
CA SER A 64 -14.76 1.27 -10.93
C SER A 64 -14.31 2.65 -11.41
N ASP A 65 -15.29 3.50 -11.67
CA ASP A 65 -15.00 4.85 -12.13
C ASP A 65 -14.23 4.79 -13.45
N ASP A 66 -14.95 5.00 -14.54
CA ASP A 66 -14.35 4.97 -15.86
C ASP A 66 -12.99 5.67 -15.81
N SER A 67 -11.94 4.87 -16.00
CA SER A 67 -10.59 5.40 -15.98
C SER A 67 -9.81 4.89 -17.19
N GLY A 68 -9.01 5.79 -17.77
CA GLY A 68 -8.22 5.43 -18.94
C GLY A 68 -7.08 4.49 -18.55
N ILE A 69 -6.03 4.51 -19.37
CA ILE A 69 -4.87 3.66 -19.12
C ILE A 69 -3.65 4.53 -18.88
N SER A 70 -3.56 5.60 -19.66
CA SER A 70 -2.44 6.53 -19.55
C SER A 70 -1.15 5.84 -20.00
N GLY A 71 -0.73 4.85 -19.23
CA GLY A 71 0.48 4.11 -19.53
C GLY A 71 1.65 5.06 -19.77
N PRO A 72 2.74 4.50 -20.37
CA PRO A 72 3.93 5.29 -20.65
C PRO A 72 3.71 6.21 -21.84
N SER A 73 3.43 7.47 -21.53
CA SER A 73 3.19 8.46 -22.56
C SER A 73 4.48 8.73 -23.34
N SER A 74 5.52 9.10 -22.60
CA SER A 74 6.81 9.39 -23.21
C SER A 74 6.68 10.57 -24.17
N GLY A 75 6.74 11.76 -23.60
CA GLY A 75 6.64 12.98 -24.39
C GLY A 75 6.41 14.21 -23.49
N GLY A 1 13.95 15.43 2.49
CA GLY A 1 13.30 16.71 2.32
C GLY A 1 14.04 17.57 1.28
N SER A 2 13.70 17.33 0.02
CA SER A 2 14.32 18.06 -1.07
C SER A 2 13.71 17.63 -2.41
N SER A 3 13.62 18.59 -3.32
CA SER A 3 13.07 18.31 -4.63
C SER A 3 13.96 17.33 -5.39
N GLY A 4 13.64 16.05 -5.23
CA GLY A 4 14.40 15.00 -5.90
C GLY A 4 13.61 14.39 -7.05
N SER A 5 13.46 13.07 -6.99
CA SER A 5 12.72 12.36 -8.02
C SER A 5 12.17 11.06 -7.44
N SER A 6 13.07 10.24 -6.93
CA SER A 6 12.68 8.96 -6.35
C SER A 6 13.29 8.82 -4.95
N GLY A 7 12.41 8.57 -3.99
CA GLY A 7 12.84 8.39 -2.61
C GLY A 7 13.33 6.97 -2.35
N GLN A 8 13.46 6.64 -1.08
CA GLN A 8 13.91 5.31 -0.69
C GLN A 8 12.84 4.62 0.17
N ILE A 9 12.65 3.34 -0.11
CA ILE A 9 11.67 2.56 0.61
C ILE A 9 11.87 2.76 2.12
N ASP A 10 10.75 2.81 2.83
CA ASP A 10 10.80 3.00 4.26
C ASP A 10 10.32 1.71 4.96
N PHE A 11 11.30 0.95 5.46
CA PHE A 11 10.99 -0.29 6.15
C PHE A 11 10.17 -0.03 7.41
N GLN A 12 10.49 1.07 8.07
CA GLN A 12 9.79 1.44 9.30
C GLN A 12 8.31 1.68 9.00
N VAL A 13 8.06 2.36 7.89
CA VAL A 13 6.70 2.66 7.48
C VAL A 13 6.06 1.42 6.87
N LEU A 14 6.90 0.61 6.26
CA LEU A 14 6.44 -0.62 5.63
C LEU A 14 6.07 -1.64 6.71
N HIS A 15 7.03 -1.88 7.59
CA HIS A 15 6.83 -2.83 8.67
C HIS A 15 5.40 -2.69 9.20
N ASP A 16 4.97 -1.45 9.37
CA ASP A 16 3.64 -1.17 9.86
C ASP A 16 2.60 -1.68 8.85
N LEU A 17 2.80 -1.29 7.60
CA LEU A 17 1.90 -1.70 6.54
C LEU A 17 1.90 -3.23 6.44
N ARG A 18 3.09 -3.78 6.32
CA ARG A 18 3.24 -5.22 6.21
C ARG A 18 2.27 -5.93 7.16
N GLN A 19 1.97 -5.25 8.26
CA GLN A 19 1.06 -5.80 9.26
C GLN A 19 -0.39 -5.57 8.84
N LYS A 20 -0.65 -4.34 8.41
CA LYS A 20 -1.99 -3.97 7.98
C LYS A 20 -2.34 -4.74 6.71
N PHE A 21 -1.33 -4.92 5.87
CA PHE A 21 -1.53 -5.64 4.61
C PHE A 21 -0.52 -6.79 4.49
N PRO A 22 -0.77 -7.85 5.31
CA PRO A 22 0.10 -9.02 5.29
C PRO A 22 -0.15 -9.87 4.05
N GLU A 23 -1.42 -9.95 3.68
CA GLU A 23 -1.81 -10.73 2.51
C GLU A 23 -1.67 -9.89 1.24
N VAL A 24 -0.54 -9.22 1.13
CA VAL A 24 -0.28 -8.39 -0.03
C VAL A 24 1.18 -8.56 -0.47
N PRO A 25 1.39 -8.53 -1.81
CA PRO A 25 2.72 -8.69 -2.36
C PRO A 25 3.54 -7.42 -2.18
N GLU A 26 4.54 -7.50 -1.32
CA GLU A 26 5.40 -6.36 -1.05
C GLU A 26 5.72 -5.62 -2.34
N VAL A 27 6.03 -6.40 -3.37
CA VAL A 27 6.36 -5.82 -4.66
C VAL A 27 5.36 -4.72 -5.00
N VAL A 28 4.10 -5.00 -4.70
CA VAL A 28 3.03 -4.04 -4.96
C VAL A 28 3.14 -2.87 -3.97
N VAL A 29 3.25 -3.24 -2.70
CA VAL A 29 3.37 -2.23 -1.65
C VAL A 29 4.40 -1.19 -2.06
N SER A 30 5.63 -1.66 -2.25
CA SER A 30 6.72 -0.78 -2.64
C SER A 30 6.21 0.25 -3.65
N ARG A 31 5.91 -0.23 -4.85
CA ARG A 31 5.42 0.63 -5.92
C ARG A 31 4.40 1.62 -5.36
N CYS A 32 3.61 1.16 -4.41
CA CYS A 32 2.61 1.99 -3.79
C CYS A 32 3.31 3.07 -2.97
N MET A 33 4.21 2.61 -2.09
CA MET A 33 4.96 3.52 -1.24
C MET A 33 5.80 4.49 -2.08
N LEU A 34 6.65 3.91 -2.92
CA LEU A 34 7.51 4.72 -3.77
C LEU A 34 6.69 5.83 -4.42
N GLN A 35 5.42 5.52 -4.67
CA GLN A 35 4.52 6.48 -5.28
C GLN A 35 4.06 7.51 -4.24
N ASN A 36 3.82 7.03 -3.03
CA ASN A 36 3.38 7.90 -1.96
C ASN A 36 4.60 8.35 -1.15
N ASN A 37 5.74 8.37 -1.82
CA ASN A 37 6.97 8.79 -1.18
C ASN A 37 7.10 8.09 0.18
N ASN A 38 6.64 6.86 0.22
CA ASN A 38 6.69 6.07 1.44
C ASN A 38 5.83 6.76 2.52
N ASN A 39 4.60 6.30 2.62
CA ASN A 39 3.67 6.86 3.60
C ASN A 39 3.02 5.72 4.39
N LEU A 40 2.43 6.08 5.50
CA LEU A 40 1.77 5.10 6.36
C LEU A 40 0.29 5.02 5.97
N ASP A 41 -0.46 6.04 6.37
CA ASP A 41 -1.88 6.08 6.07
C ASP A 41 -2.07 6.35 4.58
N ALA A 42 -1.44 7.41 4.11
CA ALA A 42 -1.54 7.78 2.71
C ALA A 42 -1.44 6.53 1.85
N CYS A 43 -0.69 5.56 2.34
CA CYS A 43 -0.50 4.31 1.63
C CYS A 43 -1.69 3.40 1.94
N CYS A 44 -1.94 3.23 3.23
CA CYS A 44 -3.04 2.39 3.67
C CYS A 44 -4.30 2.80 2.92
N ALA A 45 -4.55 4.11 2.92
CA ALA A 45 -5.72 4.64 2.23
C ALA A 45 -5.79 4.04 0.83
N VAL A 46 -4.62 3.72 0.29
CA VAL A 46 -4.54 3.15 -1.05
C VAL A 46 -4.56 1.63 -0.94
N LEU A 47 -3.59 1.10 -0.21
CA LEU A 47 -3.47 -0.33 -0.02
C LEU A 47 -4.86 -0.91 0.26
N SER A 48 -5.71 -0.08 0.84
CA SER A 48 -7.07 -0.50 1.15
C SER A 48 -7.89 -0.66 -0.14
N GLN A 49 -7.79 0.36 -0.98
CA GLN A 49 -8.51 0.35 -2.24
C GLN A 49 -7.71 -0.42 -3.30
N GLU A 50 -6.52 -0.83 -2.91
CA GLU A 50 -5.65 -1.57 -3.82
C GLU A 50 -5.87 -3.08 -3.63
N SER A 51 -5.61 -3.53 -2.42
CA SER A 51 -5.76 -4.94 -2.11
C SER A 51 -7.02 -5.50 -2.76
N THR A 52 -8.14 -4.84 -2.49
CA THR A 52 -9.41 -5.25 -3.04
C THR A 52 -9.30 -5.42 -4.56
N ARG A 53 -8.64 -4.46 -5.19
CA ARG A 53 -8.46 -4.49 -6.63
C ARG A 53 -7.76 -5.78 -7.04
N TYR A 54 -6.94 -6.29 -6.14
CA TYR A 54 -6.21 -7.52 -6.40
C TYR A 54 -6.94 -8.73 -5.81
N LEU A 55 -7.75 -8.46 -4.81
CA LEU A 55 -8.52 -9.50 -4.16
C LEU A 55 -9.70 -9.90 -5.05
N TYR A 56 -9.92 -9.09 -6.08
CA TYR A 56 -11.01 -9.33 -7.00
C TYR A 56 -10.68 -8.77 -8.40
N GLY A 57 -9.91 -9.54 -9.14
CA GLY A 57 -9.51 -9.13 -10.47
C GLY A 57 -10.75 -8.82 -11.33
N GLU A 58 -11.55 -9.85 -11.54
CA GLU A 58 -12.77 -9.68 -12.34
C GLU A 58 -13.44 -8.36 -12.02
N GLY A 59 -13.44 -7.47 -13.01
CA GLY A 59 -14.05 -6.17 -12.85
C GLY A 59 -15.55 -6.29 -12.58
N ASP A 60 -16.23 -6.94 -13.50
CA ASP A 60 -17.67 -7.14 -13.37
C ASP A 60 -18.36 -5.78 -13.34
N LEU A 61 -19.69 -5.82 -13.31
CA LEU A 61 -20.48 -4.61 -13.27
C LEU A 61 -20.05 -3.76 -12.07
N ASN A 62 -20.88 -3.77 -11.05
CA ASN A 62 -20.59 -3.01 -9.84
C ASN A 62 -21.17 -3.75 -8.63
N PHE A 63 -20.33 -3.93 -7.63
CA PHE A 63 -20.73 -4.62 -6.41
C PHE A 63 -19.97 -4.09 -5.20
N SER A 64 -20.60 -3.14 -4.52
CA SER A 64 -19.99 -2.54 -3.34
C SER A 64 -21.03 -1.70 -2.60
N ASP A 65 -20.78 -1.53 -1.30
CA ASP A 65 -21.67 -0.75 -0.47
C ASP A 65 -21.08 0.64 -0.25
N ASP A 66 -21.97 1.63 -0.18
CA ASP A 66 -21.56 3.00 0.02
C ASP A 66 -21.43 3.29 1.52
N SER A 67 -20.19 3.53 1.94
CA SER A 67 -19.92 3.81 3.34
C SER A 67 -19.49 5.27 3.50
N GLY A 68 -18.41 5.62 2.81
CA GLY A 68 -17.88 6.96 2.87
C GLY A 68 -16.81 7.19 1.80
N ILE A 69 -16.66 8.44 1.41
CA ILE A 69 -15.68 8.79 0.40
C ILE A 69 -14.37 9.22 1.09
N SER A 70 -13.29 9.12 0.33
CA SER A 70 -11.99 9.49 0.86
C SER A 70 -11.32 10.52 -0.06
N GLY A 71 -10.25 11.11 0.44
CA GLY A 71 -9.52 12.11 -0.33
C GLY A 71 -8.08 11.66 -0.58
N PRO A 72 -7.47 12.26 -1.64
CA PRO A 72 -6.10 11.93 -1.99
C PRO A 72 -5.11 12.58 -1.03
N SER A 73 -5.27 13.88 -0.85
CA SER A 73 -4.41 14.64 0.05
C SER A 73 -2.96 14.52 -0.42
N SER A 74 -2.51 15.55 -1.13
CA SER A 74 -1.15 15.58 -1.63
C SER A 74 -0.79 17.00 -2.07
N GLY A 75 0.16 17.58 -1.35
CA GLY A 75 0.61 18.93 -1.65
C GLY A 75 1.14 19.03 -3.08
N GLY A 1 15.00 20.00 -0.02
CA GLY A 1 16.17 19.79 0.80
C GLY A 1 15.82 19.02 2.07
N SER A 2 16.87 18.67 2.82
CA SER A 2 16.68 17.94 4.06
C SER A 2 15.70 16.79 3.85
N SER A 3 16.24 15.65 3.44
CA SER A 3 15.44 14.47 3.20
C SER A 3 14.50 14.73 2.01
N GLY A 4 14.67 13.92 0.97
CA GLY A 4 13.85 14.04 -0.22
C GLY A 4 14.63 13.58 -1.46
N SER A 5 14.28 14.19 -2.58
CA SER A 5 14.94 13.86 -3.84
C SER A 5 14.96 12.35 -4.03
N SER A 6 13.97 11.86 -4.77
CA SER A 6 13.85 10.44 -5.05
C SER A 6 13.40 9.71 -3.79
N GLY A 7 14.27 9.72 -2.78
CA GLY A 7 13.96 9.06 -1.53
C GLY A 7 14.14 7.54 -1.65
N GLN A 8 14.35 6.91 -0.50
CA GLN A 8 14.54 5.47 -0.46
C GLN A 8 13.40 4.80 0.31
N ILE A 9 13.01 3.63 -0.16
CA ILE A 9 11.94 2.88 0.46
C ILE A 9 12.08 2.99 1.99
N ASP A 10 10.94 3.05 2.65
CA ASP A 10 10.93 3.15 4.10
C ASP A 10 10.35 1.85 4.69
N PHE A 11 11.25 1.00 5.15
CA PHE A 11 10.84 -0.27 5.73
C PHE A 11 9.92 -0.05 6.94
N GLN A 12 10.42 0.72 7.89
CA GLN A 12 9.66 1.01 9.09
C GLN A 12 8.21 1.36 8.73
N VAL A 13 8.08 2.11 7.64
CA VAL A 13 6.76 2.52 7.17
C VAL A 13 6.07 1.34 6.49
N LEU A 14 6.88 0.54 5.81
CA LEU A 14 6.36 -0.63 5.11
C LEU A 14 5.86 -1.64 6.14
N HIS A 15 6.75 -2.01 7.04
CA HIS A 15 6.41 -2.98 8.07
C HIS A 15 5.06 -2.62 8.69
N ASP A 16 4.95 -1.37 9.11
CA ASP A 16 3.72 -0.89 9.71
C ASP A 16 2.54 -1.20 8.78
N LEU A 17 2.84 -1.21 7.50
CA LEU A 17 1.83 -1.48 6.49
C LEU A 17 1.66 -3.00 6.34
N ARG A 18 2.80 -3.69 6.29
CA ARG A 18 2.80 -5.13 6.15
C ARG A 18 1.82 -5.76 7.14
N GLN A 19 1.93 -5.32 8.39
CA GLN A 19 1.07 -5.85 9.44
C GLN A 19 -0.40 -5.69 9.03
N LYS A 20 -0.70 -4.57 8.40
CA LYS A 20 -2.05 -4.30 7.95
C LYS A 20 -2.33 -5.07 6.65
N PHE A 21 -1.30 -5.12 5.82
CA PHE A 21 -1.42 -5.82 4.54
C PHE A 21 -0.31 -6.85 4.38
N PRO A 22 -0.41 -7.95 5.18
CA PRO A 22 0.58 -9.01 5.12
C PRO A 22 0.39 -9.87 3.87
N GLU A 23 -0.86 -10.07 3.49
CA GLU A 23 -1.17 -10.85 2.32
C GLU A 23 -0.67 -10.14 1.06
N VAL A 24 -1.00 -8.87 0.96
CA VAL A 24 -0.60 -8.07 -0.18
C VAL A 24 0.89 -8.30 -0.46
N PRO A 25 1.23 -8.32 -1.78
CA PRO A 25 2.60 -8.53 -2.18
C PRO A 25 3.44 -7.28 -1.95
N GLU A 26 4.34 -7.36 -0.98
CA GLU A 26 5.20 -6.25 -0.65
C GLU A 26 5.67 -5.55 -1.92
N VAL A 27 6.26 -6.34 -2.81
CA VAL A 27 6.76 -5.81 -4.07
C VAL A 27 5.77 -4.77 -4.61
N VAL A 28 4.50 -5.13 -4.55
CA VAL A 28 3.45 -4.24 -5.03
C VAL A 28 3.34 -3.04 -4.08
N VAL A 29 3.33 -3.34 -2.79
CA VAL A 29 3.22 -2.31 -1.78
C VAL A 29 4.30 -1.24 -2.02
N SER A 30 5.54 -1.69 -2.02
CA SER A 30 6.67 -0.79 -2.25
C SER A 30 6.30 0.22 -3.34
N ARG A 31 6.11 -0.28 -4.54
CA ARG A 31 5.77 0.57 -5.67
C ARG A 31 4.74 1.62 -5.25
N CYS A 32 3.81 1.18 -4.40
CA CYS A 32 2.78 2.08 -3.92
C CYS A 32 3.44 3.17 -3.07
N MET A 33 4.29 2.73 -2.16
CA MET A 33 4.99 3.65 -1.28
C MET A 33 5.77 4.68 -2.08
N LEU A 34 6.66 4.17 -2.93
CA LEU A 34 7.48 5.04 -3.76
C LEU A 34 6.60 6.13 -4.37
N GLN A 35 5.37 5.77 -4.67
CA GLN A 35 4.43 6.70 -5.26
C GLN A 35 3.95 7.70 -4.19
N ASN A 36 3.71 7.18 -3.01
CA ASN A 36 3.24 8.01 -1.90
C ASN A 36 4.44 8.49 -1.09
N ASN A 37 5.57 8.61 -1.78
CA ASN A 37 6.79 9.05 -1.13
C ASN A 37 6.91 8.38 0.24
N ASN A 38 6.68 7.08 0.25
CA ASN A 38 6.76 6.31 1.48
C ASN A 38 5.88 6.97 2.54
N ASN A 39 4.64 6.50 2.61
CA ASN A 39 3.69 7.04 3.58
C ASN A 39 3.06 5.88 4.35
N LEU A 40 2.49 6.23 5.50
CA LEU A 40 1.85 5.24 6.34
C LEU A 40 0.36 5.15 5.99
N ASP A 41 -0.38 6.16 6.42
CA ASP A 41 -1.81 6.21 6.15
C ASP A 41 -2.04 6.41 4.65
N ALA A 42 -1.44 7.46 4.13
CA ALA A 42 -1.57 7.78 2.71
C ALA A 42 -1.49 6.48 1.91
N CYS A 43 -0.67 5.56 2.40
CA CYS A 43 -0.49 4.28 1.73
C CYS A 43 -1.69 3.40 2.07
N CYS A 44 -1.90 3.20 3.36
CA CYS A 44 -3.00 2.38 3.84
C CYS A 44 -4.24 2.73 3.02
N ALA A 45 -4.54 4.02 2.97
CA ALA A 45 -5.70 4.51 2.24
C ALA A 45 -5.74 3.81 0.87
N VAL A 46 -4.58 3.71 0.25
CA VAL A 46 -4.48 3.08 -1.05
C VAL A 46 -4.47 1.56 -0.88
N LEU A 47 -3.49 1.09 -0.12
CA LEU A 47 -3.36 -0.34 0.14
C LEU A 47 -4.75 -0.93 0.42
N SER A 48 -5.62 -0.08 0.94
CA SER A 48 -6.96 -0.50 1.27
C SER A 48 -7.79 -0.65 -0.01
N GLN A 49 -7.71 0.38 -0.84
CA GLN A 49 -8.44 0.37 -2.10
C GLN A 49 -7.75 -0.54 -3.11
N GLU A 50 -6.49 -0.84 -2.84
CA GLU A 50 -5.71 -1.69 -3.72
C GLU A 50 -6.17 -3.15 -3.58
N SER A 51 -6.03 -3.66 -2.36
CA SER A 51 -6.42 -5.04 -2.10
C SER A 51 -7.80 -5.32 -2.70
N THR A 52 -8.72 -4.38 -2.46
CA THR A 52 -10.07 -4.52 -2.98
C THR A 52 -10.04 -4.68 -4.50
N ARG A 53 -9.03 -4.09 -5.10
CA ARG A 53 -8.88 -4.17 -6.55
C ARG A 53 -8.17 -5.46 -6.95
N TYR A 54 -7.15 -5.81 -6.17
CA TYR A 54 -6.39 -7.01 -6.44
C TYR A 54 -7.11 -8.25 -5.90
N LEU A 55 -8.25 -8.00 -5.27
CA LEU A 55 -9.05 -9.08 -4.71
C LEU A 55 -10.09 -9.52 -5.74
N TYR A 56 -11.34 -9.17 -5.46
CA TYR A 56 -12.43 -9.53 -6.34
C TYR A 56 -12.16 -9.06 -7.77
N GLY A 57 -11.23 -8.12 -7.89
CA GLY A 57 -10.86 -7.58 -9.18
C GLY A 57 -11.61 -6.28 -9.47
N GLU A 58 -12.74 -6.42 -10.16
CA GLU A 58 -13.56 -5.27 -10.50
C GLU A 58 -13.71 -4.34 -9.29
N GLY A 59 -13.80 -3.06 -9.58
CA GLY A 59 -13.95 -2.06 -8.53
C GLY A 59 -14.62 -0.80 -9.07
N ASP A 60 -15.53 -0.27 -8.26
CA ASP A 60 -16.26 0.93 -8.63
C ASP A 60 -15.87 2.07 -7.70
N LEU A 61 -15.61 3.22 -8.30
CA LEU A 61 -15.22 4.39 -7.53
C LEU A 61 -15.89 5.63 -8.13
N ASN A 62 -15.17 6.29 -9.02
CA ASN A 62 -15.69 7.49 -9.67
C ASN A 62 -14.84 7.79 -10.91
N PHE A 63 -15.41 7.45 -12.06
CA PHE A 63 -14.72 7.68 -13.33
C PHE A 63 -13.30 7.11 -13.29
N SER A 64 -13.16 5.92 -13.86
CA SER A 64 -11.87 5.27 -13.90
C SER A 64 -11.19 5.53 -15.25
N ASP A 65 -9.94 5.99 -15.17
CA ASP A 65 -9.18 6.28 -16.36
C ASP A 65 -7.76 5.72 -16.21
N ASP A 66 -7.48 4.69 -16.99
CA ASP A 66 -6.17 4.05 -16.95
C ASP A 66 -5.21 4.84 -17.84
N SER A 67 -4.09 5.21 -17.25
CA SER A 67 -3.07 5.96 -17.97
C SER A 67 -2.02 5.01 -18.53
N GLY A 68 -1.17 5.55 -19.38
CA GLY A 68 -0.11 4.77 -20.00
C GLY A 68 1.22 5.52 -19.99
N ILE A 69 2.14 5.06 -20.83
CA ILE A 69 3.44 5.68 -20.94
C ILE A 69 3.41 6.73 -22.05
N SER A 70 3.78 7.96 -21.67
CA SER A 70 3.80 9.06 -22.63
C SER A 70 5.11 9.03 -23.42
N GLY A 71 6.21 9.05 -22.68
CA GLY A 71 7.52 9.03 -23.29
C GLY A 71 8.37 10.21 -22.81
N PRO A 72 9.72 10.03 -22.92
CA PRO A 72 10.63 11.08 -22.51
C PRO A 72 10.66 12.23 -23.51
N SER A 73 11.43 13.26 -23.17
CA SER A 73 11.55 14.42 -24.03
C SER A 73 12.44 15.47 -23.37
N SER A 74 13.61 15.66 -23.97
CA SER A 74 14.56 16.63 -23.46
C SER A 74 15.80 16.68 -24.36
N GLY A 75 16.56 17.76 -24.22
CA GLY A 75 17.75 17.94 -25.01
C GLY A 75 18.88 17.01 -24.55
N GLY A 1 7.78 12.17 9.25
CA GLY A 1 8.67 13.17 9.79
C GLY A 1 10.11 12.96 9.30
N SER A 2 10.68 14.02 8.76
CA SER A 2 12.04 13.96 8.25
C SER A 2 12.44 15.31 7.66
N SER A 3 13.55 15.83 8.16
CA SER A 3 14.05 17.11 7.69
C SER A 3 15.21 16.90 6.71
N GLY A 4 14.95 17.19 5.45
CA GLY A 4 15.95 17.03 4.42
C GLY A 4 15.35 16.45 3.14
N SER A 5 16.09 15.55 2.51
CA SER A 5 15.65 14.92 1.30
C SER A 5 16.15 13.48 1.24
N SER A 6 15.32 12.62 0.64
CA SER A 6 15.68 11.22 0.52
C SER A 6 14.81 10.55 -0.55
N GLY A 7 15.18 9.33 -0.90
CA GLY A 7 14.44 8.58 -1.89
C GLY A 7 14.80 7.09 -1.84
N GLN A 8 14.21 6.41 -0.87
CA GLN A 8 14.45 4.99 -0.70
C GLN A 8 13.32 4.36 0.12
N ILE A 9 12.94 3.15 -0.28
CA ILE A 9 11.89 2.43 0.40
C ILE A 9 12.06 2.58 1.91
N ASP A 10 10.94 2.68 2.61
CA ASP A 10 10.96 2.84 4.05
C ASP A 10 10.39 1.58 4.69
N PHE A 11 11.29 0.73 5.18
CA PHE A 11 10.90 -0.51 5.82
C PHE A 11 10.08 -0.24 7.08
N GLN A 12 10.51 0.77 7.82
CA GLN A 12 9.82 1.15 9.05
C GLN A 12 8.36 1.50 8.76
N VAL A 13 8.17 2.20 7.65
CA VAL A 13 6.83 2.60 7.25
C VAL A 13 6.11 1.40 6.63
N LEU A 14 6.88 0.55 5.98
CA LEU A 14 6.33 -0.63 5.35
C LEU A 14 5.89 -1.63 6.43
N HIS A 15 6.85 -1.99 7.27
CA HIS A 15 6.57 -2.94 8.34
C HIS A 15 5.20 -2.64 8.95
N ASP A 16 5.04 -1.40 9.42
CA ASP A 16 3.79 -0.98 10.01
C ASP A 16 2.62 -1.45 9.13
N LEU A 17 2.79 -1.26 7.84
CA LEU A 17 1.77 -1.66 6.88
C LEU A 17 1.74 -3.18 6.78
N ARG A 18 2.92 -3.75 6.57
CA ARG A 18 3.06 -5.19 6.44
C ARG A 18 2.14 -5.90 7.44
N GLN A 19 1.91 -5.22 8.56
CA GLN A 19 1.05 -5.77 9.61
C GLN A 19 -0.42 -5.63 9.21
N LYS A 20 -0.78 -4.42 8.80
CA LYS A 20 -2.14 -4.14 8.40
C LYS A 20 -2.45 -4.88 7.11
N PHE A 21 -1.47 -4.88 6.22
CA PHE A 21 -1.62 -5.55 4.93
C PHE A 21 -0.46 -6.52 4.68
N PRO A 22 -0.47 -7.63 5.46
CA PRO A 22 0.57 -8.64 5.34
C PRO A 22 0.36 -9.48 4.08
N GLU A 23 -0.90 -9.75 3.78
CA GLU A 23 -1.25 -10.54 2.61
C GLU A 23 -0.84 -9.81 1.34
N VAL A 24 -1.21 -8.55 1.26
CA VAL A 24 -0.88 -7.73 0.11
C VAL A 24 0.57 -8.00 -0.31
N PRO A 25 0.80 -8.01 -1.64
CA PRO A 25 2.14 -8.24 -2.18
C PRO A 25 3.03 -7.02 -1.99
N GLU A 26 4.04 -7.19 -1.16
CA GLU A 26 4.98 -6.11 -0.89
C GLU A 26 5.35 -5.39 -2.19
N VAL A 27 5.81 -6.18 -3.15
CA VAL A 27 6.21 -5.64 -4.44
C VAL A 27 5.22 -4.54 -4.85
N VAL A 28 3.94 -4.84 -4.65
CA VAL A 28 2.89 -3.90 -4.99
C VAL A 28 2.92 -2.73 -4.01
N VAL A 29 3.01 -3.08 -2.73
CA VAL A 29 3.05 -2.07 -1.68
C VAL A 29 4.13 -1.04 -2.00
N SER A 30 5.35 -1.53 -2.13
CA SER A 30 6.48 -0.67 -2.44
C SER A 30 6.05 0.39 -3.46
N ARG A 31 5.68 -0.09 -4.64
CA ARG A 31 5.25 0.80 -5.71
C ARG A 31 4.42 1.96 -5.14
N CYS A 32 3.50 1.61 -4.26
CA CYS A 32 2.64 2.59 -3.63
C CYS A 32 3.51 3.56 -2.84
N MET A 33 4.37 2.99 -2.01
CA MET A 33 5.26 3.79 -1.19
C MET A 33 6.12 4.72 -2.06
N LEU A 34 6.84 4.11 -2.98
CA LEU A 34 7.71 4.86 -3.88
C LEU A 34 6.88 5.92 -4.61
N GLN A 35 5.57 5.67 -4.65
CA GLN A 35 4.66 6.60 -5.31
C GLN A 35 4.20 7.68 -4.33
N ASN A 36 3.83 7.23 -3.14
CA ASN A 36 3.37 8.15 -2.11
C ASN A 36 4.55 8.56 -1.22
N ASN A 37 5.73 8.53 -1.83
CA ASN A 37 6.95 8.90 -1.12
C ASN A 37 6.92 8.25 0.28
N ASN A 38 6.91 6.94 0.28
CA ASN A 38 6.88 6.20 1.54
C ASN A 38 5.90 6.86 2.51
N ASN A 39 4.65 6.43 2.42
CA ASN A 39 3.61 6.97 3.28
C ASN A 39 3.03 5.86 4.14
N LEU A 40 2.55 6.24 5.32
CA LEU A 40 1.97 5.28 6.24
C LEU A 40 0.46 5.19 6.00
N ASP A 41 -0.21 6.33 6.19
CA ASP A 41 -1.65 6.39 6.00
C ASP A 41 -1.95 6.37 4.50
N ALA A 42 -1.45 7.38 3.81
CA ALA A 42 -1.66 7.49 2.38
C ALA A 42 -1.53 6.09 1.75
N CYS A 43 -0.68 5.28 2.35
CA CYS A 43 -0.45 3.93 1.86
C CYS A 43 -1.68 3.09 2.18
N CYS A 44 -1.88 2.87 3.47
CA CYS A 44 -3.02 2.08 3.92
C CYS A 44 -4.25 2.50 3.10
N ALA A 45 -4.37 3.79 2.88
CA ALA A 45 -5.48 4.33 2.11
C ALA A 45 -5.57 3.59 0.77
N VAL A 46 -4.46 3.59 0.06
CA VAL A 46 -4.40 2.94 -1.24
C VAL A 46 -4.39 1.42 -1.03
N LEU A 47 -3.45 0.97 -0.22
CA LEU A 47 -3.34 -0.46 0.06
C LEU A 47 -4.73 -1.04 0.28
N SER A 48 -5.63 -0.19 0.76
CA SER A 48 -6.99 -0.62 1.01
C SER A 48 -7.74 -0.82 -0.31
N GLN A 49 -7.62 0.18 -1.17
CA GLN A 49 -8.28 0.14 -2.46
C GLN A 49 -7.55 -0.83 -3.40
N GLU A 50 -6.23 -0.81 -3.30
CA GLU A 50 -5.39 -1.68 -4.12
C GLU A 50 -5.70 -3.15 -3.80
N SER A 51 -5.68 -3.46 -2.52
CA SER A 51 -5.96 -4.82 -2.07
C SER A 51 -7.12 -5.41 -2.86
N THR A 52 -8.27 -4.74 -2.74
CA THR A 52 -9.47 -5.19 -3.43
C THR A 52 -9.14 -5.53 -4.89
N ARG A 53 -8.58 -4.55 -5.59
CA ARG A 53 -8.23 -4.73 -6.98
C ARG A 53 -7.68 -6.14 -7.21
N TYR A 54 -6.85 -6.58 -6.27
CA TYR A 54 -6.26 -7.90 -6.35
C TYR A 54 -7.16 -8.95 -5.70
N LEU A 55 -7.68 -8.59 -4.54
CA LEU A 55 -8.55 -9.49 -3.80
C LEU A 55 -9.64 -8.68 -3.10
N TYR A 56 -9.57 -8.68 -1.77
CA TYR A 56 -10.54 -7.95 -0.98
C TYR A 56 -9.95 -7.52 0.37
N GLY A 57 -9.50 -6.28 0.42
CA GLY A 57 -8.91 -5.75 1.62
C GLY A 57 -9.99 -5.33 2.62
N GLU A 58 -10.15 -4.01 2.77
CA GLU A 58 -11.14 -3.48 3.69
C GLU A 58 -11.86 -2.29 3.05
N GLY A 59 -12.99 -1.93 3.65
CA GLY A 59 -13.78 -0.82 3.15
C GLY A 59 -13.79 0.34 4.15
N ASP A 60 -13.29 1.48 3.69
CA ASP A 60 -13.24 2.66 4.54
C ASP A 60 -13.37 3.90 3.66
N LEU A 61 -14.17 4.85 4.14
CA LEU A 61 -14.38 6.09 3.41
C LEU A 61 -13.67 7.23 4.14
N ASN A 62 -13.37 6.99 5.41
CA ASN A 62 -12.68 7.98 6.22
C ASN A 62 -11.27 8.19 5.68
N PHE A 63 -10.94 9.45 5.43
CA PHE A 63 -9.62 9.80 4.92
C PHE A 63 -8.96 10.86 5.80
N SER A 64 -7.71 10.59 6.16
CA SER A 64 -6.95 11.51 6.99
C SER A 64 -5.76 12.06 6.21
N ASP A 65 -5.98 13.19 5.55
CA ASP A 65 -4.93 13.82 4.77
C ASP A 65 -4.76 15.27 5.23
N ASP A 66 -3.63 15.85 4.85
CA ASP A 66 -3.33 17.22 5.21
C ASP A 66 -3.21 17.32 6.73
N SER A 67 -2.16 18.00 7.17
CA SER A 67 -1.91 18.18 8.58
C SER A 67 -1.05 19.41 8.81
N GLY A 68 -1.45 20.21 9.80
CA GLY A 68 -0.71 21.42 10.13
C GLY A 68 0.14 21.22 11.39
N ILE A 69 0.59 22.33 11.93
CA ILE A 69 1.42 22.30 13.13
C ILE A 69 0.96 23.39 14.10
N SER A 70 1.44 23.29 15.32
CA SER A 70 1.10 24.26 16.34
C SER A 70 2.32 25.07 16.75
N GLY A 71 2.08 26.27 17.26
CA GLY A 71 3.15 27.15 17.68
C GLY A 71 2.61 28.51 18.12
N PRO A 72 2.38 28.63 19.44
CA PRO A 72 1.86 29.88 20.00
C PRO A 72 2.95 30.95 20.05
N SER A 73 2.54 32.16 20.41
CA SER A 73 3.46 33.27 20.51
C SER A 73 2.82 34.42 21.28
N SER A 74 3.67 35.32 21.76
CA SER A 74 3.19 36.47 22.51
C SER A 74 2.09 36.04 23.49
N GLY A 75 2.52 35.65 24.67
CA GLY A 75 1.60 35.21 25.70
C GLY A 75 0.65 36.35 26.10
N GLY A 1 17.29 3.00 11.01
CA GLY A 1 16.23 3.92 11.41
C GLY A 1 16.80 5.28 11.82
N SER A 2 16.00 6.31 11.62
CA SER A 2 16.42 7.66 11.96
C SER A 2 15.28 8.64 11.68
N SER A 3 15.08 9.54 12.62
CA SER A 3 14.03 10.54 12.49
C SER A 3 14.42 11.56 11.41
N GLY A 4 13.47 11.83 10.52
CA GLY A 4 13.69 12.78 9.45
C GLY A 4 14.59 12.18 8.37
N SER A 5 14.00 11.28 7.59
CA SER A 5 14.72 10.63 6.51
C SER A 5 13.74 10.13 5.45
N SER A 6 13.79 10.79 4.29
CA SER A 6 12.91 10.42 3.19
C SER A 6 13.74 10.11 1.95
N GLY A 7 13.13 9.35 1.05
CA GLY A 7 13.81 8.97 -0.19
C GLY A 7 13.56 7.49 -0.50
N GLN A 8 14.60 6.69 -0.28
CA GLN A 8 14.51 5.27 -0.53
C GLN A 8 13.34 4.66 0.24
N ILE A 9 12.88 3.51 -0.23
CA ILE A 9 11.78 2.82 0.41
C ILE A 9 11.97 2.84 1.93
N ASP A 10 10.86 2.98 2.63
CA ASP A 10 10.89 3.02 4.08
C ASP A 10 10.29 1.73 4.64
N PHE A 11 11.17 0.82 5.02
CA PHE A 11 10.75 -0.46 5.57
C PHE A 11 9.90 -0.26 6.82
N GLN A 12 10.46 0.50 7.75
CA GLN A 12 9.77 0.79 9.01
C GLN A 12 8.33 1.20 8.73
N VAL A 13 8.15 1.97 7.67
CA VAL A 13 6.83 2.44 7.30
C VAL A 13 6.07 1.31 6.61
N LEU A 14 6.81 0.52 5.85
CA LEU A 14 6.22 -0.61 5.13
C LEU A 14 5.70 -1.63 6.14
N HIS A 15 6.59 -2.05 7.02
CA HIS A 15 6.23 -3.03 8.04
C HIS A 15 4.91 -2.63 8.69
N ASP A 16 4.89 -1.40 9.21
CA ASP A 16 3.70 -0.89 9.86
C ASP A 16 2.48 -1.14 8.97
N LEU A 17 2.75 -1.21 7.68
CA LEU A 17 1.68 -1.43 6.71
C LEU A 17 1.53 -2.94 6.48
N ARG A 18 2.67 -3.62 6.46
CA ARG A 18 2.66 -5.07 6.25
C ARG A 18 1.75 -5.75 7.28
N GLN A 19 1.75 -5.20 8.48
CA GLN A 19 0.93 -5.75 9.55
C GLN A 19 -0.55 -5.56 9.23
N LYS A 20 -0.87 -4.38 8.70
CA LYS A 20 -2.24 -4.06 8.34
C LYS A 20 -2.61 -4.78 7.05
N PHE A 21 -1.64 -4.87 6.16
CA PHE A 21 -1.84 -5.52 4.88
C PHE A 21 -0.79 -6.60 4.65
N PRO A 22 -0.93 -7.71 5.42
CA PRO A 22 0.01 -8.83 5.30
C PRO A 22 -0.26 -9.64 4.03
N GLU A 23 -1.54 -9.76 3.69
CA GLU A 23 -1.94 -10.50 2.51
C GLU A 23 -1.55 -9.72 1.25
N VAL A 24 -1.05 -8.52 1.46
CA VAL A 24 -0.63 -7.67 0.36
C VAL A 24 0.83 -7.94 0.03
N PRO A 25 1.13 -8.01 -1.30
CA PRO A 25 2.48 -8.26 -1.75
C PRO A 25 3.36 -7.02 -1.59
N GLU A 26 4.50 -7.23 -0.94
CA GLU A 26 5.44 -6.15 -0.70
C GLU A 26 5.74 -5.41 -2.02
N VAL A 27 6.19 -6.18 -2.99
CA VAL A 27 6.51 -5.62 -4.29
C VAL A 27 5.50 -4.54 -4.65
N VAL A 28 4.24 -4.87 -4.42
CA VAL A 28 3.17 -3.93 -4.72
C VAL A 28 3.25 -2.73 -3.77
N VAL A 29 3.39 -3.04 -2.49
CA VAL A 29 3.49 -2.00 -1.48
C VAL A 29 4.50 -0.95 -1.94
N SER A 30 5.71 -1.39 -2.20
CA SER A 30 6.76 -0.50 -2.64
C SER A 30 6.21 0.50 -3.65
N ARG A 31 5.84 -0.02 -4.81
CA ARG A 31 5.29 0.82 -5.87
C ARG A 31 4.35 1.88 -5.27
N CYS A 32 3.56 1.43 -4.30
CA CYS A 32 2.61 2.32 -3.65
C CYS A 32 3.41 3.36 -2.86
N MET A 33 4.31 2.86 -2.03
CA MET A 33 5.14 3.73 -1.21
C MET A 33 5.96 4.69 -2.07
N LEU A 34 6.73 4.09 -2.98
CA LEU A 34 7.57 4.87 -3.87
C LEU A 34 6.73 5.95 -4.55
N GLN A 35 5.42 5.69 -4.59
CA GLN A 35 4.50 6.64 -5.21
C GLN A 35 4.10 7.72 -4.20
N ASN A 36 3.81 7.27 -2.99
CA ASN A 36 3.42 8.19 -1.93
C ASN A 36 4.64 8.56 -1.10
N ASN A 37 5.79 8.54 -1.75
CA ASN A 37 7.04 8.88 -1.09
C ASN A 37 7.08 8.23 0.29
N ASN A 38 7.05 6.89 0.28
CA ASN A 38 7.07 6.14 1.53
C ASN A 38 6.14 6.81 2.54
N ASN A 39 4.87 6.40 2.49
CA ASN A 39 3.88 6.95 3.39
C ASN A 39 3.17 5.80 4.12
N LEU A 40 2.61 6.13 5.27
CA LEU A 40 1.90 5.14 6.07
C LEU A 40 0.42 5.16 5.71
N ASP A 41 -0.25 6.20 6.19
CA ASP A 41 -1.67 6.35 5.93
C ASP A 41 -1.91 6.36 4.42
N ALA A 42 -1.27 7.32 3.76
CA ALA A 42 -1.41 7.45 2.32
C ALA A 42 -1.40 6.07 1.68
N CYS A 43 -0.49 5.23 2.16
CA CYS A 43 -0.37 3.88 1.64
C CYS A 43 -1.53 3.05 2.19
N CYS A 44 -1.69 3.11 3.51
CA CYS A 44 -2.76 2.37 4.17
C CYS A 44 -4.03 2.53 3.33
N ALA A 45 -4.43 3.77 3.13
CA ALA A 45 -5.62 4.07 2.36
C ALA A 45 -5.55 3.32 1.02
N VAL A 46 -4.63 3.78 0.18
CA VAL A 46 -4.45 3.17 -1.13
C VAL A 46 -4.53 1.65 -0.99
N LEU A 47 -3.61 1.11 -0.22
CA LEU A 47 -3.56 -0.33 0.01
C LEU A 47 -4.99 -0.86 0.16
N SER A 48 -5.67 -0.33 1.15
CA SER A 48 -7.04 -0.74 1.42
C SER A 48 -7.80 -0.94 0.11
N GLN A 49 -7.61 0.02 -0.79
CA GLN A 49 -8.27 -0.04 -2.10
C GLN A 49 -7.51 -0.99 -3.02
N GLU A 50 -6.25 -0.67 -3.23
CA GLU A 50 -5.40 -1.49 -4.10
C GLU A 50 -5.70 -2.97 -3.88
N SER A 51 -5.67 -3.36 -2.62
CA SER A 51 -5.93 -4.74 -2.26
C SER A 51 -7.19 -5.24 -2.97
N THR A 52 -8.31 -4.61 -2.64
CA THR A 52 -9.58 -4.98 -3.24
C THR A 52 -9.44 -5.08 -4.77
N ARG A 53 -8.44 -4.39 -5.29
CA ARG A 53 -8.19 -4.39 -6.72
C ARG A 53 -7.60 -5.73 -7.15
N TYR A 54 -6.82 -6.32 -6.26
CA TYR A 54 -6.19 -7.60 -6.54
C TYR A 54 -7.05 -8.74 -6.02
N LEU A 55 -7.83 -8.45 -5.00
CA LEU A 55 -8.70 -9.45 -4.40
C LEU A 55 -9.78 -9.85 -5.42
N TYR A 56 -11.00 -9.42 -5.12
CA TYR A 56 -12.13 -9.72 -5.99
C TYR A 56 -12.03 -8.93 -7.30
N GLY A 57 -10.92 -9.15 -8.00
CA GLY A 57 -10.70 -8.46 -9.27
C GLY A 57 -10.74 -9.45 -10.44
N GLU A 58 -9.94 -10.50 -10.31
CA GLU A 58 -9.88 -11.52 -11.35
C GLU A 58 -11.28 -11.94 -11.76
N GLY A 59 -12.22 -11.74 -10.84
CA GLY A 59 -13.61 -12.10 -11.11
C GLY A 59 -14.20 -12.85 -9.92
N ASP A 60 -15.42 -12.46 -9.56
CA ASP A 60 -16.10 -13.08 -8.45
C ASP A 60 -17.58 -12.67 -8.47
N LEU A 61 -18.45 -13.66 -8.41
CA LEU A 61 -19.88 -13.42 -8.43
C LEU A 61 -20.39 -13.35 -6.98
N ASN A 62 -19.89 -12.36 -6.26
CA ASN A 62 -20.28 -12.16 -4.87
C ASN A 62 -21.02 -10.83 -4.75
N PHE A 63 -22.11 -10.86 -3.99
CA PHE A 63 -22.90 -9.66 -3.78
C PHE A 63 -22.36 -8.86 -2.59
N SER A 64 -21.89 -7.66 -2.89
CA SER A 64 -21.34 -6.79 -1.87
C SER A 64 -21.13 -5.39 -2.44
N ASP A 65 -22.02 -4.48 -2.06
CA ASP A 65 -21.93 -3.10 -2.52
C ASP A 65 -21.27 -2.25 -1.44
N ASP A 66 -20.15 -1.65 -1.80
CA ASP A 66 -19.41 -0.81 -0.87
C ASP A 66 -19.59 0.65 -1.29
N SER A 67 -20.31 1.39 -0.47
CA SER A 67 -20.55 2.80 -0.72
C SER A 67 -19.58 3.66 0.08
N GLY A 68 -19.07 4.69 -0.59
CA GLY A 68 -18.13 5.60 0.04
C GLY A 68 -16.69 5.28 -0.39
N ILE A 69 -16.11 6.22 -1.11
CA ILE A 69 -14.75 6.07 -1.60
C ILE A 69 -13.84 7.09 -0.91
N SER A 70 -14.39 8.29 -0.73
CA SER A 70 -13.64 9.36 -0.09
C SER A 70 -14.60 10.46 0.36
N GLY A 71 -14.07 11.36 1.18
CA GLY A 71 -14.86 12.47 1.69
C GLY A 71 -14.59 13.74 0.89
N PRO A 72 -15.57 14.69 0.96
CA PRO A 72 -15.45 15.94 0.26
C PRO A 72 -14.47 16.89 0.96
N SER A 73 -13.69 17.60 0.17
CA SER A 73 -12.72 18.53 0.71
C SER A 73 -12.08 19.33 -0.42
N SER A 74 -12.00 20.63 -0.21
CA SER A 74 -11.41 21.53 -1.20
C SER A 74 -11.10 22.88 -0.57
N GLY A 75 -10.18 23.59 -1.20
CA GLY A 75 -9.77 24.90 -0.71
C GLY A 75 -9.29 25.79 -1.86
N GLY A 1 9.82 21.89 7.05
CA GLY A 1 10.82 22.02 6.01
C GLY A 1 11.28 20.65 5.50
N SER A 2 12.37 20.18 6.08
CA SER A 2 12.91 18.89 5.69
C SER A 2 13.19 18.86 4.19
N SER A 3 14.44 19.17 3.85
CA SER A 3 14.85 19.19 2.46
C SER A 3 14.86 17.76 1.89
N GLY A 4 14.92 17.68 0.57
CA GLY A 4 14.93 16.39 -0.10
C GLY A 4 16.37 15.98 -0.47
N SER A 5 16.67 14.72 -0.21
CA SER A 5 18.00 14.20 -0.50
C SER A 5 17.96 12.66 -0.49
N SER A 6 17.68 12.10 -1.66
CA SER A 6 17.62 10.66 -1.78
C SER A 6 16.43 10.11 -1.00
N GLY A 7 15.70 9.21 -1.64
CA GLY A 7 14.53 8.60 -1.02
C GLY A 7 14.47 7.10 -1.32
N GLN A 8 14.89 6.32 -0.34
CA GLN A 8 14.89 4.87 -0.49
C GLN A 8 13.68 4.27 0.23
N ILE A 9 13.34 3.06 -0.18
CA ILE A 9 12.20 2.36 0.42
C ILE A 9 12.21 2.59 1.94
N ASP A 10 11.01 2.75 2.48
CA ASP A 10 10.87 2.97 3.91
C ASP A 10 10.35 1.69 4.57
N PHE A 11 11.27 1.00 5.23
CA PHE A 11 10.92 -0.24 5.90
C PHE A 11 9.99 0.02 7.09
N GLN A 12 10.51 0.78 8.04
CA GLN A 12 9.75 1.12 9.24
C GLN A 12 8.28 1.36 8.87
N VAL A 13 8.08 2.11 7.80
CA VAL A 13 6.74 2.41 7.35
C VAL A 13 6.12 1.16 6.73
N LEU A 14 6.90 0.48 5.92
CA LEU A 14 6.44 -0.74 5.27
C LEU A 14 6.01 -1.75 6.34
N HIS A 15 6.95 -2.06 7.22
CA HIS A 15 6.68 -3.01 8.29
C HIS A 15 5.27 -2.77 8.84
N ASP A 16 5.05 -1.56 9.32
CA ASP A 16 3.75 -1.21 9.87
C ASP A 16 2.65 -1.61 8.88
N LEU A 17 2.90 -1.32 7.62
CA LEU A 17 1.95 -1.65 6.58
C LEU A 17 1.82 -3.18 6.46
N ARG A 18 2.96 -3.82 6.32
CA ARG A 18 2.99 -5.27 6.20
C ARG A 18 1.97 -5.90 7.15
N GLN A 19 1.92 -5.35 8.36
CA GLN A 19 0.99 -5.85 9.36
C GLN A 19 -0.45 -5.64 8.91
N LYS A 20 -0.73 -4.40 8.49
CA LYS A 20 -2.07 -4.06 8.04
C LYS A 20 -2.37 -4.83 6.75
N PHE A 21 -1.34 -5.03 5.95
CA PHE A 21 -1.49 -5.74 4.70
C PHE A 21 -0.50 -6.91 4.62
N PRO A 22 -0.79 -7.97 5.42
CA PRO A 22 0.06 -9.15 5.45
C PRO A 22 -0.16 -10.00 4.20
N GLU A 23 -1.42 -10.06 3.76
CA GLU A 23 -1.76 -10.84 2.58
C GLU A 23 -1.63 -9.98 1.32
N VAL A 24 -0.56 -9.20 1.29
CA VAL A 24 -0.30 -8.33 0.15
C VAL A 24 1.15 -8.48 -0.29
N PRO A 25 1.35 -8.43 -1.64
CA PRO A 25 2.68 -8.57 -2.21
C PRO A 25 3.50 -7.29 -2.00
N GLU A 26 4.47 -7.40 -1.09
CA GLU A 26 5.33 -6.27 -0.79
C GLU A 26 5.65 -5.49 -2.07
N VAL A 27 6.17 -6.22 -3.05
CA VAL A 27 6.54 -5.62 -4.32
C VAL A 27 5.48 -4.59 -4.71
N VAL A 28 4.22 -4.98 -4.57
CA VAL A 28 3.12 -4.10 -4.89
C VAL A 28 3.07 -2.94 -3.90
N VAL A 29 3.20 -3.29 -2.63
CA VAL A 29 3.18 -2.29 -1.57
C VAL A 29 4.21 -1.21 -1.88
N SER A 30 5.46 -1.63 -2.00
CA SER A 30 6.54 -0.72 -2.31
C SER A 30 6.08 0.33 -3.32
N ARG A 31 5.73 -0.16 -4.50
CA ARG A 31 5.27 0.71 -5.57
C ARG A 31 4.36 1.81 -5.00
N CYS A 32 3.44 1.38 -4.14
CA CYS A 32 2.52 2.31 -3.52
C CYS A 32 3.32 3.36 -2.73
N MET A 33 4.22 2.86 -1.91
CA MET A 33 5.06 3.73 -1.09
C MET A 33 5.86 4.69 -1.98
N LEU A 34 6.63 4.12 -2.88
CA LEU A 34 7.45 4.90 -3.79
C LEU A 34 6.56 5.93 -4.51
N GLN A 35 5.28 5.61 -4.56
CA GLN A 35 4.32 6.48 -5.21
C GLN A 35 3.93 7.64 -4.28
N ASN A 36 3.64 7.27 -3.04
CA ASN A 36 3.26 8.27 -2.05
C ASN A 36 4.49 8.68 -1.24
N ASN A 37 5.62 8.73 -1.94
CA ASN A 37 6.87 9.11 -1.30
C ASN A 37 6.96 8.45 0.08
N ASN A 38 6.79 7.14 0.08
CA ASN A 38 6.85 6.39 1.32
C ASN A 38 5.95 7.07 2.37
N ASN A 39 4.70 6.64 2.39
CA ASN A 39 3.74 7.19 3.33
C ASN A 39 3.12 6.06 4.15
N LEU A 40 2.53 6.43 5.28
CA LEU A 40 1.90 5.47 6.15
C LEU A 40 0.42 5.35 5.79
N ASP A 41 -0.34 6.36 6.18
CA ASP A 41 -1.77 6.38 5.91
C ASP A 41 -2.00 6.45 4.39
N ALA A 42 -1.43 7.50 3.80
CA ALA A 42 -1.56 7.70 2.37
C ALA A 42 -1.42 6.35 1.66
N CYS A 43 -0.60 5.48 2.23
CA CYS A 43 -0.38 4.17 1.66
C CYS A 43 -1.60 3.29 1.99
N CYS A 44 -1.80 3.07 3.29
CA CYS A 44 -2.91 2.26 3.74
C CYS A 44 -4.15 2.65 2.93
N ALA A 45 -4.39 3.95 2.85
CA ALA A 45 -5.53 4.46 2.12
C ALA A 45 -5.65 3.72 0.78
N VAL A 46 -4.55 3.75 0.04
CA VAL A 46 -4.51 3.10 -1.26
C VAL A 46 -4.48 1.58 -1.06
N LEU A 47 -3.47 1.14 -0.31
CA LEU A 47 -3.32 -0.28 -0.03
C LEU A 47 -4.69 -0.89 0.29
N SER A 48 -5.55 -0.04 0.83
CA SER A 48 -6.89 -0.49 1.19
C SER A 48 -7.74 -0.68 -0.08
N GLN A 49 -7.69 0.32 -0.94
CA GLN A 49 -8.44 0.26 -2.19
C GLN A 49 -7.77 -0.69 -3.17
N GLU A 50 -6.47 -0.84 -3.00
CA GLU A 50 -5.70 -1.72 -3.87
C GLU A 50 -5.98 -3.19 -3.53
N SER A 51 -5.84 -3.51 -2.25
CA SER A 51 -6.07 -4.86 -1.78
C SER A 51 -7.29 -5.44 -2.49
N THR A 52 -8.44 -4.82 -2.26
CA THR A 52 -9.68 -5.27 -2.87
C THR A 52 -9.49 -5.44 -4.38
N ARG A 53 -8.68 -4.57 -4.95
CA ARG A 53 -8.42 -4.61 -6.38
C ARG A 53 -7.78 -5.95 -6.76
N TYR A 54 -6.95 -6.46 -5.86
CA TYR A 54 -6.28 -7.72 -6.08
C TYR A 54 -7.07 -8.88 -5.49
N LEU A 55 -7.87 -8.56 -4.48
CA LEU A 55 -8.69 -9.55 -3.81
C LEU A 55 -9.83 -9.97 -4.73
N TYR A 56 -10.01 -9.20 -5.79
CA TYR A 56 -11.06 -9.47 -6.76
C TYR A 56 -10.68 -8.93 -8.15
N GLY A 57 -10.03 -9.79 -8.92
CA GLY A 57 -9.61 -9.42 -10.26
C GLY A 57 -10.19 -10.38 -11.30
N GLU A 58 -9.33 -11.27 -11.77
CA GLU A 58 -9.73 -12.25 -12.77
C GLU A 58 -10.95 -13.03 -12.28
N GLY A 59 -12.02 -12.94 -13.05
CA GLY A 59 -13.25 -13.64 -12.71
C GLY A 59 -14.21 -12.72 -11.95
N ASP A 60 -14.88 -11.86 -12.70
CA ASP A 60 -15.82 -10.93 -12.12
C ASP A 60 -17.24 -11.28 -12.58
N LEU A 61 -18.21 -10.96 -11.73
CA LEU A 61 -19.60 -11.22 -12.04
C LEU A 61 -19.96 -10.58 -13.37
N ASN A 62 -20.65 -9.46 -13.30
CA ASN A 62 -21.06 -8.74 -14.48
C ASN A 62 -19.81 -8.28 -15.25
N PHE A 63 -19.89 -8.40 -16.57
CA PHE A 63 -18.78 -8.01 -17.42
C PHE A 63 -18.75 -6.49 -17.62
N SER A 64 -17.67 -5.89 -17.15
CA SER A 64 -17.50 -4.45 -17.27
C SER A 64 -16.30 -4.14 -18.16
N ASP A 65 -16.18 -2.86 -18.51
CA ASP A 65 -15.09 -2.41 -19.36
C ASP A 65 -14.99 -0.89 -19.29
N ASP A 66 -13.87 -0.38 -19.79
CA ASP A 66 -13.65 1.05 -19.80
C ASP A 66 -12.93 1.45 -21.09
N SER A 67 -13.61 2.28 -21.87
CA SER A 67 -13.06 2.75 -23.13
C SER A 67 -13.56 4.16 -23.44
N GLY A 68 -12.63 5.01 -23.85
CA GLY A 68 -12.97 6.38 -24.19
C GLY A 68 -11.85 7.05 -24.99
N ILE A 69 -10.91 7.63 -24.26
CA ILE A 69 -9.78 8.30 -24.87
C ILE A 69 -10.29 9.45 -25.74
N SER A 70 -10.26 10.64 -25.15
CA SER A 70 -10.72 11.83 -25.86
C SER A 70 -9.69 12.26 -26.90
N GLY A 71 -10.10 13.16 -27.78
CA GLY A 71 -9.22 13.65 -28.82
C GLY A 71 -9.04 15.17 -28.71
N PRO A 72 -7.91 15.66 -29.27
CA PRO A 72 -7.61 17.08 -29.24
C PRO A 72 -8.48 17.84 -30.24
N SER A 73 -8.83 19.06 -29.86
CA SER A 73 -9.65 19.91 -30.69
C SER A 73 -8.95 21.24 -30.96
N SER A 74 -8.81 21.57 -32.23
CA SER A 74 -8.17 22.80 -32.62
C SER A 74 -8.58 23.93 -31.68
N GLY A 75 -7.72 24.94 -31.60
CA GLY A 75 -7.98 26.08 -30.73
C GLY A 75 -6.80 26.35 -29.81
N GLY A 1 7.75 16.32 16.86
CA GLY A 1 8.92 16.64 16.08
C GLY A 1 9.22 15.52 15.07
N SER A 2 9.15 15.90 13.79
CA SER A 2 9.40 14.94 12.73
C SER A 2 10.03 15.66 11.52
N SER A 3 11.35 15.62 11.48
CA SER A 3 12.07 16.25 10.39
C SER A 3 13.52 15.74 10.35
N GLY A 4 13.94 15.35 9.15
CA GLY A 4 15.28 14.83 8.97
C GLY A 4 15.71 14.93 7.51
N SER A 5 15.12 14.06 6.69
CA SER A 5 15.42 14.04 5.27
C SER A 5 14.31 13.32 4.50
N SER A 6 14.10 12.06 4.86
CA SER A 6 13.07 11.27 4.22
C SER A 6 13.44 11.00 2.76
N GLY A 7 13.85 9.78 2.49
CA GLY A 7 14.23 9.40 1.15
C GLY A 7 14.36 7.87 1.02
N GLN A 8 14.14 7.39 -0.19
CA GLN A 8 14.22 5.96 -0.46
C GLN A 8 13.14 5.22 0.32
N ILE A 9 12.81 4.03 -0.18
CA ILE A 9 11.78 3.21 0.45
C ILE A 9 11.99 3.22 1.97
N ASP A 10 10.89 3.25 2.69
CA ASP A 10 10.93 3.26 4.14
C ASP A 10 10.35 1.95 4.68
N PHE A 11 11.26 1.04 5.05
CA PHE A 11 10.85 -0.24 5.57
C PHE A 11 9.96 -0.08 6.80
N GLN A 12 10.48 0.64 7.78
CA GLN A 12 9.75 0.89 9.00
C GLN A 12 8.29 1.25 8.69
N VAL A 13 8.13 2.03 7.64
CA VAL A 13 6.80 2.46 7.23
C VAL A 13 6.10 1.31 6.50
N LEU A 14 6.89 0.57 5.73
CA LEU A 14 6.36 -0.56 4.98
C LEU A 14 5.88 -1.63 5.96
N HIS A 15 6.79 -2.04 6.83
CA HIS A 15 6.46 -3.06 7.82
C HIS A 15 5.14 -2.71 8.50
N ASP A 16 5.06 -1.48 8.96
CA ASP A 16 3.85 -1.01 9.64
C ASP A 16 2.65 -1.23 8.72
N LEU A 17 2.93 -1.27 7.43
CA LEU A 17 1.88 -1.47 6.44
C LEU A 17 1.68 -2.97 6.22
N ARG A 18 2.80 -3.65 5.98
CA ARG A 18 2.76 -5.08 5.74
C ARG A 18 1.86 -5.77 6.77
N GLN A 19 2.07 -5.41 8.03
CA GLN A 19 1.31 -5.98 9.11
C GLN A 19 -0.19 -5.79 8.85
N LYS A 20 -0.53 -4.57 8.46
CA LYS A 20 -1.92 -4.24 8.18
C LYS A 20 -2.36 -4.93 6.89
N PHE A 21 -1.39 -5.12 6.00
CA PHE A 21 -1.67 -5.77 4.73
C PHE A 21 -0.76 -6.99 4.54
N PRO A 22 -1.09 -8.08 5.30
CA PRO A 22 -0.31 -9.30 5.21
C PRO A 22 -0.62 -10.06 3.92
N GLU A 23 -1.87 -9.96 3.50
CA GLU A 23 -2.32 -10.63 2.28
C GLU A 23 -2.05 -9.75 1.07
N VAL A 24 -0.87 -9.15 1.06
CA VAL A 24 -0.47 -8.29 -0.04
C VAL A 24 1.01 -8.50 -0.35
N PRO A 25 1.33 -8.44 -1.67
CA PRO A 25 2.71 -8.62 -2.12
C PRO A 25 3.56 -7.38 -1.82
N GLU A 26 4.44 -7.54 -0.84
CA GLU A 26 5.31 -6.44 -0.45
C GLU A 26 5.77 -5.66 -1.67
N VAL A 27 6.34 -6.39 -2.62
CA VAL A 27 6.83 -5.78 -3.85
C VAL A 27 5.83 -4.71 -4.31
N VAL A 28 4.56 -5.09 -4.27
CA VAL A 28 3.50 -4.18 -4.68
C VAL A 28 3.38 -3.04 -3.66
N VAL A 29 3.41 -3.43 -2.39
CA VAL A 29 3.31 -2.46 -1.32
C VAL A 29 4.31 -1.33 -1.55
N SER A 30 5.55 -1.73 -1.80
CA SER A 30 6.61 -0.77 -2.05
C SER A 30 6.17 0.24 -3.11
N ARG A 31 5.88 -0.29 -4.30
CA ARG A 31 5.45 0.54 -5.41
C ARG A 31 4.51 1.64 -4.91
N CYS A 32 3.54 1.24 -4.11
CA CYS A 32 2.57 2.18 -3.56
C CYS A 32 3.34 3.25 -2.80
N MET A 33 4.22 2.81 -1.92
CA MET A 33 5.02 3.71 -1.13
C MET A 33 5.83 4.66 -2.02
N LEU A 34 6.54 4.07 -2.96
CA LEU A 34 7.35 4.84 -3.89
C LEU A 34 6.48 5.90 -4.56
N GLN A 35 5.19 5.66 -4.53
CA GLN A 35 4.23 6.59 -5.13
C GLN A 35 3.69 7.54 -4.09
N ASN A 36 3.78 7.12 -2.83
CA ASN A 36 3.31 7.94 -1.73
C ASN A 36 4.50 8.50 -0.96
N ASN A 37 5.64 8.52 -1.63
CA ASN A 37 6.86 9.02 -1.02
C ASN A 37 7.05 8.37 0.34
N ASN A 38 6.75 7.08 0.40
CA ASN A 38 6.89 6.33 1.64
C ASN A 38 5.99 6.95 2.71
N ASN A 39 4.75 6.49 2.73
CA ASN A 39 3.78 6.99 3.68
C ASN A 39 3.02 5.81 4.30
N LEU A 40 2.42 6.06 5.45
CA LEU A 40 1.66 5.04 6.15
C LEU A 40 0.19 5.11 5.73
N ASP A 41 -0.48 6.13 6.27
CA ASP A 41 -1.88 6.34 5.96
C ASP A 41 -2.05 6.53 4.45
N ALA A 42 -1.38 7.55 3.94
CA ALA A 42 -1.44 7.85 2.52
C ALA A 42 -1.36 6.55 1.72
N CYS A 43 -0.69 5.57 2.31
CA CYS A 43 -0.53 4.27 1.67
C CYS A 43 -1.72 3.40 2.06
N CYS A 44 -1.90 3.24 3.36
CA CYS A 44 -2.98 2.43 3.87
C CYS A 44 -4.24 2.74 3.06
N ALA A 45 -4.61 4.01 3.05
CA ALA A 45 -5.78 4.44 2.32
C ALA A 45 -5.78 3.79 0.93
N VAL A 46 -4.69 4.00 0.21
CA VAL A 46 -4.55 3.43 -1.12
C VAL A 46 -4.64 1.91 -1.04
N LEU A 47 -3.72 1.34 -0.28
CA LEU A 47 -3.68 -0.10 -0.11
C LEU A 47 -5.10 -0.62 0.09
N SER A 48 -5.74 -0.12 1.13
CA SER A 48 -7.10 -0.52 1.44
C SER A 48 -7.91 -0.69 0.15
N GLN A 49 -7.57 0.13 -0.83
CA GLN A 49 -8.25 0.10 -2.11
C GLN A 49 -7.49 -0.81 -3.09
N GLU A 50 -6.20 -0.52 -3.22
CA GLU A 50 -5.34 -1.29 -4.11
C GLU A 50 -5.54 -2.78 -3.87
N SER A 51 -5.61 -3.14 -2.60
CA SER A 51 -5.80 -4.54 -2.22
C SER A 51 -6.92 -5.16 -3.05
N THR A 52 -8.12 -4.64 -2.85
CA THR A 52 -9.28 -5.13 -3.57
C THR A 52 -9.03 -5.10 -5.08
N ARG A 53 -8.09 -4.25 -5.46
CA ARG A 53 -7.74 -4.11 -6.87
C ARG A 53 -7.11 -5.40 -7.39
N TYR A 54 -6.41 -6.09 -6.50
CA TYR A 54 -5.75 -7.33 -6.86
C TYR A 54 -6.57 -8.54 -6.38
N LEU A 55 -7.44 -8.28 -5.41
CA LEU A 55 -8.29 -9.32 -4.87
C LEU A 55 -9.59 -9.40 -5.66
N TYR A 56 -10.67 -9.01 -5.01
CA TYR A 56 -11.98 -9.02 -5.64
C TYR A 56 -12.07 -7.95 -6.73
N GLY A 57 -11.18 -8.06 -7.71
CA GLY A 57 -11.15 -7.11 -8.81
C GLY A 57 -10.80 -7.81 -10.12
N GLU A 58 -11.76 -7.81 -11.03
CA GLU A 58 -11.56 -8.43 -12.33
C GLU A 58 -10.13 -8.17 -12.83
N GLY A 59 -9.45 -9.25 -13.16
CA GLY A 59 -8.08 -9.15 -13.66
C GLY A 59 -7.08 -9.06 -12.50
N ASP A 60 -6.28 -10.10 -12.37
CA ASP A 60 -5.28 -10.15 -11.31
C ASP A 60 -3.89 -10.25 -11.93
N LEU A 61 -3.83 -9.96 -13.23
CA LEU A 61 -2.57 -10.01 -13.95
C LEU A 61 -1.98 -11.41 -13.83
N ASN A 62 -2.16 -12.20 -14.89
CA ASN A 62 -1.65 -13.56 -14.91
C ASN A 62 -2.35 -14.37 -13.83
N PHE A 63 -2.17 -15.69 -13.90
CA PHE A 63 -2.77 -16.59 -12.95
C PHE A 63 -4.26 -16.28 -12.77
N SER A 64 -5.07 -16.95 -13.58
CA SER A 64 -6.50 -16.76 -13.52
C SER A 64 -7.19 -17.74 -14.48
N ASP A 65 -7.31 -18.98 -14.02
CA ASP A 65 -7.95 -20.01 -14.82
C ASP A 65 -7.92 -21.33 -14.05
N ASP A 66 -9.11 -21.79 -13.66
CA ASP A 66 -9.22 -23.03 -12.92
C ASP A 66 -8.86 -22.79 -11.45
N SER A 67 -7.61 -22.40 -11.24
CA SER A 67 -7.12 -22.14 -9.90
C SER A 67 -5.71 -21.56 -9.96
N GLY A 68 -5.38 -20.78 -8.93
CA GLY A 68 -4.07 -20.16 -8.86
C GLY A 68 -3.54 -20.17 -7.42
N ILE A 69 -3.01 -21.31 -7.02
CA ILE A 69 -2.46 -21.47 -5.68
C ILE A 69 -1.23 -20.57 -5.53
N SER A 70 -1.34 -19.63 -4.60
CA SER A 70 -0.24 -18.71 -4.35
C SER A 70 0.40 -19.02 -2.99
N GLY A 71 1.49 -18.32 -2.72
CA GLY A 71 2.20 -18.51 -1.47
C GLY A 71 2.49 -17.17 -0.80
N PRO A 72 1.43 -16.59 -0.17
CA PRO A 72 1.56 -15.32 0.51
C PRO A 72 2.30 -15.48 1.84
N SER A 73 3.61 -15.36 1.77
CA SER A 73 4.44 -15.48 2.96
C SER A 73 4.32 -16.89 3.53
N SER A 74 5.46 -17.50 3.80
CA SER A 74 5.50 -18.85 4.35
C SER A 74 6.85 -19.11 5.00
N GLY A 75 7.90 -18.96 4.21
CA GLY A 75 9.25 -19.18 4.68
C GLY A 75 10.02 -17.86 4.77
N GLY A 1 3.74 12.19 10.85
CA GLY A 1 4.41 13.37 11.37
C GLY A 1 4.07 14.60 10.53
N SER A 2 4.34 15.77 11.11
CA SER A 2 4.07 17.02 10.43
C SER A 2 5.04 17.21 9.27
N SER A 3 6.32 17.21 9.60
CA SER A 3 7.36 17.38 8.59
C SER A 3 7.85 16.01 8.12
N GLY A 4 7.87 15.84 6.81
CA GLY A 4 8.31 14.59 6.22
C GLY A 4 9.53 14.81 5.33
N SER A 5 10.60 14.09 5.65
CA SER A 5 11.84 14.21 4.90
C SER A 5 12.61 12.89 4.96
N SER A 6 12.50 12.11 3.88
CA SER A 6 13.18 10.83 3.80
C SER A 6 13.20 10.35 2.35
N GLY A 7 14.29 9.67 2.00
CA GLY A 7 14.45 9.15 0.67
C GLY A 7 14.52 7.62 0.68
N GLN A 8 14.34 7.05 -0.50
CA GLN A 8 14.37 5.60 -0.64
C GLN A 8 13.24 4.96 0.17
N ILE A 9 12.84 3.77 -0.28
CA ILE A 9 11.77 3.05 0.39
C ILE A 9 11.99 3.10 1.91
N ASP A 10 10.88 3.12 2.63
CA ASP A 10 10.94 3.17 4.08
C ASP A 10 10.38 1.86 4.66
N PHE A 11 11.29 0.97 5.02
CA PHE A 11 10.91 -0.31 5.58
C PHE A 11 10.08 -0.12 6.85
N GLN A 12 10.58 0.73 7.73
CA GLN A 12 9.89 1.00 8.98
C GLN A 12 8.43 1.35 8.72
N VAL A 13 8.21 2.08 7.63
CA VAL A 13 6.87 2.49 7.25
C VAL A 13 6.15 1.32 6.58
N LEU A 14 6.93 0.53 5.85
CA LEU A 14 6.38 -0.63 5.15
C LEU A 14 5.91 -1.65 6.18
N HIS A 15 6.83 -2.04 7.06
CA HIS A 15 6.52 -3.02 8.09
C HIS A 15 5.14 -2.71 8.69
N ASP A 16 5.01 -1.50 9.20
CA ASP A 16 3.75 -1.07 9.80
C ASP A 16 2.60 -1.45 8.87
N LEU A 17 2.84 -1.28 7.58
CA LEU A 17 1.83 -1.61 6.58
C LEU A 17 1.73 -3.12 6.42
N ARG A 18 2.90 -3.73 6.25
CA ARG A 18 2.95 -5.18 6.09
C ARG A 18 1.94 -5.86 7.01
N GLN A 19 1.91 -5.38 8.25
CA GLN A 19 1.00 -5.94 9.24
C GLN A 19 -0.45 -5.71 8.81
N LYS A 20 -0.72 -4.48 8.39
CA LYS A 20 -2.05 -4.13 7.95
C LYS A 20 -2.39 -4.88 6.67
N PHE A 21 -1.39 -4.98 5.80
CA PHE A 21 -1.56 -5.67 4.53
C PHE A 21 -0.48 -6.75 4.35
N PRO A 22 -0.62 -7.84 5.15
CA PRO A 22 0.32 -8.94 5.08
C PRO A 22 0.08 -9.79 3.84
N GLU A 23 -1.19 -9.96 3.51
CA GLU A 23 -1.57 -10.74 2.35
C GLU A 23 -1.09 -10.06 1.06
N VAL A 24 -1.11 -8.73 1.09
CA VAL A 24 -0.69 -7.96 -0.06
C VAL A 24 0.81 -8.19 -0.30
N PRO A 25 1.17 -8.23 -1.61
CA PRO A 25 2.56 -8.45 -1.98
C PRO A 25 3.39 -7.19 -1.75
N GLU A 26 4.30 -7.28 -0.79
CA GLU A 26 5.17 -6.17 -0.46
C GLU A 26 5.64 -5.47 -1.73
N VAL A 27 6.24 -6.25 -2.62
CA VAL A 27 6.72 -5.73 -3.88
C VAL A 27 5.73 -4.69 -4.42
N VAL A 28 4.47 -5.08 -4.40
CA VAL A 28 3.41 -4.21 -4.89
C VAL A 28 3.27 -3.01 -3.95
N VAL A 29 3.28 -3.30 -2.66
CA VAL A 29 3.16 -2.25 -1.66
C VAL A 29 4.19 -1.15 -1.94
N SER A 30 5.46 -1.57 -1.96
CA SER A 30 6.54 -0.64 -2.22
C SER A 30 6.13 0.36 -3.30
N ARG A 31 5.84 -0.19 -4.49
CA ARG A 31 5.44 0.64 -5.61
C ARG A 31 4.50 1.76 -5.13
N CYS A 32 3.60 1.40 -4.24
CA CYS A 32 2.64 2.34 -3.70
C CYS A 32 3.42 3.39 -2.90
N MET A 33 4.26 2.91 -2.00
CA MET A 33 5.05 3.78 -1.16
C MET A 33 5.90 4.73 -2.01
N LEU A 34 6.70 4.14 -2.89
CA LEU A 34 7.56 4.91 -3.76
C LEU A 34 6.72 5.96 -4.50
N GLN A 35 5.42 5.68 -4.57
CA GLN A 35 4.50 6.59 -5.24
C GLN A 35 3.97 7.64 -4.26
N ASN A 36 3.83 7.20 -3.01
CA ASN A 36 3.33 8.08 -1.97
C ASN A 36 4.51 8.65 -1.19
N ASN A 37 5.69 8.51 -1.76
CA ASN A 37 6.90 9.00 -1.12
C ASN A 37 7.03 8.37 0.26
N ASN A 38 6.73 7.07 0.33
CA ASN A 38 6.81 6.34 1.58
C ASN A 38 5.90 7.00 2.61
N ASN A 39 4.66 6.52 2.65
CA ASN A 39 3.67 7.06 3.58
C ASN A 39 3.01 5.90 4.33
N LEU A 40 2.43 6.23 5.47
CA LEU A 40 1.76 5.24 6.29
C LEU A 40 0.28 5.20 5.92
N ASP A 41 -0.44 6.22 6.38
CA ASP A 41 -1.86 6.32 6.10
C ASP A 41 -2.08 6.40 4.60
N ALA A 42 -1.44 7.39 3.99
CA ALA A 42 -1.56 7.59 2.55
C ALA A 42 -1.54 6.23 1.86
N CYS A 43 -0.58 5.40 2.24
CA CYS A 43 -0.45 4.08 1.66
C CYS A 43 -1.70 3.28 2.00
N CYS A 44 -1.97 3.19 3.30
CA CYS A 44 -3.13 2.45 3.78
C CYS A 44 -4.34 2.85 2.92
N ALA A 45 -4.51 4.15 2.76
CA ALA A 45 -5.61 4.68 1.98
C ALA A 45 -5.66 3.94 0.63
N VAL A 46 -4.48 3.67 0.10
CA VAL A 46 -4.37 2.98 -1.18
C VAL A 46 -4.45 1.47 -0.94
N LEU A 47 -3.47 0.95 -0.22
CA LEU A 47 -3.42 -0.47 0.08
C LEU A 47 -4.83 -0.96 0.41
N SER A 48 -5.63 -0.05 0.96
CA SER A 48 -7.00 -0.38 1.33
C SER A 48 -7.83 -0.64 0.07
N GLN A 49 -7.76 0.31 -0.86
CA GLN A 49 -8.50 0.20 -2.10
C GLN A 49 -7.80 -0.77 -3.04
N GLU A 50 -6.47 -0.74 -3.01
CA GLU A 50 -5.68 -1.61 -3.86
C GLU A 50 -6.03 -3.08 -3.59
N SER A 51 -5.92 -3.46 -2.33
CA SER A 51 -6.22 -4.82 -1.93
C SER A 51 -7.47 -5.32 -2.67
N THR A 52 -8.60 -4.72 -2.32
CA THR A 52 -9.86 -5.10 -2.93
C THR A 52 -9.70 -5.20 -4.46
N ARG A 53 -8.77 -4.42 -4.97
CA ARG A 53 -8.50 -4.42 -6.41
C ARG A 53 -7.86 -5.75 -6.83
N TYR A 54 -6.84 -6.13 -6.09
CA TYR A 54 -6.12 -7.37 -6.37
C TYR A 54 -6.84 -8.56 -5.75
N LEU A 55 -7.98 -8.28 -5.14
CA LEU A 55 -8.77 -9.32 -4.50
C LEU A 55 -9.98 -9.66 -5.38
N TYR A 56 -11.12 -9.13 -4.99
CA TYR A 56 -12.35 -9.37 -5.74
C TYR A 56 -12.23 -8.83 -7.17
N GLY A 57 -11.19 -8.03 -7.38
CA GLY A 57 -10.97 -7.45 -8.70
C GLY A 57 -9.96 -8.28 -9.49
N GLU A 58 -10.48 -9.30 -10.16
CA GLU A 58 -9.66 -10.17 -10.96
C GLU A 58 -8.57 -10.83 -10.10
N GLY A 59 -8.97 -11.89 -9.41
CA GLY A 59 -8.05 -12.61 -8.55
C GLY A 59 -8.69 -13.89 -8.01
N ASP A 60 -8.49 -14.11 -6.73
CA ASP A 60 -9.04 -15.29 -6.07
C ASP A 60 -10.44 -14.97 -5.54
N LEU A 61 -11.06 -15.98 -4.97
CA LEU A 61 -12.40 -15.82 -4.42
C LEU A 61 -12.31 -15.62 -2.91
N ASN A 62 -12.51 -16.70 -2.17
CA ASN A 62 -12.46 -16.64 -0.73
C ASN A 62 -13.52 -15.66 -0.22
N PHE A 63 -14.53 -16.22 0.43
CA PHE A 63 -15.61 -15.40 0.98
C PHE A 63 -15.41 -15.15 2.48
N SER A 64 -16.23 -14.26 3.01
CA SER A 64 -16.15 -13.92 4.42
C SER A 64 -14.69 -13.76 4.83
N ASP A 65 -14.21 -12.52 4.71
CA ASP A 65 -12.84 -12.22 5.07
C ASP A 65 -12.53 -10.76 4.69
N ASP A 66 -12.60 -9.91 5.70
CA ASP A 66 -12.33 -8.49 5.49
C ASP A 66 -12.44 -7.75 6.83
N SER A 67 -11.77 -6.61 6.89
CA SER A 67 -11.77 -5.81 8.10
C SER A 67 -12.72 -4.63 7.93
N GLY A 68 -12.45 -3.82 6.92
CA GLY A 68 -13.26 -2.65 6.64
C GLY A 68 -12.85 -1.47 7.52
N ILE A 69 -12.21 -0.50 6.89
CA ILE A 69 -11.75 0.69 7.60
C ILE A 69 -12.43 1.92 7.00
N SER A 70 -12.41 2.99 7.77
CA SER A 70 -13.01 4.23 7.33
C SER A 70 -11.93 5.29 7.09
N GLY A 71 -12.32 6.36 6.41
CA GLY A 71 -11.40 7.44 6.13
C GLY A 71 -12.08 8.54 5.31
N PRO A 72 -12.57 9.58 6.04
CA PRO A 72 -13.25 10.69 5.41
C PRO A 72 -12.24 11.62 4.71
N SER A 73 -12.77 12.67 4.12
CA SER A 73 -11.94 13.64 3.41
C SER A 73 -12.46 15.05 3.64
N SER A 74 -11.53 15.98 3.77
CA SER A 74 -11.88 17.37 4.01
C SER A 74 -11.23 18.26 2.95
N GLY A 75 -11.74 19.47 2.84
CA GLY A 75 -11.21 20.43 1.88
C GLY A 75 -12.23 20.70 0.77
N GLY A 1 14.11 25.36 -2.46
CA GLY A 1 13.87 25.20 -3.88
C GLY A 1 13.43 23.76 -4.21
N SER A 2 12.85 23.60 -5.39
CA SER A 2 12.38 22.29 -5.82
C SER A 2 13.25 21.79 -6.98
N SER A 3 14.18 20.91 -6.64
CA SER A 3 15.07 20.35 -7.64
C SER A 3 15.68 19.04 -7.12
N GLY A 4 15.09 17.94 -7.59
CA GLY A 4 15.55 16.62 -7.19
C GLY A 4 15.10 16.29 -5.76
N SER A 5 14.82 15.02 -5.55
CA SER A 5 14.39 14.56 -4.24
C SER A 5 14.51 13.04 -4.15
N SER A 6 15.66 12.59 -3.69
CA SER A 6 15.92 11.17 -3.55
C SER A 6 15.20 10.63 -2.31
N GLY A 7 14.40 9.60 -2.52
CA GLY A 7 13.65 8.99 -1.45
C GLY A 7 13.80 7.46 -1.47
N GLN A 8 14.48 6.95 -0.44
CA GLN A 8 14.70 5.52 -0.34
C GLN A 8 13.53 4.86 0.41
N ILE A 9 13.18 3.66 -0.05
CA ILE A 9 12.09 2.91 0.56
C ILE A 9 12.21 3.00 2.08
N ASP A 10 11.06 3.06 2.73
CA ASP A 10 11.02 3.14 4.18
C ASP A 10 10.45 1.84 4.75
N PHE A 11 11.35 0.98 5.22
CA PHE A 11 10.95 -0.29 5.79
C PHE A 11 10.04 -0.09 6.99
N GLN A 12 10.54 0.66 7.96
CA GLN A 12 9.78 0.93 9.18
C GLN A 12 8.33 1.29 8.82
N VAL A 13 8.20 2.06 7.75
CA VAL A 13 6.89 2.48 7.29
C VAL A 13 6.19 1.30 6.60
N LEU A 14 6.99 0.53 5.88
CA LEU A 14 6.46 -0.62 5.16
C LEU A 14 5.94 -1.65 6.16
N HIS A 15 6.81 -2.03 7.08
CA HIS A 15 6.45 -3.00 8.10
C HIS A 15 5.10 -2.63 8.70
N ASP A 16 5.01 -1.39 9.17
CA ASP A 16 3.77 -0.90 9.77
C ASP A 16 2.61 -1.19 8.83
N LEU A 17 2.92 -1.24 7.54
CA LEU A 17 1.90 -1.50 6.53
C LEU A 17 1.78 -3.01 6.33
N ARG A 18 2.92 -3.68 6.44
CA ARG A 18 2.95 -5.12 6.26
C ARG A 18 2.01 -5.80 7.25
N GLN A 19 1.97 -5.27 8.46
CA GLN A 19 1.12 -5.80 9.50
C GLN A 19 -0.35 -5.64 9.12
N LYS A 20 -0.64 -4.50 8.51
CA LYS A 20 -2.01 -4.21 8.08
C LYS A 20 -2.31 -5.00 6.79
N PHE A 21 -1.31 -5.06 5.93
CA PHE A 21 -1.45 -5.76 4.67
C PHE A 21 -0.33 -6.78 4.48
N PRO A 22 -0.38 -7.86 5.31
CA PRO A 22 0.63 -8.91 5.23
C PRO A 22 0.41 -9.80 4.00
N GLU A 23 -0.85 -10.05 3.71
CA GLU A 23 -1.21 -10.88 2.58
C GLU A 23 -0.80 -10.20 1.27
N VAL A 24 -0.93 -8.89 1.26
CA VAL A 24 -0.58 -8.10 0.09
C VAL A 24 0.91 -8.28 -0.21
N PRO A 25 1.24 -8.33 -1.53
CA PRO A 25 2.61 -8.50 -1.95
C PRO A 25 3.40 -7.20 -1.77
N GLU A 26 4.34 -7.24 -0.83
CA GLU A 26 5.16 -6.09 -0.55
C GLU A 26 5.58 -5.39 -1.85
N VAL A 27 5.98 -6.21 -2.82
CA VAL A 27 6.40 -5.69 -4.11
C VAL A 27 5.41 -4.62 -4.58
N VAL A 28 4.13 -4.91 -4.36
CA VAL A 28 3.08 -3.99 -4.74
C VAL A 28 3.07 -2.79 -3.78
N VAL A 29 3.17 -3.10 -2.49
CA VAL A 29 3.18 -2.07 -1.48
C VAL A 29 4.24 -1.02 -1.82
N SER A 30 5.48 -1.50 -1.96
CA SER A 30 6.59 -0.63 -2.29
C SER A 30 6.16 0.38 -3.35
N ARG A 31 5.84 -0.14 -4.52
CA ARG A 31 5.40 0.71 -5.62
C ARG A 31 4.48 1.81 -5.12
N CYS A 32 3.60 1.44 -4.20
CA CYS A 32 2.67 2.38 -3.63
C CYS A 32 3.46 3.42 -2.83
N MET A 33 4.32 2.91 -1.96
CA MET A 33 5.14 3.78 -1.12
C MET A 33 5.97 4.74 -1.99
N LEU A 34 6.77 4.16 -2.88
CA LEU A 34 7.60 4.96 -3.76
C LEU A 34 6.74 6.00 -4.46
N GLN A 35 5.46 5.70 -4.56
CA GLN A 35 4.52 6.61 -5.21
C GLN A 35 4.03 7.67 -4.22
N ASN A 36 3.81 7.23 -2.99
CA ASN A 36 3.35 8.13 -1.95
C ASN A 36 4.55 8.62 -1.13
N ASN A 37 5.71 8.56 -1.75
CA ASN A 37 6.93 8.98 -1.09
C ASN A 37 7.00 8.36 0.30
N ASN A 38 6.98 7.04 0.32
CA ASN A 38 7.03 6.31 1.58
C ASN A 38 6.06 6.94 2.58
N ASN A 39 4.84 6.44 2.56
CA ASN A 39 3.80 6.94 3.45
C ASN A 39 3.12 5.77 4.16
N LEU A 40 2.54 6.07 5.30
CA LEU A 40 1.85 5.06 6.08
C LEU A 40 0.37 5.04 5.69
N ASP A 41 -0.34 6.04 6.17
CA ASP A 41 -1.77 6.16 5.90
C ASP A 41 -1.97 6.28 4.38
N ALA A 42 -1.34 7.30 3.81
CA ALA A 42 -1.44 7.53 2.37
C ALA A 42 -1.39 6.19 1.64
N CYS A 43 -0.50 5.32 2.11
CA CYS A 43 -0.36 4.00 1.51
C CYS A 43 -1.57 3.16 1.89
N CYS A 44 -1.74 2.97 3.18
CA CYS A 44 -2.86 2.19 3.69
C CYS A 44 -4.11 2.57 2.90
N ALA A 45 -4.42 3.86 2.95
CA ALA A 45 -5.59 4.37 2.25
C ALA A 45 -5.69 3.70 0.87
N VAL A 46 -4.55 3.57 0.23
CA VAL A 46 -4.49 2.95 -1.09
C VAL A 46 -4.54 1.43 -0.93
N LEU A 47 -3.59 0.91 -0.17
CA LEU A 47 -3.52 -0.52 0.07
C LEU A 47 -4.93 -1.06 0.33
N SER A 48 -5.77 -0.19 0.86
CA SER A 48 -7.14 -0.57 1.17
C SER A 48 -7.95 -0.68 -0.13
N GLN A 49 -7.83 0.34 -0.96
CA GLN A 49 -8.54 0.36 -2.23
C GLN A 49 -7.89 -0.61 -3.21
N GLU A 50 -6.56 -0.61 -3.22
CA GLU A 50 -5.80 -1.48 -4.10
C GLU A 50 -6.15 -2.95 -3.82
N SER A 51 -6.07 -3.31 -2.54
CA SER A 51 -6.37 -4.67 -2.14
C SER A 51 -7.57 -5.20 -2.91
N THR A 52 -8.67 -4.47 -2.81
CA THR A 52 -9.90 -4.85 -3.49
C THR A 52 -9.64 -4.99 -4.99
N ARG A 53 -8.83 -4.08 -5.51
CA ARG A 53 -8.50 -4.10 -6.92
C ARG A 53 -7.87 -5.44 -7.31
N TYR A 54 -7.14 -6.01 -6.37
CA TYR A 54 -6.49 -7.28 -6.60
C TYR A 54 -7.39 -8.45 -6.17
N LEU A 55 -8.28 -8.15 -5.24
CA LEU A 55 -9.21 -9.16 -4.75
C LEU A 55 -10.40 -9.27 -5.69
N TYR A 56 -11.53 -8.76 -5.24
CA TYR A 56 -12.74 -8.79 -6.04
C TYR A 56 -12.48 -8.30 -7.46
N GLY A 57 -11.41 -7.52 -7.60
CA GLY A 57 -11.04 -6.99 -8.89
C GLY A 57 -11.63 -5.59 -9.10
N GLU A 58 -12.90 -5.57 -9.48
CA GLU A 58 -13.59 -4.32 -9.71
C GLU A 58 -12.95 -3.57 -10.88
N GLY A 59 -13.20 -4.08 -12.08
CA GLY A 59 -12.65 -3.46 -13.28
C GLY A 59 -11.58 -4.35 -13.91
N ASP A 60 -12.03 -5.40 -14.58
CA ASP A 60 -11.13 -6.33 -15.22
C ASP A 60 -10.20 -5.55 -16.16
N LEU A 61 -8.94 -5.47 -15.76
CA LEU A 61 -7.95 -4.77 -16.55
C LEU A 61 -6.70 -5.64 -16.70
N ASN A 62 -5.67 -5.28 -15.96
CA ASN A 62 -4.42 -6.02 -16.01
C ASN A 62 -3.70 -5.74 -17.34
N PHE A 63 -2.41 -5.98 -17.33
CA PHE A 63 -1.60 -5.76 -18.53
C PHE A 63 -0.30 -6.58 -18.48
N SER A 64 0.05 -7.14 -19.63
CA SER A 64 1.25 -7.94 -19.72
C SER A 64 2.48 -7.06 -19.48
N ASP A 65 3.49 -7.68 -18.85
CA ASP A 65 4.72 -6.97 -18.56
C ASP A 65 5.88 -7.97 -18.56
N ASP A 66 7.05 -7.45 -18.93
CA ASP A 66 8.24 -8.27 -18.98
C ASP A 66 9.40 -7.54 -18.29
N SER A 67 10.46 -8.29 -18.03
CA SER A 67 11.64 -7.72 -17.38
C SER A 67 11.27 -7.24 -15.98
N GLY A 68 12.19 -7.44 -15.05
CA GLY A 68 11.99 -7.03 -13.68
C GLY A 68 13.31 -6.97 -12.92
N ILE A 69 13.19 -6.79 -11.60
CA ILE A 69 14.37 -6.72 -10.75
C ILE A 69 14.14 -7.56 -9.51
N SER A 70 15.16 -8.34 -9.15
CA SER A 70 15.09 -9.21 -8.00
C SER A 70 16.19 -8.84 -7.00
N GLY A 71 15.76 -8.36 -5.84
CA GLY A 71 16.71 -7.96 -4.80
C GLY A 71 17.65 -9.11 -4.47
N PRO A 72 18.83 -8.74 -3.89
CA PRO A 72 19.83 -9.72 -3.51
C PRO A 72 19.41 -10.47 -2.25
N SER A 73 20.30 -11.35 -1.81
CA SER A 73 20.04 -12.14 -0.61
C SER A 73 21.32 -12.81 -0.14
N SER A 74 21.48 -12.85 1.18
CA SER A 74 22.66 -13.46 1.77
C SER A 74 22.39 -14.94 2.06
N GLY A 75 23.17 -15.79 1.41
CA GLY A 75 23.03 -17.23 1.59
C GLY A 75 24.00 -17.99 0.69
#